data_8CQE
#
_entry.id   8CQE
#
_cell.length_a   92.971
_cell.length_b   92.971
_cell.length_c   362.047
_cell.angle_alpha   90.00
_cell.angle_beta   90.00
_cell.angle_gamma   90.00
#
_symmetry.space_group_name_H-M   'P 41 21 2'
#
loop_
_entity.id
_entity.type
_entity.pdbx_description
1 polymer Elongin-B
2 polymer Elongin-C
3 polymer 'von Hippel-Lindau disease tumor suppressor'
4 non-polymer (2~{S},4~{R})-1-[(2~{S})-2-[(1-fluoranylcyclopropyl)carbonylamino]-3,3-dimethyl-butanoyl]-~{N}-[(1~{S})-7-fluoranyl-6-(4-methyl-1,3-thiazol-5-yl)-1,2,3,4-tetrahydronaphthalen-1-yl]-4-oxidanyl-pyrrolidine-2-carboxamide
5 water water
#
loop_
_entity_poly.entity_id
_entity_poly.type
_entity_poly.pdbx_seq_one_letter_code
_entity_poly.pdbx_strand_id
1 'polypeptide(L)'
;MDVFLMIRRHKTTIFTDAKESSTVFELKRIVEGILKRPPDEQRLYKDDQLLDDGKTLGE(CAS)GFTSQTARPQAPATVG
LAFRADDTFEAL(CAS)IEPFSSPPELPDVMK
;
A,D,G,J
2 'polypeptide(L)'
;MMYVKLISSDGHEFIVKREHALTSGTIKAMLSGPGQFAENETNEVNFREIPSHVLSKVCMYFTYKVRYTNSSTEIPEFPI
APEIALELLMAANFLDC
;
B,E,H,K
3 'polypeptide(L)'
;GSMEAGRPRPVLRSVNSREPSQVIF(CAS)NRSPRVVLPVWLNFDGEPQPYPTLPPGTGRRIHSYRGHLWLFRDAGTHDG
LLVNQTELFVPSLNVDGQPIFANITLPVYTLKERCLQVVRSLVKPENYRRLDIVRSLYEDLEDHPNVQKDLERLTQERIA
HQRMGD
;
C,F,I,L
#
# COMPACT_ATOMS: atom_id res chain seq x y z
N MET A 1 17.50 42.15 11.86
CA MET A 1 16.42 41.19 11.86
C MET A 1 16.53 40.25 10.66
N ASP A 2 16.82 38.98 10.93
CA ASP A 2 16.94 37.98 9.89
C ASP A 2 15.58 37.46 9.44
N VAL A 3 15.45 37.23 8.14
CA VAL A 3 14.29 36.59 7.54
C VAL A 3 14.77 35.36 6.79
N PHE A 4 13.95 34.31 6.79
CA PHE A 4 14.31 33.02 6.22
C PHE A 4 13.34 32.68 5.09
N LEU A 5 13.88 32.27 3.95
CA LEU A 5 13.16 32.29 2.68
C LEU A 5 13.44 31.03 1.88
N MET A 6 12.44 30.63 1.09
CA MET A 6 12.57 29.62 0.04
C MET A 6 12.40 30.31 -1.30
N ILE A 7 13.46 30.36 -2.09
CA ILE A 7 13.40 30.83 -3.46
C ILE A 7 13.10 29.62 -4.34
N ARG A 8 11.91 29.59 -4.95
CA ARG A 8 11.42 28.39 -5.62
C ARG A 8 11.18 28.65 -7.09
N ARG A 9 11.77 27.78 -7.94
CA ARG A 9 11.54 27.80 -9.37
C ARG A 9 11.42 26.36 -9.86
N HIS A 10 10.26 26.00 -10.39
CA HIS A 10 9.97 24.64 -10.84
C HIS A 10 10.19 23.70 -9.65
N LYS A 11 11.03 22.68 -9.76
CA LYS A 11 11.34 21.76 -8.67
C LYS A 11 12.59 22.15 -7.91
N THR A 12 13.13 23.34 -8.17
CA THR A 12 14.28 23.85 -7.47
C THR A 12 13.80 24.68 -6.30
N THR A 13 14.39 24.44 -5.13
CA THR A 13 14.01 25.16 -3.92
C THR A 13 15.29 25.53 -3.18
N ILE A 14 15.52 26.82 -3.01
CA ILE A 14 16.72 27.32 -2.34
C ILE A 14 16.32 27.83 -0.96
N PHE A 15 16.93 27.27 0.08
CA PHE A 15 16.73 27.76 1.44
C PHE A 15 17.82 28.76 1.75
N THR A 16 17.45 29.97 2.14
CA THR A 16 18.47 30.97 2.44
C THR A 16 17.88 32.03 3.37
N ASP A 17 18.77 32.75 4.04
CA ASP A 17 18.37 33.82 4.92
C ASP A 17 18.97 35.14 4.46
N ALA A 18 18.35 36.23 4.90
CA ALA A 18 18.82 37.56 4.58
C ALA A 18 18.36 38.52 5.67
N LYS A 19 18.71 39.79 5.53
CA LYS A 19 18.23 40.79 6.47
C LYS A 19 16.95 41.43 5.96
N GLU A 20 16.10 41.85 6.89
CA GLU A 20 14.87 42.55 6.54
C GLU A 20 15.14 43.86 5.80
N SER A 21 16.32 44.44 5.98
CA SER A 21 16.74 45.65 5.30
C SER A 21 17.42 45.38 3.96
N SER A 22 17.72 44.12 3.65
CA SER A 22 18.34 43.77 2.38
C SER A 22 17.36 43.96 1.23
N THR A 23 17.90 44.27 0.06
CA THR A 23 17.08 44.56 -1.11
C THR A 23 16.84 43.29 -1.91
N VAL A 24 15.86 43.36 -2.82
CA VAL A 24 15.57 42.25 -3.71
C VAL A 24 16.79 41.95 -4.58
N PHE A 25 17.56 42.99 -4.93
CA PHE A 25 18.73 42.82 -5.79
C PHE A 25 19.81 41.99 -5.10
N GLU A 26 20.00 42.16 -3.79
CA GLU A 26 20.99 41.34 -3.08
C GLU A 26 20.55 39.87 -3.05
N LEU A 27 19.25 39.66 -2.92
CA LEU A 27 18.71 38.30 -2.99
C LEU A 27 18.97 37.71 -4.37
N LYS A 28 18.84 38.53 -5.40
CA LYS A 28 19.14 38.07 -6.75
C LYS A 28 20.62 37.79 -6.93
N ARG A 29 21.46 38.54 -6.25
CA ARG A 29 22.90 38.25 -6.32
C ARG A 29 23.20 36.90 -5.69
N ILE A 30 22.52 36.58 -4.59
CA ILE A 30 22.67 35.25 -3.99
C ILE A 30 22.20 34.17 -4.96
N VAL A 31 21.04 34.40 -5.60
CA VAL A 31 20.53 33.45 -6.58
C VAL A 31 21.49 33.30 -7.75
N GLU A 32 22.16 34.39 -8.15
CA GLU A 32 23.17 34.32 -9.19
C GLU A 32 24.36 33.47 -8.75
N GLY A 33 24.82 33.68 -7.52
CA GLY A 33 25.93 32.89 -7.01
C GLY A 33 25.60 31.41 -6.94
N ILE A 34 24.33 31.08 -6.75
CA ILE A 34 23.95 29.67 -6.65
C ILE A 34 23.68 29.05 -8.02
N LEU A 35 22.75 29.64 -8.79
CA LEU A 35 22.30 29.07 -10.06
C LEU A 35 23.00 29.65 -11.29
N LYS A 36 23.95 30.58 -11.10
CA LYS A 36 24.82 31.06 -12.18
C LYS A 36 24.03 31.74 -13.30
N ARG A 37 23.07 32.59 -12.94
CA ARG A 37 22.32 33.35 -13.94
C ARG A 37 22.15 34.78 -13.43
N PRO A 38 22.45 35.78 -14.26
CA PRO A 38 22.51 37.19 -13.78
C PRO A 38 21.16 37.71 -13.34
N PRO A 39 21.15 38.76 -12.50
CA PRO A 39 19.87 39.30 -12.01
C PRO A 39 18.97 39.83 -13.11
N ASP A 40 19.53 40.38 -14.18
CA ASP A 40 18.72 40.87 -15.30
C ASP A 40 17.99 39.75 -16.02
N GLU A 41 18.37 38.51 -15.75
CA GLU A 41 17.67 37.39 -16.34
C GLU A 41 16.79 36.74 -15.28
N GLN A 42 16.70 37.36 -14.12
CA GLN A 42 15.88 36.84 -13.04
C GLN A 42 14.72 37.74 -12.71
N ARG A 43 13.63 37.17 -12.25
CA ARG A 43 12.50 37.98 -11.82
C ARG A 43 11.97 37.38 -10.54
N LEU A 44 11.80 38.19 -9.51
CA LEU A 44 11.38 37.67 -8.21
C LEU A 44 9.96 38.02 -7.83
N TYR A 45 9.29 37.11 -7.14
CA TYR A 45 7.88 37.33 -6.83
C TYR A 45 7.36 36.96 -5.47
N LYS A 46 6.49 37.78 -4.93
CA LYS A 46 5.80 37.47 -3.69
C LYS A 46 4.36 37.22 -4.10
N ASP A 47 3.94 35.95 -4.02
CA ASP A 47 2.63 35.56 -4.56
C ASP A 47 2.65 35.82 -6.06
N ASP A 48 1.73 36.61 -6.60
CA ASP A 48 1.68 36.96 -8.02
C ASP A 48 2.07 38.42 -8.23
N GLN A 49 3.06 38.93 -7.49
CA GLN A 49 3.42 40.33 -7.54
C GLN A 49 4.90 40.47 -7.86
N LEU A 50 5.21 41.30 -8.83
CA LEU A 50 6.58 41.49 -9.22
C LEU A 50 7.27 42.38 -8.23
N LEU A 51 8.49 42.04 -7.91
CA LEU A 51 9.27 42.76 -6.91
C LEU A 51 10.36 43.59 -7.56
N ASP A 52 10.37 44.88 -7.23
CA ASP A 52 11.33 45.82 -7.77
C ASP A 52 12.65 45.66 -7.03
N ASP A 53 13.77 45.78 -7.75
CA ASP A 53 15.04 45.43 -7.14
C ASP A 53 15.42 46.38 -6.00
N GLY A 54 14.91 47.62 -6.03
CA GLY A 54 15.30 48.61 -5.04
C GLY A 54 14.61 48.48 -3.70
N LYS A 55 13.45 47.82 -3.65
CA LYS A 55 12.69 47.71 -2.42
C LYS A 55 13.34 46.71 -1.46
N THR A 56 13.27 47.01 -0.17
CA THR A 56 13.78 46.06 0.81
C THR A 56 12.74 44.96 1.06
N LEU A 57 13.23 43.83 1.59
CA LEU A 57 12.36 42.68 1.83
C LEU A 57 11.27 43.01 2.84
N GLY A 58 11.58 43.85 3.83
CA GLY A 58 10.55 44.25 4.79
C GLY A 58 9.41 45.02 4.15
N GLU A 59 9.72 45.91 3.21
CA GLU A 59 8.69 46.68 2.50
C GLU A 59 7.80 45.76 1.69
N GLY A 61 6.89 42.93 2.51
CA GLY A 61 6.19 42.00 3.39
C GLY A 61 6.94 40.86 4.04
N PHE A 62 8.24 40.72 3.75
CA PHE A 62 9.04 39.63 4.33
C PHE A 62 9.62 40.10 5.66
N THR A 63 8.90 39.81 6.74
CA THR A 63 9.32 40.18 8.09
C THR A 63 9.84 38.96 8.84
N SER A 64 10.61 39.23 9.90
CA SER A 64 11.26 38.16 10.64
C SER A 64 10.27 37.18 11.25
N GLN A 65 9.04 37.64 11.51
CA GLN A 65 8.03 36.81 12.16
C GLN A 65 7.01 36.20 11.21
N THR A 66 7.15 36.43 9.90
CA THR A 66 6.42 35.64 8.91
C THR A 66 7.36 34.73 8.12
N ALA A 67 8.63 35.12 7.98
CA ALA A 67 9.66 34.29 7.38
C ALA A 67 10.53 33.72 8.50
N ARG A 68 10.03 32.65 9.13
CA ARG A 68 10.67 32.04 10.28
C ARG A 68 11.62 30.91 9.87
N PRO A 69 12.61 30.60 10.70
CA PRO A 69 13.49 29.46 10.35
C PRO A 69 12.73 28.15 10.30
N GLN A 70 11.80 27.95 11.22
CA GLN A 70 10.96 26.76 11.26
C GLN A 70 9.75 26.84 10.33
N ALA A 71 9.56 27.97 9.65
CA ALA A 71 8.46 28.16 8.69
C ALA A 71 8.83 29.28 7.72
N PRO A 72 9.70 29.02 6.75
CA PRO A 72 10.19 30.09 5.88
C PRO A 72 9.14 30.56 4.88
N ALA A 73 9.31 31.80 4.44
CA ALA A 73 8.43 32.37 3.43
C ALA A 73 8.86 31.97 2.03
N THR A 74 7.88 31.88 1.13
CA THR A 74 8.12 31.46 -0.25
C THR A 74 8.31 32.67 -1.14
N VAL A 75 9.37 32.67 -1.94
CA VAL A 75 9.65 33.71 -2.92
C VAL A 75 9.77 33.02 -4.27
N GLY A 76 8.90 33.38 -5.21
CA GLY A 76 8.95 32.79 -6.53
C GLY A 76 10.01 33.33 -7.46
N LEU A 77 10.57 32.46 -8.28
CA LEU A 77 11.60 32.88 -9.22
C LEU A 77 11.22 32.56 -10.63
N ALA A 78 11.51 33.49 -11.54
CA ALA A 78 11.25 33.26 -12.96
C ALA A 78 12.46 33.67 -13.74
N PHE A 79 12.86 32.85 -14.69
CA PHE A 79 14.06 33.13 -15.46
C PHE A 79 13.70 33.52 -16.88
N ARG A 80 14.58 34.31 -17.50
CA ARG A 80 14.44 34.66 -18.90
C ARG A 80 15.10 33.54 -19.69
N ALA A 81 14.30 32.74 -20.39
CA ALA A 81 14.85 31.62 -21.13
C ALA A 81 15.43 32.06 -22.48
N ASP A 82 14.79 33.02 -23.14
CA ASP A 82 15.28 33.53 -24.42
C ASP A 82 15.14 35.04 -24.45
N ASP A 83 14.30 35.55 -25.36
CA ASP A 83 14.02 36.97 -25.39
C ASP A 83 12.97 37.31 -24.35
N THR A 84 12.05 36.38 -24.12
CA THR A 84 10.92 36.53 -23.23
C THR A 84 11.17 35.84 -21.89
N PHE A 85 10.57 36.36 -20.83
CA PHE A 85 10.71 35.73 -19.53
C PHE A 85 9.73 34.60 -19.45
N GLU A 86 10.08 33.56 -18.70
CA GLU A 86 9.18 32.44 -18.55
C GLU A 86 8.10 32.78 -17.55
N ALA A 87 7.03 32.01 -17.55
CA ALA A 87 5.97 32.22 -16.58
C ALA A 87 6.40 31.67 -15.22
N LEU A 88 5.83 32.24 -14.16
CA LEU A 88 6.12 31.78 -12.81
C LEU A 88 5.50 30.40 -12.61
N ILE A 90 5.92 27.06 -10.01
CA ILE A 90 6.49 26.39 -8.85
C ILE A 90 5.80 25.04 -8.67
N GLU A 91 6.53 23.97 -8.93
CA GLU A 91 5.94 22.64 -8.80
C GLU A 91 5.67 22.34 -7.33
N PRO A 92 4.47 21.89 -6.98
CA PRO A 92 4.16 21.64 -5.57
C PRO A 92 4.85 20.39 -5.06
N PHE A 93 5.09 20.36 -3.76
CA PHE A 93 5.66 19.18 -3.13
C PHE A 93 4.67 18.02 -3.20
N SER A 94 5.18 16.82 -2.94
CA SER A 94 4.33 15.63 -3.00
C SER A 94 3.21 15.72 -1.98
N SER A 95 2.12 15.02 -2.26
CA SER A 95 1.09 15.11 -1.25
C SER A 95 1.23 13.97 -0.26
N PRO A 96 1.04 14.24 1.03
CA PRO A 96 1.13 13.17 2.04
C PRO A 96 0.01 12.16 1.84
N PRO A 97 0.19 10.93 2.31
CA PRO A 97 -0.88 9.95 2.17
C PRO A 97 -2.02 10.24 3.13
N GLU A 98 -3.09 9.46 3.00
CA GLU A 98 -4.21 9.60 3.90
C GLU A 98 -3.78 9.23 5.33
N LEU A 99 -4.35 9.94 6.29
CA LEU A 99 -3.97 9.72 7.68
C LEU A 99 -4.40 8.32 8.11
N PRO A 100 -3.49 7.51 8.66
CA PRO A 100 -3.88 6.16 9.09
C PRO A 100 -4.95 6.20 10.16
N ASP A 101 -5.74 5.12 10.21
CA ASP A 101 -6.87 5.05 11.13
C ASP A 101 -6.44 5.18 12.58
N VAL A 102 -5.27 4.64 12.92
CA VAL A 102 -4.83 4.69 14.32
C VAL A 102 -4.54 6.14 14.74
N MET A 103 -4.12 7.00 13.80
CA MET A 103 -3.91 8.40 14.10
C MET A 103 -5.17 9.24 13.94
N LYS A 104 -6.14 8.76 13.17
CA LYS A 104 -7.37 9.50 12.92
C LYS A 104 -8.30 9.45 14.12
N MET B 1 28.39 32.11 -0.01
CA MET B 1 28.59 30.93 0.84
C MET B 1 28.61 29.65 0.01
N MET B 2 28.75 28.52 0.72
CA MET B 2 28.87 27.21 0.09
C MET B 2 27.52 26.51 0.19
N TYR B 3 26.99 26.07 -0.95
CA TYR B 3 25.71 25.40 -1.00
C TYR B 3 25.85 23.98 -1.53
N VAL B 4 24.96 23.10 -1.07
CA VAL B 4 24.85 21.72 -1.52
C VAL B 4 23.41 21.45 -1.91
N LYS B 5 23.21 20.38 -2.67
CA LYS B 5 21.91 20.02 -3.22
C LYS B 5 21.46 18.67 -2.68
N LEU B 6 20.22 18.60 -2.24
CA LEU B 6 19.60 17.37 -1.74
C LEU B 6 18.37 17.09 -2.60
N ILE B 7 18.38 15.95 -3.28
CA ILE B 7 17.28 15.59 -4.19
C ILE B 7 16.40 14.55 -3.52
N SER B 8 15.09 14.81 -3.51
CA SER B 8 14.13 13.88 -2.95
C SER B 8 13.88 12.72 -3.92
N SER B 9 12.99 11.81 -3.51
CA SER B 9 12.64 10.70 -4.38
C SER B 9 11.81 11.16 -5.58
N ASP B 10 10.99 12.19 -5.39
CA ASP B 10 10.12 12.68 -6.45
C ASP B 10 10.74 13.82 -7.26
N GLY B 11 12.05 13.99 -7.17
CA GLY B 11 12.79 14.90 -8.05
C GLY B 11 13.00 16.31 -7.57
N HIS B 12 12.44 16.69 -6.42
CA HIS B 12 12.63 18.05 -5.93
C HIS B 12 14.04 18.25 -5.42
N GLU B 13 14.71 19.29 -5.92
CA GLU B 13 16.09 19.60 -5.56
C GLU B 13 16.09 20.80 -4.61
N PHE B 14 16.56 20.58 -3.38
CA PHE B 14 16.65 21.62 -2.38
C PHE B 14 18.11 22.05 -2.24
N ILE B 15 18.38 23.33 -2.42
CA ILE B 15 19.73 23.88 -2.29
C ILE B 15 19.84 24.54 -0.92
N VAL B 16 20.73 24.01 -0.08
CA VAL B 16 20.90 24.50 1.29
C VAL B 16 22.36 24.84 1.53
N LYS B 17 22.61 25.80 2.41
CA LYS B 17 23.97 26.15 2.78
C LYS B 17 24.71 24.95 3.36
N ARG B 18 25.98 24.81 2.98
CA ARG B 18 26.76 23.68 3.46
C ARG B 18 26.86 23.67 4.97
N GLU B 19 27.14 24.84 5.57
CA GLU B 19 27.29 24.91 7.02
C GLU B 19 26.00 24.48 7.72
N HIS B 20 24.85 24.85 7.17
CA HIS B 20 23.59 24.43 7.77
C HIS B 20 23.38 22.93 7.64
N ALA B 21 23.77 22.35 6.51
CA ALA B 21 23.59 20.92 6.31
C ALA B 21 24.61 20.09 7.11
N LEU B 22 25.80 20.65 7.37
CA LEU B 22 26.82 19.89 8.09
C LEU B 22 26.50 19.70 9.57
N THR B 23 25.40 20.26 10.09
CA THR B 23 24.99 19.93 11.46
C THR B 23 24.74 18.44 11.62
N SER B 24 24.18 17.80 10.60
CA SER B 24 23.94 16.37 10.62
C SER B 24 25.21 15.65 10.15
N GLY B 25 25.73 14.77 11.00
CA GLY B 25 26.86 13.95 10.59
C GLY B 25 26.54 12.99 9.47
N THR B 26 25.27 12.61 9.34
CA THR B 26 24.86 11.74 8.24
C THR B 26 25.08 12.43 6.89
N ILE B 27 24.61 13.67 6.77
CA ILE B 27 24.83 14.41 5.54
C ILE B 27 26.32 14.71 5.36
N LYS B 28 27.02 14.98 6.46
CA LYS B 28 28.46 15.26 6.39
C LYS B 28 29.24 14.08 5.82
N ALA B 29 28.88 12.86 6.23
CA ALA B 29 29.53 11.68 5.68
C ALA B 29 29.04 11.38 4.27
N MET B 30 27.76 11.63 3.98
CA MET B 30 27.22 11.41 2.64
C MET B 30 27.89 12.33 1.63
N LEU B 31 28.40 13.48 2.08
CA LEU B 31 29.10 14.38 1.18
C LEU B 31 30.48 13.83 0.84
N SER B 32 31.10 13.11 1.77
CA SER B 32 32.42 12.53 1.54
C SER B 32 32.42 11.03 1.81
N GLU B 41 33.47 15.04 -1.00
CA GLU B 41 33.78 14.67 -2.37
C GLU B 41 32.61 14.99 -3.30
N THR B 42 31.49 15.42 -2.72
CA THR B 42 30.29 15.72 -3.48
C THR B 42 29.55 16.90 -2.86
N ASN B 43 28.83 17.62 -3.70
CA ASN B 43 27.91 18.66 -3.25
C ASN B 43 26.47 18.31 -3.61
N GLU B 44 26.22 17.09 -4.05
CA GLU B 44 24.90 16.64 -4.46
C GLU B 44 24.65 15.30 -3.80
N VAL B 45 23.48 15.16 -3.16
CA VAL B 45 23.12 13.95 -2.43
C VAL B 45 21.70 13.60 -2.83
N ASN B 46 21.47 12.34 -3.23
CA ASN B 46 20.15 11.90 -3.66
C ASN B 46 19.54 10.98 -2.61
N PHE B 47 18.30 11.28 -2.20
CA PHE B 47 17.56 10.48 -1.22
C PHE B 47 16.39 9.81 -1.92
N ARG B 48 16.58 8.56 -2.33
CA ARG B 48 15.57 7.86 -3.12
C ARG B 48 14.37 7.42 -2.29
N GLU B 49 14.44 7.48 -0.96
CA GLU B 49 13.33 7.05 -0.11
C GLU B 49 12.66 8.18 0.65
N ILE B 50 13.09 9.43 0.47
CA ILE B 50 12.52 10.55 1.21
C ILE B 50 11.79 11.45 0.21
N PRO B 51 10.48 11.60 0.32
CA PRO B 51 9.75 12.47 -0.60
C PRO B 51 9.94 13.94 -0.25
N SER B 52 9.48 14.80 -1.17
CA SER B 52 9.72 16.24 -1.04
C SER B 52 9.00 16.83 0.16
N HIS B 53 7.75 16.43 0.41
CA HIS B 53 7.02 16.98 1.55
C HIS B 53 7.65 16.58 2.89
N VAL B 54 8.64 15.69 2.88
CA VAL B 54 9.39 15.36 4.09
C VAL B 54 10.77 16.01 4.07
N LEU B 55 11.45 15.99 2.92
CA LEU B 55 12.82 16.49 2.88
C LEU B 55 12.83 18.01 3.04
N SER B 56 11.76 18.68 2.59
CA SER B 56 11.63 20.11 2.82
C SER B 56 11.56 20.41 4.31
N LYS B 57 10.80 19.61 5.07
CA LYS B 57 10.77 19.76 6.52
C LYS B 57 12.14 19.48 7.13
N VAL B 58 12.90 18.56 6.54
CA VAL B 58 14.25 18.29 7.02
C VAL B 58 15.14 19.53 6.87
N CYS B 59 15.07 20.19 5.71
CA CYS B 59 15.86 21.41 5.51
C CYS B 59 15.41 22.52 6.45
N MET B 60 14.10 22.64 6.66
CA MET B 60 13.59 23.59 7.64
C MET B 60 14.16 23.30 9.03
N TYR B 61 14.27 22.02 9.39
CA TYR B 61 14.85 21.67 10.67
C TYR B 61 16.32 22.05 10.73
N PHE B 62 17.04 21.91 9.60
CA PHE B 62 18.42 22.38 9.54
C PHE B 62 18.50 23.85 9.91
N THR B 63 17.69 24.68 9.25
CA THR B 63 17.72 26.11 9.55
C THR B 63 17.34 26.39 11.00
N TYR B 64 16.29 25.73 11.49
CA TYR B 64 15.82 25.93 12.86
C TYR B 64 16.90 25.58 13.88
N LYS B 65 17.59 24.45 13.68
CA LYS B 65 18.63 24.03 14.61
C LYS B 65 19.80 25.01 14.60
N VAL B 66 20.26 25.41 13.41
CA VAL B 66 21.37 26.36 13.35
C VAL B 66 20.99 27.67 14.02
N ARG B 67 19.75 28.11 13.87
CA ARG B 67 19.37 29.39 14.44
C ARG B 67 19.22 29.33 15.96
N TYR B 68 18.60 28.26 16.47
CA TYR B 68 18.19 28.24 17.87
C TYR B 68 19.07 27.40 18.79
N THR B 69 20.13 26.80 18.29
CA THR B 69 21.05 26.11 19.19
C THR B 69 21.81 27.14 20.00
N ASN B 70 21.83 26.96 21.32
CA ASN B 70 22.46 27.89 22.26
C ASN B 70 21.80 29.26 22.29
N SER B 71 20.52 29.30 22.68
CA SER B 71 19.77 30.55 22.78
C SER B 71 19.13 30.64 24.16
N SER B 72 19.38 31.76 24.85
CA SER B 72 18.54 32.12 25.99
C SER B 72 17.18 32.57 25.50
N THR B 73 17.15 33.15 24.29
CA THR B 73 15.90 33.59 23.68
C THR B 73 14.91 32.43 23.59
N GLU B 74 13.65 32.73 23.87
CA GLU B 74 12.60 31.73 23.81
C GLU B 74 12.62 31.00 22.48
N ILE B 75 12.82 29.68 22.55
CA ILE B 75 12.90 28.84 21.36
C ILE B 75 11.47 28.43 21.00
N PRO B 76 11.04 28.61 19.75
CA PRO B 76 9.70 28.16 19.37
C PRO B 76 9.68 26.67 19.10
N GLU B 77 8.47 26.12 19.15
CA GLU B 77 8.30 24.71 18.82
C GLU B 77 8.59 24.49 17.33
N PHE B 78 9.10 23.31 17.02
CA PHE B 78 9.22 22.89 15.64
C PHE B 78 7.92 22.25 15.19
N PRO B 79 7.22 22.80 14.22
CA PRO B 79 5.89 22.29 13.87
C PRO B 79 5.97 21.07 12.95
N ILE B 80 5.16 20.06 13.26
CA ILE B 80 5.06 18.85 12.46
C ILE B 80 3.58 18.58 12.24
N ALA B 81 3.14 18.66 10.99
CA ALA B 81 1.76 18.34 10.68
C ALA B 81 1.52 16.84 10.85
N PRO B 82 0.33 16.44 11.29
CA PRO B 82 0.07 15.00 11.46
C PRO B 82 0.28 14.19 10.20
N GLU B 83 -0.12 14.74 9.04
CA GLU B 83 -0.08 13.98 7.80
C GLU B 83 1.33 13.54 7.42
N ILE B 84 2.36 14.24 7.89
CA ILE B 84 3.74 13.86 7.59
C ILE B 84 4.43 13.25 8.80
N ALA B 85 3.77 13.22 9.95
CA ALA B 85 4.45 12.88 11.20
C ALA B 85 5.08 11.49 11.12
N LEU B 86 4.35 10.54 10.53
CA LEU B 86 4.90 9.19 10.39
C LEU B 86 6.14 9.20 9.50
N GLU B 87 5.99 9.67 8.26
CA GLU B 87 7.08 9.53 7.30
C GLU B 87 8.33 10.28 7.77
N LEU B 88 8.14 11.50 8.26
CA LEU B 88 9.27 12.25 8.79
C LEU B 88 10.01 11.44 9.85
N LEU B 89 9.26 10.82 10.76
CA LEU B 89 9.88 9.98 11.78
C LEU B 89 10.76 8.92 11.13
N MET B 90 10.21 8.21 10.15
CA MET B 90 11.00 7.19 9.47
C MET B 90 12.24 7.80 8.86
N ALA B 91 12.08 8.94 8.17
CA ALA B 91 13.24 9.62 7.60
C ALA B 91 14.23 9.95 8.70
N ALA B 92 13.74 10.54 9.80
CA ALA B 92 14.63 10.86 10.90
C ALA B 92 15.31 9.61 11.43
N ASN B 93 14.54 8.52 11.57
CA ASN B 93 15.11 7.29 12.10
C ASN B 93 16.22 6.78 11.20
N PHE B 94 16.11 7.02 9.90
CA PHE B 94 17.12 6.54 8.97
C PHE B 94 18.32 7.49 8.89
N LEU B 95 18.15 8.76 9.26
CA LEU B 95 19.23 9.72 9.18
C LEU B 95 19.80 10.12 10.53
N ASP B 96 19.18 9.70 11.64
CA ASP B 96 19.62 10.09 12.98
C ASP B 96 19.70 11.61 13.12
N CYS B 97 18.61 12.26 12.73
CA CYS B 97 18.50 13.72 12.80
C CYS B 97 17.80 14.14 14.08
N VAL C 11 21.46 9.31 44.83
CA VAL C 11 22.67 10.12 44.85
C VAL C 11 22.27 11.56 44.68
N LEU C 12 21.60 11.86 43.59
CA LEU C 12 21.09 13.21 43.40
C LEU C 12 19.96 13.46 44.40
N ARG C 13 20.22 14.34 45.37
CA ARG C 13 19.22 14.68 46.37
C ARG C 13 19.44 16.11 46.82
N SER C 14 18.40 16.69 47.42
CA SER C 14 18.47 18.05 47.93
C SER C 14 19.14 18.10 49.29
N VAL C 15 19.93 19.14 49.51
CA VAL C 15 20.57 19.38 50.80
C VAL C 15 19.57 20.10 51.70
N ASN C 16 19.26 19.52 52.85
CA ASN C 16 18.35 20.16 53.79
C ASN C 16 19.05 21.33 54.46
N SER C 17 19.22 22.43 53.74
CA SER C 17 19.96 23.57 54.28
C SER C 17 19.12 24.38 55.24
N ARG C 18 17.83 24.41 55.03
CA ARG C 18 16.97 25.26 55.85
C ARG C 18 17.33 26.71 55.63
N GLU C 19 17.92 27.01 54.48
CA GLU C 19 18.28 28.38 54.13
C GLU C 19 17.40 28.81 53.00
N PRO C 20 16.55 29.78 53.26
CA PRO C 20 15.57 30.19 52.24
C PRO C 20 16.15 30.85 51.00
N SER C 21 15.45 30.73 49.88
CA SER C 21 15.86 31.32 48.61
C SER C 21 14.59 31.48 47.79
N GLN C 22 14.26 32.72 47.47
CA GLN C 22 13.06 33.01 46.69
C GLN C 22 13.41 32.96 45.21
N VAL C 23 12.58 32.27 44.43
CA VAL C 23 12.91 31.94 43.05
C VAL C 23 11.77 32.40 42.14
N ILE C 24 12.08 32.70 40.90
CA ILE C 24 11.06 33.01 39.91
C ILE C 24 11.08 31.90 38.85
N PHE C 25 10.02 31.10 38.83
CA PHE C 25 9.84 30.09 37.79
C PHE C 25 9.24 30.79 36.58
N ASN C 27 8.25 30.39 32.75
CA ASN C 27 7.97 29.54 31.59
C ASN C 27 8.11 30.30 30.27
N ARG C 28 9.26 30.17 29.64
CA ARG C 28 9.49 30.73 28.31
C ARG C 28 9.37 29.65 27.24
N SER C 29 8.44 28.72 27.43
CA SER C 29 8.17 27.62 26.52
C SER C 29 6.69 27.60 26.19
N PRO C 30 6.30 26.91 25.12
CA PRO C 30 4.87 26.79 24.81
C PRO C 30 4.25 25.54 25.42
N ARG C 31 4.87 24.99 26.47
CA ARG C 31 4.41 23.77 27.10
C ARG C 31 3.92 24.06 28.51
N VAL C 32 2.97 23.23 28.97
CA VAL C 32 2.58 23.26 30.38
C VAL C 32 3.71 22.60 31.17
N VAL C 33 4.35 23.38 32.04
CA VAL C 33 5.58 22.96 32.72
C VAL C 33 5.23 22.39 34.08
N LEU C 34 5.79 21.21 34.38
CA LEU C 34 5.73 20.61 35.69
C LEU C 34 7.06 20.79 36.39
N PRO C 35 7.11 21.49 37.53
CA PRO C 35 8.35 21.57 38.32
C PRO C 35 8.48 20.36 39.22
N VAL C 36 9.63 19.70 39.17
CA VAL C 36 9.90 18.52 39.96
C VAL C 36 11.05 18.84 40.92
N TRP C 37 10.81 18.75 42.21
CA TRP C 37 11.86 18.95 43.18
C TRP C 37 12.34 17.60 43.63
N LEU C 38 13.63 17.46 43.85
CA LEU C 38 14.17 16.21 44.34
C LEU C 38 14.31 16.31 45.84
N ASN C 39 13.61 15.45 46.56
CA ASN C 39 13.63 15.49 48.01
C ASN C 39 14.96 15.07 48.60
N PHE C 40 15.05 15.03 49.92
CA PHE C 40 16.30 14.68 50.58
C PHE C 40 16.66 13.22 50.39
N ASP C 41 15.71 12.40 49.99
CA ASP C 41 15.98 10.99 49.77
C ASP C 41 16.22 10.68 48.29
N GLY C 42 16.11 11.68 47.42
CA GLY C 42 16.36 11.47 46.01
C GLY C 42 15.12 11.18 45.21
N GLU C 43 13.96 11.34 45.83
CA GLU C 43 12.72 11.04 45.16
C GLU C 43 12.12 12.26 44.50
N PRO C 44 11.76 12.13 43.23
CA PRO C 44 11.12 13.23 42.52
C PRO C 44 9.81 13.62 43.16
N GLN C 45 9.58 14.93 43.33
CA GLN C 45 8.33 15.40 43.90
C GLN C 45 7.64 16.38 42.95
N PRO C 46 6.37 16.11 42.61
CA PRO C 46 5.73 16.99 41.65
C PRO C 46 5.17 18.22 42.36
N TYR C 47 5.11 19.32 41.62
CA TYR C 47 4.63 20.60 42.13
C TYR C 47 3.60 21.18 41.19
N PRO C 48 2.92 22.25 41.59
CA PRO C 48 1.87 22.81 40.72
C PRO C 48 2.41 23.25 39.37
N THR C 49 1.60 23.06 38.34
CA THR C 49 2.01 23.32 36.96
C THR C 49 1.99 24.82 36.63
N LEU C 50 2.74 25.18 35.59
CA LEU C 50 2.76 26.54 35.06
C LEU C 50 2.22 26.54 33.64
N PRO C 51 1.18 27.32 33.35
CA PRO C 51 0.72 27.45 31.95
C PRO C 51 1.79 28.10 31.09
N PRO C 52 1.70 27.95 29.77
CA PRO C 52 2.72 28.57 28.90
C PRO C 52 2.76 30.08 29.07
N GLY C 53 3.97 30.63 29.06
CA GLY C 53 4.15 32.06 29.13
C GLY C 53 3.84 32.69 30.47
N THR C 54 3.86 31.92 31.55
CA THR C 54 3.52 32.43 32.87
C THR C 54 4.74 32.36 33.77
N GLY C 55 4.71 33.18 34.81
CA GLY C 55 5.79 33.20 35.79
C GLY C 55 5.22 33.20 37.20
N ARG C 56 5.88 32.46 38.10
CA ARG C 56 5.45 32.37 39.48
C ARG C 56 6.63 32.68 40.40
N ARG C 57 6.35 33.39 41.49
CA ARG C 57 7.34 33.57 42.55
C ARG C 57 7.13 32.49 43.61
N ILE C 58 8.17 31.69 43.86
CA ILE C 58 8.10 30.58 44.80
C ILE C 58 9.10 30.81 45.92
N HIS C 59 8.93 30.02 46.96
CA HIS C 59 9.85 29.94 48.08
C HIS C 59 10.48 28.54 48.04
N SER C 60 11.80 28.49 47.99
CA SER C 60 12.54 27.24 47.94
C SER C 60 13.75 27.42 48.85
N TYR C 61 14.71 26.51 48.80
CA TYR C 61 15.86 26.61 49.68
C TYR C 61 17.16 26.38 48.92
N ARG C 62 18.24 26.90 49.47
CA ARG C 62 19.54 26.75 48.86
C ARG C 62 19.98 25.28 48.92
N GLY C 63 20.71 24.86 47.89
CA GLY C 63 21.10 23.47 47.77
C GLY C 63 20.03 22.54 47.23
N HIS C 64 18.81 23.02 47.03
CA HIS C 64 17.72 22.16 46.57
C HIS C 64 17.81 21.95 45.06
N LEU C 65 17.36 20.77 44.63
CA LEU C 65 17.45 20.34 43.23
C LEU C 65 16.08 20.38 42.57
N TRP C 66 16.03 21.01 41.40
CA TRP C 66 14.81 21.14 40.61
C TRP C 66 15.08 20.73 39.17
N LEU C 67 14.12 20.01 38.58
CA LEU C 67 14.15 19.73 37.15
C LEU C 67 12.76 20.05 36.60
N PHE C 68 12.65 20.20 35.29
CA PHE C 68 11.39 20.69 34.73
C PHE C 68 10.96 19.84 33.54
N ARG C 69 9.67 19.54 33.49
CA ARG C 69 9.14 18.58 32.53
C ARG C 69 7.92 19.14 31.83
N ASP C 70 7.55 18.51 30.73
CA ASP C 70 6.23 18.76 30.16
C ASP C 70 5.20 18.12 31.09
N ALA C 71 4.17 18.87 31.46
CA ALA C 71 3.24 18.33 32.43
C ALA C 71 2.43 17.17 31.85
N GLY C 72 2.14 17.20 30.56
CA GLY C 72 1.33 16.16 29.96
C GLY C 72 2.12 14.99 29.42
N THR C 73 3.34 15.25 28.95
CA THR C 73 4.12 14.23 28.25
C THR C 73 5.41 13.85 28.97
N HIS C 74 5.81 14.61 29.98
CA HIS C 74 7.05 14.42 30.72
C HIS C 74 8.29 14.63 29.84
N ASP C 75 8.15 15.35 28.72
CA ASP C 75 9.32 15.70 27.93
C ASP C 75 10.27 16.57 28.73
N GLY C 76 11.57 16.37 28.52
CA GLY C 76 12.56 17.14 29.25
C GLY C 76 12.60 18.58 28.76
N LEU C 77 12.78 19.50 29.70
CA LEU C 77 12.89 20.92 29.41
C LEU C 77 14.16 21.44 30.05
N LEU C 78 14.61 22.59 29.55
CA LEU C 78 15.85 23.20 30.01
C LEU C 78 15.54 24.36 30.94
N VAL C 79 16.31 24.46 32.03
CA VAL C 79 16.22 25.60 32.93
C VAL C 79 17.57 26.30 32.94
N ASN C 80 17.59 27.58 32.54
CA ASN C 80 18.82 28.36 32.41
C ASN C 80 19.84 27.62 31.55
N GLN C 81 19.35 26.98 30.48
CA GLN C 81 20.12 26.27 29.46
C GLN C 81 20.77 24.99 30.00
N THR C 82 20.36 24.50 31.17
CA THR C 82 20.86 23.25 31.70
C THR C 82 19.68 22.43 32.22
N GLU C 83 19.95 21.16 32.56
CA GLU C 83 18.89 20.26 32.99
C GLU C 83 18.43 20.51 34.42
N LEU C 84 19.35 20.85 35.32
CA LEU C 84 19.03 20.96 36.75
C LEU C 84 19.22 22.39 37.23
N PHE C 85 18.30 22.84 38.08
CA PHE C 85 18.34 24.16 38.70
C PHE C 85 18.53 24.04 40.20
N VAL C 86 19.52 24.75 40.73
CA VAL C 86 19.75 24.81 42.17
C VAL C 86 19.65 26.27 42.63
N PRO C 87 18.65 26.61 43.43
CA PRO C 87 18.57 27.98 43.97
C PRO C 87 19.82 28.36 44.73
N SER C 88 20.27 29.59 44.55
CA SER C 88 21.44 30.12 45.23
C SER C 88 21.02 31.23 46.19
N LEU C 89 22.02 31.96 46.69
CA LEU C 89 21.76 33.07 47.59
C LEU C 89 21.15 34.25 46.85
N ASN C 90 20.14 34.88 47.46
CA ASN C 90 19.56 36.10 46.91
C ASN C 90 20.44 37.28 47.28
N VAL C 91 20.91 38.03 46.30
CA VAL C 91 21.78 39.17 46.51
C VAL C 91 20.93 40.44 46.37
N ASP C 92 20.90 41.24 47.44
CA ASP C 92 20.16 42.50 47.46
C ASP C 92 18.66 42.26 47.24
N GLY C 93 18.13 41.22 47.88
CA GLY C 93 16.71 40.91 47.82
C GLY C 93 16.20 40.53 46.44
N GLN C 94 17.11 40.30 45.52
CA GLN C 94 16.67 39.95 44.17
C GLN C 94 16.44 38.45 44.07
N PRO C 95 15.26 38.01 43.65
CA PRO C 95 15.01 36.57 43.51
C PRO C 95 15.84 35.99 42.37
N ILE C 96 15.95 34.67 42.37
CA ILE C 96 16.75 33.97 41.39
C ILE C 96 15.82 33.51 40.26
N PHE C 97 16.14 33.91 39.03
CA PHE C 97 15.40 33.44 37.87
C PHE C 97 15.77 32.03 37.45
N ALA C 98 14.72 31.23 37.25
CA ALA C 98 14.81 29.90 36.64
C ALA C 98 14.04 30.00 35.33
N ASN C 99 14.75 30.07 34.23
CA ASN C 99 14.16 30.31 32.92
C ASN C 99 13.97 28.97 32.23
N ILE C 100 12.72 28.55 32.11
CA ILE C 100 12.38 27.26 31.53
C ILE C 100 12.13 27.47 30.05
N THR C 101 12.98 26.86 29.23
CA THR C 101 12.91 27.02 27.79
C THR C 101 12.81 25.66 27.12
N LEU C 102 12.44 25.69 25.84
CA LEU C 102 12.43 24.48 25.04
C LEU C 102 13.85 24.11 24.65
N PRO C 103 14.25 22.84 24.78
CA PRO C 103 15.52 22.41 24.21
C PRO C 103 15.40 22.29 22.70
N VAL C 104 16.57 22.28 22.05
CA VAL C 104 16.59 21.97 20.62
C VAL C 104 16.55 20.46 20.48
N TYR C 105 15.36 19.91 20.31
CA TYR C 105 15.19 18.47 20.22
C TYR C 105 15.77 17.95 18.91
N THR C 106 16.23 16.71 18.94
CA THR C 106 16.53 16.02 17.69
C THR C 106 15.24 15.80 16.91
N LEU C 107 15.37 15.77 15.58
CA LEU C 107 14.18 15.59 14.73
C LEU C 107 13.46 14.29 15.07
N LYS C 108 14.22 13.24 15.41
CA LYS C 108 13.61 11.97 15.77
C LYS C 108 12.79 12.08 17.04
N GLU C 109 13.31 12.78 18.06
CA GLU C 109 12.57 12.92 19.31
C GLU C 109 11.31 13.76 19.11
N ARG C 110 11.40 14.81 18.29
CA ARG C 110 10.21 15.62 18.01
C ARG C 110 9.16 14.82 17.26
N CYS C 111 9.57 14.03 16.27
CA CYS C 111 8.62 13.19 15.55
C CYS C 111 8.01 12.14 16.46
N LEU C 112 8.82 11.55 17.35
CA LEU C 112 8.29 10.61 18.33
C LEU C 112 7.27 11.27 19.22
N GLN C 113 7.56 12.50 19.69
CA GLN C 113 6.59 13.23 20.51
C GLN C 113 5.28 13.43 19.76
N VAL C 114 5.36 13.84 18.50
CA VAL C 114 4.14 14.11 17.73
C VAL C 114 3.33 12.82 17.57
N VAL C 115 4.00 11.74 17.18
CA VAL C 115 3.30 10.48 16.95
C VAL C 115 2.70 9.96 18.25
N ARG C 116 3.41 10.12 19.37
CA ARG C 116 2.88 9.72 20.68
C ARG C 116 1.65 10.53 21.02
N SER C 117 1.68 11.83 20.74
CA SER C 117 0.52 12.68 21.00
C SER C 117 -0.64 12.32 20.09
N LEU C 118 -0.38 11.68 18.96
CA LEU C 118 -1.44 11.34 18.03
C LEU C 118 -1.92 9.89 18.14
N VAL C 119 -1.08 8.97 18.63
CA VAL C 119 -1.41 7.55 18.65
C VAL C 119 -1.54 7.08 20.10
N LYS C 120 -2.61 6.37 20.39
CA LYS C 120 -2.76 5.76 21.70
C LYS C 120 -1.71 4.66 21.87
N PRO C 121 -1.21 4.46 23.10
CA PRO C 121 -0.15 3.47 23.31
C PRO C 121 -0.56 2.06 22.89
N GLU C 122 -1.86 1.79 22.83
CA GLU C 122 -2.35 0.47 22.41
C GLU C 122 -1.98 0.18 20.96
N ASN C 123 -2.01 1.21 20.11
CA ASN C 123 -1.92 1.07 18.67
C ASN C 123 -0.54 1.42 18.12
N TYR C 124 0.48 1.50 18.99
CA TYR C 124 1.82 1.74 18.47
C TYR C 124 2.25 0.63 17.52
N ARG C 125 1.93 -0.63 17.86
CA ARG C 125 2.31 -1.76 17.04
C ARG C 125 1.52 -1.84 15.74
N ARG C 126 0.34 -1.23 15.68
CA ARG C 126 -0.47 -1.23 14.47
C ARG C 126 0.07 -0.28 13.40
N LEU C 127 1.02 0.59 13.74
CA LEU C 127 1.58 1.51 12.77
C LEU C 127 2.51 0.78 11.81
N ASP C 128 2.57 1.27 10.57
CA ASP C 128 3.43 0.69 9.54
C ASP C 128 4.79 1.37 9.61
N ILE C 129 5.58 0.95 10.60
CA ILE C 129 6.95 1.43 10.79
C ILE C 129 7.78 0.24 11.25
N VAL C 130 9.09 0.44 11.31
CA VAL C 130 9.98 -0.63 11.77
C VAL C 130 9.72 -0.90 13.25
N ARG C 131 9.92 -2.16 13.66
CA ARG C 131 9.67 -2.55 15.05
C ARG C 131 10.58 -1.79 16.00
N SER C 132 11.77 -1.43 15.52
CA SER C 132 12.69 -0.60 16.30
C SER C 132 11.98 0.67 16.75
N LEU C 133 11.19 1.23 15.85
CA LEU C 133 10.46 2.46 16.12
C LEU C 133 9.31 2.23 17.08
N TYR C 134 8.70 1.03 17.08
CA TYR C 134 7.68 0.74 18.09
C TYR C 134 8.30 0.83 19.48
N GLU C 135 9.45 0.19 19.61
CA GLU C 135 10.18 0.16 20.88
C GLU C 135 10.57 1.57 21.31
N ASP C 136 10.98 2.39 20.34
CA ASP C 136 11.30 3.79 20.61
C ASP C 136 10.08 4.58 21.05
N LEU C 137 8.93 4.32 20.42
CA LEU C 137 7.69 5.00 20.81
C LEU C 137 7.30 4.65 22.24
N GLU C 138 7.42 3.38 22.62
CA GLU C 138 7.03 2.98 23.97
C GLU C 138 7.95 3.59 25.03
N ASP C 139 9.21 3.83 24.71
CA ASP C 139 10.11 4.50 25.64
C ASP C 139 9.82 6.00 25.67
N HIS C 140 8.67 6.35 26.27
CA HIS C 140 8.43 7.77 26.34
C HIS C 140 9.03 8.34 27.63
N PRO C 141 9.42 9.63 27.59
CA PRO C 141 10.12 10.23 28.74
C PRO C 141 9.70 9.80 30.13
N ASN C 142 10.67 9.48 30.98
CA ASN C 142 10.39 9.12 32.35
C ASN C 142 11.49 9.70 33.20
N VAL C 143 11.12 10.48 34.19
CA VAL C 143 12.11 11.12 35.04
C VAL C 143 13.01 10.14 35.77
N GLN C 144 12.46 9.02 36.23
CA GLN C 144 13.28 8.10 37.03
C GLN C 144 14.42 7.50 36.21
N LYS C 145 14.14 7.07 34.98
CA LYS C 145 15.19 6.53 34.13
C LYS C 145 16.23 7.61 33.81
N ASP C 146 15.78 8.84 33.58
CA ASP C 146 16.71 9.94 33.30
C ASP C 146 17.59 10.22 34.52
N LEU C 147 17.04 10.06 35.71
CA LEU C 147 17.83 10.27 36.91
C LEU C 147 18.84 9.16 37.09
N GLU C 148 18.44 7.94 36.75
CA GLU C 148 19.34 6.81 36.91
C GLU C 148 20.53 6.93 35.99
N ARG C 149 20.29 7.32 34.75
CA ARG C 149 21.37 7.47 33.80
C ARG C 149 22.29 8.59 34.24
N LEU C 150 21.71 9.65 34.78
CA LEU C 150 22.50 10.75 35.24
C LEU C 150 23.49 10.21 36.24
N THR C 151 23.01 9.34 37.10
CA THR C 151 23.89 8.78 38.11
C THR C 151 24.67 7.60 37.53
N MET D 1 -25.28 23.87 14.73
CA MET D 1 -26.34 22.87 14.67
C MET D 1 -26.14 21.95 13.48
N ASP D 2 -25.83 20.68 13.76
CA ASP D 2 -25.63 19.71 12.69
C ASP D 2 -26.98 19.21 12.18
N VAL D 3 -27.06 19.00 10.87
CA VAL D 3 -28.22 18.40 10.23
C VAL D 3 -27.73 17.15 9.50
N PHE D 4 -28.57 16.12 9.50
CA PHE D 4 -28.22 14.82 8.95
C PHE D 4 -29.16 14.51 7.80
N LEU D 5 -28.59 14.06 6.67
CA LEU D 5 -29.27 14.09 5.40
C LEU D 5 -28.99 12.81 4.63
N MET D 6 -29.97 12.40 3.83
CA MET D 6 -29.83 11.38 2.81
C MET D 6 -30.00 12.06 1.46
N ILE D 7 -28.91 12.11 0.69
CA ILE D 7 -28.97 12.58 -0.69
C ILE D 7 -29.28 11.36 -1.57
N ARG D 8 -30.46 11.35 -2.18
CA ARG D 8 -30.98 10.18 -2.85
C ARG D 8 -31.18 10.48 -4.33
N ARG D 9 -30.57 9.65 -5.16
CA ARG D 9 -30.75 9.72 -6.60
C ARG D 9 -30.80 8.30 -7.15
N HIS D 10 -31.93 7.93 -7.75
CA HIS D 10 -32.19 6.58 -8.26
C HIS D 10 -32.02 5.60 -7.10
N LYS D 11 -31.16 4.59 -7.21
CA LYS D 11 -30.91 3.64 -6.13
C LYS D 11 -29.69 4.02 -5.31
N THR D 12 -29.16 5.22 -5.51
CA THR D 12 -28.02 5.71 -4.74
C THR D 12 -28.51 6.54 -3.57
N THR D 13 -27.95 6.28 -2.39
CA THR D 13 -28.29 6.99 -1.17
C THR D 13 -27.01 7.33 -0.44
N ILE D 14 -26.76 8.61 -0.23
CA ILE D 14 -25.58 9.10 0.47
C ILE D 14 -26.01 9.62 1.84
N PHE D 15 -25.42 9.06 2.89
CA PHE D 15 -25.65 9.54 4.25
C PHE D 15 -24.56 10.55 4.60
N THR D 16 -24.96 11.77 4.99
CA THR D 16 -23.96 12.76 5.34
C THR D 16 -24.56 13.83 6.22
N ASP D 17 -23.70 14.55 6.92
CA ASP D 17 -24.12 15.64 7.78
C ASP D 17 -23.51 16.94 7.29
N ALA D 18 -24.13 18.04 7.70
CA ALA D 18 -23.65 19.37 7.35
C ALA D 18 -24.12 20.34 8.43
N LYS D 19 -23.76 21.60 8.28
CA LYS D 19 -24.22 22.64 9.20
C LYS D 19 -25.50 23.26 8.67
N GLU D 20 -26.34 23.73 9.60
CA GLU D 20 -27.54 24.45 9.21
C GLU D 20 -27.21 25.73 8.47
N SER D 21 -26.03 26.30 8.69
CA SER D 21 -25.61 27.51 8.00
C SER D 21 -24.89 27.24 6.68
N SER D 22 -24.56 25.98 6.40
CA SER D 22 -23.90 25.65 5.15
C SER D 22 -24.85 25.82 3.98
N THR D 23 -24.28 26.12 2.81
CA THR D 23 -25.08 26.39 1.63
C THR D 23 -25.32 25.11 0.83
N VAL D 24 -26.30 25.20 -0.08
CA VAL D 24 -26.61 24.07 -0.96
C VAL D 24 -25.42 23.77 -1.86
N PHE D 25 -24.64 24.75 -2.25
CA PHE D 25 -23.52 24.49 -3.15
C PHE D 25 -22.49 23.57 -2.51
N GLU D 26 -22.23 23.76 -1.23
CA GLU D 26 -21.26 22.94 -0.53
C GLU D 26 -21.70 21.50 -0.47
N LEU D 27 -23.01 21.29 -0.39
CA LEU D 27 -23.52 19.95 -0.39
C LEU D 27 -23.29 19.36 -1.77
N LYS D 28 -23.52 20.15 -2.80
CA LYS D 28 -23.28 19.70 -4.16
C LYS D 28 -21.83 19.36 -4.36
N ARG D 29 -20.96 20.08 -3.67
CA ARG D 29 -19.54 19.81 -3.76
C ARG D 29 -19.21 18.49 -3.11
N ILE D 30 -19.93 18.13 -2.06
CA ILE D 30 -19.73 16.85 -1.43
C ILE D 30 -20.14 15.74 -2.36
N VAL D 31 -21.25 15.96 -3.06
CA VAL D 31 -21.74 14.96 -4.00
C VAL D 31 -20.72 14.79 -5.10
N GLU D 32 -20.02 15.86 -5.44
CA GLU D 32 -18.99 15.78 -6.46
C GLU D 32 -17.83 14.96 -5.98
N GLY D 33 -17.44 15.20 -4.74
CA GLY D 33 -16.33 14.48 -4.19
C GLY D 33 -16.69 13.04 -4.01
N ILE D 34 -17.95 12.75 -3.81
CA ILE D 34 -18.30 11.33 -3.72
C ILE D 34 -18.54 10.73 -5.11
N LEU D 35 -19.47 11.31 -5.88
CA LEU D 35 -19.91 10.75 -7.15
C LEU D 35 -19.19 11.32 -8.37
N LYS D 36 -18.20 12.21 -8.16
CA LYS D 36 -17.29 12.69 -9.21
C LYS D 36 -18.00 13.41 -10.35
N ARG D 37 -18.95 14.28 -10.01
CA ARG D 37 -19.61 15.12 -11.03
C ARG D 37 -19.76 16.54 -10.50
N PRO D 38 -19.34 17.55 -11.24
CA PRO D 38 -19.29 18.93 -10.70
C PRO D 38 -20.67 19.46 -10.36
N PRO D 39 -20.73 20.45 -9.46
CA PRO D 39 -22.04 20.94 -9.04
C PRO D 39 -22.92 21.44 -10.18
N ASP D 40 -22.34 22.18 -11.11
CA ASP D 40 -23.14 22.73 -12.21
C ASP D 40 -23.82 21.65 -13.03
N GLU D 41 -23.44 20.38 -12.83
CA GLU D 41 -24.13 19.24 -13.43
C GLU D 41 -25.09 18.58 -12.44
N GLN D 42 -25.35 19.23 -11.31
CA GLN D 42 -26.17 18.70 -10.24
C GLN D 42 -27.37 19.60 -9.98
N ARG D 43 -28.48 18.97 -9.61
CA ARG D 43 -29.68 19.67 -9.18
C ARG D 43 -30.17 19.02 -7.90
N LEU D 44 -30.31 19.81 -6.84
CA LEU D 44 -30.75 19.32 -5.54
C LEU D 44 -32.20 19.73 -5.30
N TYR D 45 -32.96 18.83 -4.69
CA TYR D 45 -34.39 19.03 -4.47
C TYR D 45 -34.75 18.78 -3.02
N LYS D 46 -35.67 19.59 -2.50
CA LYS D 46 -36.40 19.33 -1.26
C LYS D 46 -37.83 19.06 -1.68
N ASP D 47 -38.27 17.80 -1.57
CA ASP D 47 -39.51 17.33 -2.17
C ASP D 47 -39.41 17.64 -3.67
N ASP D 48 -40.31 18.43 -4.25
CA ASP D 48 -40.24 18.75 -5.67
C ASP D 48 -39.86 20.20 -5.94
N GLN D 49 -39.04 20.80 -5.09
CA GLN D 49 -38.75 22.23 -5.22
C GLN D 49 -37.25 22.39 -5.34
N LEU D 50 -36.82 22.94 -6.47
CA LEU D 50 -35.41 23.09 -6.79
C LEU D 50 -34.74 24.04 -5.80
N LEU D 51 -33.54 23.69 -5.38
CA LEU D 51 -32.85 24.41 -4.34
C LEU D 51 -31.79 25.31 -4.95
N ASP D 52 -31.79 26.58 -4.55
CA ASP D 52 -30.84 27.55 -5.06
C ASP D 52 -29.49 27.35 -4.37
N ASP D 53 -28.42 27.57 -5.14
CA ASP D 53 -27.08 27.29 -4.65
C ASP D 53 -26.72 28.14 -3.44
N GLY D 54 -27.25 29.37 -3.36
CA GLY D 54 -26.88 30.29 -2.31
C GLY D 54 -27.60 30.13 -0.98
N LYS D 55 -28.74 29.45 -0.97
CA LYS D 55 -29.55 29.37 0.25
C LYS D 55 -28.92 28.41 1.26
N THR D 56 -29.04 28.75 2.54
CA THR D 56 -28.50 27.86 3.57
C THR D 56 -29.49 26.72 3.81
N LEU D 57 -28.99 25.65 4.43
CA LEU D 57 -29.83 24.49 4.70
C LEU D 57 -30.99 24.85 5.62
N GLY D 58 -30.75 25.73 6.60
CA GLY D 58 -31.82 26.16 7.48
C GLY D 58 -32.93 26.90 6.76
N GLU D 59 -32.58 27.74 5.80
CA GLU D 59 -33.59 28.45 5.00
C GLU D 59 -34.44 27.50 4.17
N GLY D 61 -35.34 24.64 5.05
CA GLY D 61 -36.13 23.78 5.91
C GLY D 61 -35.39 22.65 6.59
N PHE D 62 -34.09 22.51 6.31
CA PHE D 62 -33.28 21.45 6.90
C PHE D 62 -32.76 21.95 8.23
N THR D 63 -33.50 21.67 9.30
CA THR D 63 -33.12 22.08 10.63
C THR D 63 -32.59 20.90 11.44
N SER D 64 -31.81 21.22 12.47
CA SER D 64 -31.17 20.17 13.27
C SER D 64 -32.21 19.27 13.95
N GLN D 65 -33.41 19.79 14.19
CA GLN D 65 -34.44 19.06 14.92
C GLN D 65 -35.44 18.36 14.01
N THR D 66 -35.31 18.49 12.68
CA THR D 66 -36.05 17.65 11.75
C THR D 66 -35.15 16.73 10.95
N ALA D 67 -33.88 17.11 10.76
CA ALA D 67 -32.88 16.26 10.13
C ALA D 67 -32.03 15.67 11.25
N ARG D 68 -32.56 14.62 11.87
CA ARG D 68 -31.98 13.97 13.03
C ARG D 68 -31.05 12.85 12.62
N PRO D 69 -30.08 12.46 13.47
CA PRO D 69 -29.20 11.35 13.09
C PRO D 69 -29.95 10.04 12.91
N GLN D 70 -30.92 9.76 13.76
CA GLN D 70 -31.73 8.54 13.67
C GLN D 70 -32.88 8.66 12.69
N ALA D 71 -33.08 9.84 12.11
CA ALA D 71 -34.15 10.08 11.15
C ALA D 71 -33.77 11.24 10.25
N PRO D 72 -32.87 11.02 9.29
CA PRO D 72 -32.38 12.11 8.46
C PRO D 72 -33.41 12.57 7.42
N ALA D 73 -33.25 13.81 6.98
CA ALA D 73 -34.11 14.38 5.96
C ALA D 73 -33.66 13.94 4.56
N THR D 74 -34.61 13.89 3.63
CA THR D 74 -34.36 13.44 2.28
C THR D 74 -34.07 14.62 1.37
N VAL D 75 -32.98 14.52 0.60
CA VAL D 75 -32.59 15.52 -0.39
C VAL D 75 -32.43 14.81 -1.72
N GLY D 76 -33.30 15.11 -2.68
CA GLY D 76 -33.22 14.47 -3.98
C GLY D 76 -32.13 15.05 -4.85
N LEU D 77 -31.58 14.22 -5.72
CA LEU D 77 -30.47 14.60 -6.60
C LEU D 77 -30.83 14.25 -8.04
N ALA D 78 -30.49 15.15 -8.97
CA ALA D 78 -30.65 14.92 -10.41
C ALA D 78 -29.36 15.34 -11.11
N PHE D 79 -28.96 14.55 -12.11
CA PHE D 79 -27.71 14.76 -12.82
C PHE D 79 -27.99 15.25 -14.22
N ARG D 80 -26.99 15.89 -14.83
CA ARG D 80 -27.15 16.37 -16.20
C ARG D 80 -26.85 15.22 -17.15
N ALA D 81 -27.91 14.70 -17.78
CA ALA D 81 -27.80 13.64 -18.77
C ALA D 81 -27.54 14.28 -20.12
N ASP D 82 -26.26 14.34 -20.52
CA ASP D 82 -25.83 14.92 -21.78
C ASP D 82 -26.16 16.41 -21.78
N ASP D 83 -27.04 16.90 -22.66
CA ASP D 83 -27.36 18.32 -22.69
C ASP D 83 -28.43 18.71 -21.66
N THR D 84 -29.42 17.85 -21.45
CA THR D 84 -30.57 18.16 -20.61
C THR D 84 -30.43 17.52 -19.24
N PHE D 85 -31.04 18.13 -18.23
CA PHE D 85 -31.04 17.53 -16.91
C PHE D 85 -32.11 16.44 -16.88
N GLU D 86 -31.75 15.27 -16.35
CA GLU D 86 -32.71 14.19 -16.22
C GLU D 86 -33.71 14.52 -15.12
N ALA D 87 -34.82 13.81 -15.11
CA ALA D 87 -35.85 14.04 -14.10
C ALA D 87 -35.46 13.41 -12.77
N LEU D 88 -36.00 13.99 -11.70
CA LEU D 88 -35.77 13.49 -10.35
C LEU D 88 -36.45 12.14 -10.17
N ILE D 90 -36.29 8.95 -7.50
CA ILE D 90 -35.78 8.28 -6.30
C ILE D 90 -36.49 6.94 -6.13
N GLU D 91 -35.75 5.86 -6.32
CA GLU D 91 -36.34 4.53 -6.20
C GLU D 91 -36.67 4.24 -4.74
N PRO D 92 -37.88 3.75 -4.44
CA PRO D 92 -38.23 3.49 -3.04
C PRO D 92 -37.53 2.26 -2.51
N PHE D 93 -37.31 2.25 -1.20
CA PHE D 93 -36.73 1.08 -0.55
C PHE D 93 -37.71 -0.08 -0.59
N SER D 94 -37.20 -1.28 -0.32
CA SER D 94 -38.04 -2.46 -0.33
C SER D 94 -39.11 -2.35 0.75
N SER D 95 -40.23 -3.03 0.52
CA SER D 95 -41.30 -2.97 1.52
C SER D 95 -41.18 -4.13 2.51
N PRO D 96 -41.45 -3.89 3.79
CA PRO D 96 -41.39 -4.96 4.78
C PRO D 96 -42.47 -5.99 4.52
N PRO D 97 -42.29 -7.23 5.00
CA PRO D 97 -43.32 -8.25 4.80
C PRO D 97 -44.54 -7.99 5.67
N GLU D 98 -45.59 -8.80 5.51
CA GLU D 98 -46.76 -8.64 6.37
C GLU D 98 -46.39 -8.94 7.81
N LEU D 99 -46.96 -8.17 8.73
CA LEU D 99 -46.64 -8.33 10.14
C LEU D 99 -47.16 -9.68 10.62
N PRO D 100 -46.32 -10.52 11.24
CA PRO D 100 -46.79 -11.82 11.70
C PRO D 100 -47.88 -11.72 12.76
N ASP D 101 -48.70 -12.77 12.83
CA ASP D 101 -49.81 -12.82 13.77
C ASP D 101 -49.36 -12.70 15.21
N VAL D 102 -48.16 -13.23 15.53
CA VAL D 102 -47.71 -13.21 16.92
C VAL D 102 -47.45 -11.78 17.36
N MET D 103 -47.08 -10.90 16.43
CA MET D 103 -46.87 -9.49 16.71
C MET D 103 -48.14 -8.67 16.59
N LYS D 104 -49.14 -9.16 15.87
CA LYS D 104 -50.39 -8.44 15.70
C LYS D 104 -51.23 -8.56 16.97
N MET E 1 -14.01 13.56 2.34
CA MET E 1 -13.77 12.57 3.38
C MET E 1 -13.81 11.14 2.83
N MET E 2 -13.40 10.20 3.67
CA MET E 2 -13.40 8.79 3.30
C MET E 2 -14.82 8.26 3.33
N TYR E 3 -15.29 7.72 2.20
CA TYR E 3 -16.62 7.14 2.09
C TYR E 3 -16.54 5.69 1.66
N VAL E 4 -17.52 4.89 2.08
CA VAL E 4 -17.64 3.49 1.68
C VAL E 4 -19.05 3.25 1.15
N LYS E 5 -19.20 2.16 0.40
CA LYS E 5 -20.46 1.80 -0.22
C LYS E 5 -20.93 0.43 0.29
N LEU E 6 -22.19 0.36 0.71
CA LEU E 6 -22.82 -0.87 1.17
C LEU E 6 -24.02 -1.16 0.29
N ILE E 7 -24.00 -2.30 -0.38
CA ILE E 7 -25.06 -2.66 -1.33
C ILE E 7 -25.99 -3.67 -0.68
N SER E 8 -27.28 -3.36 -0.71
CA SER E 8 -28.28 -4.26 -0.15
C SER E 8 -28.56 -5.41 -1.10
N SER E 9 -29.46 -6.31 -0.69
CA SER E 9 -29.80 -7.45 -1.52
C SER E 9 -30.58 -7.03 -2.76
N ASP E 10 -31.37 -5.97 -2.66
CA ASP E 10 -32.17 -5.49 -3.79
C ASP E 10 -31.46 -4.42 -4.62
N GLY E 11 -30.15 -4.25 -4.44
CA GLY E 11 -29.37 -3.40 -5.31
C GLY E 11 -29.18 -1.96 -4.85
N HIS E 12 -29.79 -1.56 -3.74
CA HIS E 12 -29.65 -0.20 -3.24
C HIS E 12 -28.25 0.01 -2.68
N GLU E 13 -27.58 1.07 -3.13
CA GLU E 13 -26.22 1.37 -2.72
C GLU E 13 -26.23 2.55 -1.75
N PHE E 14 -25.79 2.31 -0.51
CA PHE E 14 -25.74 3.35 0.51
C PHE E 14 -24.30 3.79 0.68
N ILE E 15 -24.05 5.09 0.53
CA ILE E 15 -22.72 5.66 0.69
C ILE E 15 -22.64 6.30 2.06
N VAL E 16 -21.75 5.80 2.91
CA VAL E 16 -21.65 6.30 4.28
C VAL E 16 -20.20 6.69 4.55
N LYS E 17 -20.02 7.65 5.47
CA LYS E 17 -18.67 8.03 5.86
C LYS E 17 -17.92 6.81 6.40
N ARG E 18 -16.65 6.69 6.02
CA ARG E 18 -15.86 5.54 6.45
C ARG E 18 -15.76 5.49 7.97
N GLU E 19 -15.51 6.63 8.60
CA GLU E 19 -15.37 6.65 10.06
C GLU E 19 -16.63 6.15 10.74
N HIS E 20 -17.81 6.47 10.17
CA HIS E 20 -19.06 5.96 10.74
C HIS E 20 -19.17 4.46 10.60
N ALA E 21 -18.72 3.92 9.46
CA ALA E 21 -18.82 2.48 9.25
C ALA E 21 -17.80 1.71 10.09
N LEU E 22 -16.64 2.31 10.38
CA LEU E 22 -15.64 1.61 11.18
C LEU E 22 -16.05 1.47 12.65
N THR E 23 -17.20 2.02 13.05
CA THR E 23 -17.73 1.73 14.38
C THR E 23 -17.98 0.25 14.55
N SER E 24 -18.45 -0.41 13.49
CA SER E 24 -18.64 -1.86 13.51
C SER E 24 -17.32 -2.53 13.14
N GLY E 25 -16.80 -3.36 14.05
CA GLY E 25 -15.62 -4.13 13.72
C GLY E 25 -15.89 -5.15 12.64
N THR E 26 -17.14 -5.60 12.52
CA THR E 26 -17.51 -6.54 11.48
C THR E 26 -17.30 -5.92 10.10
N ILE E 27 -17.84 -4.71 9.89
CA ILE E 27 -17.64 -4.02 8.62
C ILE E 27 -16.18 -3.62 8.44
N LYS E 28 -15.48 -3.28 9.53
CA LYS E 28 -14.06 -2.95 9.43
C LYS E 28 -13.26 -4.12 8.90
N ALA E 29 -13.59 -5.34 9.33
CA ALA E 29 -12.91 -6.52 8.79
C ALA E 29 -13.37 -6.83 7.38
N MET E 30 -14.66 -6.60 7.07
CA MET E 30 -15.14 -6.83 5.72
C MET E 30 -14.48 -5.90 4.71
N LEU E 31 -14.06 -4.72 5.15
CA LEU E 31 -13.40 -3.77 4.26
C LEU E 31 -11.96 -4.17 3.96
N SER E 32 -11.27 -4.81 4.90
CA SER E 32 -9.89 -5.23 4.69
C SER E 32 -9.72 -6.71 5.00
N GLU E 41 -7.58 -4.59 0.88
CA GLU E 41 -8.61 -3.65 1.28
C GLU E 41 -9.59 -3.37 0.15
N THR E 42 -10.69 -2.71 0.48
CA THR E 42 -11.72 -2.35 -0.50
C THR E 42 -12.59 -1.26 0.10
N ASN E 43 -13.48 -0.71 -0.72
CA ASN E 43 -14.41 0.31 -0.24
C ASN E 43 -15.87 -0.01 -0.58
N GLU E 44 -16.15 -1.22 -1.05
CA GLU E 44 -17.51 -1.62 -1.39
C GLU E 44 -17.77 -2.99 -0.76
N VAL E 45 -18.94 -3.14 -0.13
CA VAL E 45 -19.31 -4.37 0.55
C VAL E 45 -20.74 -4.71 0.13
N ASN E 46 -20.97 -5.95 -0.28
CA ASN E 46 -22.30 -6.38 -0.73
C ASN E 46 -22.94 -7.27 0.33
N PHE E 47 -24.16 -6.92 0.71
CA PHE E 47 -24.94 -7.71 1.69
C PHE E 47 -26.09 -8.35 0.93
N ARG E 48 -25.89 -9.59 0.50
CA ARG E 48 -26.88 -10.29 -0.32
C ARG E 48 -28.06 -10.79 0.48
N GLU E 49 -28.02 -10.69 1.81
CA GLU E 49 -29.11 -11.13 2.67
C GLU E 49 -29.81 -9.99 3.40
N ILE E 50 -29.41 -8.74 3.19
CA ILE E 50 -30.00 -7.60 3.90
C ILE E 50 -30.73 -6.72 2.90
N PRO E 51 -32.05 -6.57 3.01
CA PRO E 51 -32.78 -5.69 2.09
C PRO E 51 -32.58 -4.22 2.43
N SER E 52 -33.05 -3.36 1.52
CA SER E 52 -32.77 -1.93 1.62
C SER E 52 -33.43 -1.29 2.83
N HIS E 53 -34.69 -1.65 3.11
CA HIS E 53 -35.41 -1.06 4.24
C HIS E 53 -34.79 -1.43 5.59
N VAL E 54 -33.84 -2.35 5.62
CA VAL E 54 -33.11 -2.69 6.84
C VAL E 54 -31.72 -2.08 6.86
N LEU E 55 -31.00 -2.14 5.73
CA LEU E 55 -29.64 -1.63 5.72
C LEU E 55 -29.62 -0.10 5.79
N SER E 56 -30.66 0.56 5.28
CA SER E 56 -30.77 2.00 5.49
C SER E 56 -30.87 2.33 6.99
N LYS E 57 -31.67 1.56 7.73
CA LYS E 57 -31.74 1.76 9.18
C LYS E 57 -30.40 1.44 9.84
N VAL E 58 -29.65 0.49 9.28
CA VAL E 58 -28.33 0.20 9.82
C VAL E 58 -27.42 1.43 9.69
N CYS E 59 -27.47 2.09 8.53
CA CYS E 59 -26.67 3.31 8.35
C CYS E 59 -27.14 4.43 9.28
N MET E 60 -28.46 4.54 9.47
CA MET E 60 -28.98 5.49 10.44
C MET E 60 -28.43 5.22 11.83
N TYR E 61 -28.34 3.93 12.21
CA TYR E 61 -27.78 3.59 13.50
C TYR E 61 -26.31 3.95 13.59
N PHE E 62 -25.57 3.77 12.50
CA PHE E 62 -24.18 4.21 12.48
C PHE E 62 -24.08 5.69 12.82
N THR E 63 -24.87 6.52 12.13
CA THR E 63 -24.82 7.96 12.39
C THR E 63 -25.22 8.28 13.82
N TYR E 64 -26.30 7.66 14.29
CA TYR E 64 -26.78 7.92 15.65
C TYR E 64 -25.73 7.53 16.68
N LYS E 65 -25.08 6.38 16.50
CA LYS E 65 -24.06 5.93 17.45
C LYS E 65 -22.88 6.88 17.45
N VAL E 66 -22.40 7.28 16.28
CA VAL E 66 -21.27 8.20 16.22
C VAL E 66 -21.63 9.53 16.88
N ARG E 67 -22.88 9.97 16.71
CA ARG E 67 -23.28 11.29 17.23
C ARG E 67 -23.44 11.28 18.75
N TYR E 68 -24.05 10.23 19.30
CA TYR E 68 -24.49 10.25 20.69
C TYR E 68 -23.64 9.42 21.65
N THR E 69 -22.60 8.75 21.18
CA THR E 69 -21.70 8.07 22.09
C THR E 69 -20.81 9.07 22.82
N ASN E 70 -20.72 8.91 24.14
CA ASN E 70 -19.98 9.83 25.02
C ASN E 70 -20.59 11.23 24.99
N SER E 71 -21.89 11.30 25.28
CA SER E 71 -22.61 12.56 25.33
C SER E 71 -23.39 12.62 26.64
N SER E 72 -23.19 13.72 27.38
CA SER E 72 -24.07 14.01 28.52
C SER E 72 -25.43 14.49 28.06
N THR E 73 -25.51 15.14 26.89
CA THR E 73 -26.77 15.62 26.37
C THR E 73 -27.78 14.48 26.28
N GLU E 74 -29.03 14.79 26.60
CA GLU E 74 -30.10 13.80 26.55
C GLU E 74 -30.10 13.07 25.23
N ILE E 75 -29.91 11.76 25.29
CA ILE E 75 -29.82 10.91 24.11
C ILE E 75 -31.22 10.52 23.71
N PRO E 76 -31.63 10.69 22.46
CA PRO E 76 -32.95 10.23 22.04
C PRO E 76 -32.92 8.73 21.77
N GLU E 77 -34.11 8.13 21.80
CA GLU E 77 -34.25 6.72 21.48
C GLU E 77 -33.95 6.49 20.00
N PHE E 78 -33.44 5.30 19.69
CA PHE E 78 -33.31 4.87 18.31
C PHE E 78 -34.61 4.23 17.87
N PRO E 79 -35.32 4.80 16.89
CA PRO E 79 -36.66 4.28 16.56
C PRO E 79 -36.59 3.10 15.61
N ILE E 80 -37.40 2.09 15.90
CA ILE E 80 -37.51 0.89 15.08
C ILE E 80 -38.98 0.58 14.87
N ALA E 81 -39.43 0.66 13.62
CA ALA E 81 -40.81 0.31 13.30
C ALA E 81 -41.05 -1.19 13.49
N PRO E 82 -42.26 -1.57 13.90
CA PRO E 82 -42.54 -3.01 14.12
C PRO E 82 -42.27 -3.87 12.89
N GLU E 83 -42.67 -3.40 11.71
CA GLU E 83 -42.60 -4.20 10.49
C GLU E 83 -41.17 -4.58 10.13
N ILE E 84 -40.18 -3.82 10.60
CA ILE E 84 -38.78 -4.13 10.34
C ILE E 84 -38.08 -4.70 11.56
N ALA E 85 -38.80 -4.90 12.68
CA ALA E 85 -38.14 -5.27 13.92
C ALA E 85 -37.46 -6.65 13.82
N LEU E 86 -38.11 -7.63 13.21
CA LEU E 86 -37.51 -8.96 13.11
C LEU E 86 -36.28 -8.94 12.21
N GLU E 87 -36.46 -8.51 10.96
CA GLU E 87 -35.36 -8.59 9.99
C GLU E 87 -34.14 -7.81 10.47
N LEU E 88 -34.36 -6.58 10.96
CA LEU E 88 -33.26 -5.81 11.53
C LEU E 88 -32.53 -6.60 12.59
N LEU E 89 -33.29 -7.22 13.50
CA LEU E 89 -32.68 -8.05 14.54
C LEU E 89 -31.79 -9.10 13.89
N MET E 90 -32.32 -9.81 12.89
CA MET E 90 -31.52 -10.83 12.22
C MET E 90 -30.25 -10.23 11.64
N ALA E 91 -30.37 -9.09 10.97
CA ALA E 91 -29.20 -8.43 10.43
C ALA E 91 -28.20 -8.14 11.53
N ALA E 92 -28.68 -7.58 12.65
CA ALA E 92 -27.77 -7.32 13.76
C ALA E 92 -27.13 -8.61 14.25
N ASN E 93 -27.93 -9.66 14.40
CA ASN E 93 -27.39 -10.92 14.87
C ASN E 93 -26.35 -11.47 13.91
N PHE E 94 -26.51 -11.19 12.60
CA PHE E 94 -25.55 -11.69 11.65
C PHE E 94 -24.31 -10.81 11.57
N LEU E 95 -24.44 -9.54 11.98
CA LEU E 95 -23.32 -8.61 11.92
C LEU E 95 -22.73 -8.28 13.29
N ASP E 96 -23.37 -8.73 14.37
CA ASP E 96 -22.91 -8.42 15.73
C ASP E 96 -22.77 -6.90 15.92
N CYS E 97 -23.82 -6.18 15.54
CA CYS E 97 -23.84 -4.72 15.63
C CYS E 97 -24.49 -4.30 16.95
N VAL F 11 -21.36 -8.50 47.61
CA VAL F 11 -20.16 -7.67 47.51
C VAL F 11 -20.56 -6.21 47.38
N LEU F 12 -21.47 -5.93 46.47
CA LEU F 12 -21.98 -4.57 46.33
C LEU F 12 -23.08 -4.33 47.34
N ARG F 13 -22.83 -3.46 48.32
CA ARG F 13 -23.81 -3.15 49.34
C ARG F 13 -23.61 -1.71 49.79
N SER F 14 -24.67 -1.15 50.38
CA SER F 14 -24.61 0.21 50.89
C SER F 14 -23.95 0.27 52.27
N VAL F 15 -23.18 1.33 52.49
CA VAL F 15 -22.56 1.57 53.78
C VAL F 15 -23.57 2.32 54.65
N ASN F 16 -23.89 1.74 55.82
CA ASN F 16 -24.84 2.37 56.75
C ASN F 16 -24.15 3.55 57.42
N SER F 17 -24.03 4.64 56.65
CA SER F 17 -23.30 5.81 57.13
C SER F 17 -24.09 6.66 58.12
N ARG F 18 -25.42 6.63 58.01
CA ARG F 18 -26.28 7.48 58.85
C ARG F 18 -25.94 8.96 58.68
N GLU F 19 -25.43 9.33 57.51
CA GLU F 19 -25.05 10.70 57.20
C GLU F 19 -25.87 11.18 56.01
N PRO F 20 -26.78 12.13 56.20
CA PRO F 20 -27.72 12.47 55.12
C PRO F 20 -27.04 13.15 53.93
N SER F 21 -27.69 12.98 52.78
CA SER F 21 -27.26 13.56 51.51
C SER F 21 -28.51 13.70 50.66
N GLN F 22 -28.86 14.93 50.28
CA GLN F 22 -30.03 15.16 49.45
C GLN F 22 -29.65 15.07 47.97
N VAL F 23 -30.47 14.37 47.20
CA VAL F 23 -30.14 14.14 45.80
C VAL F 23 -31.29 14.43 44.87
N ILE F 24 -30.97 14.82 43.65
CA ILE F 24 -31.99 15.05 42.65
C ILE F 24 -31.92 14.01 41.57
N PHE F 25 -32.97 13.20 41.47
CA PHE F 25 -33.05 12.23 40.40
C PHE F 25 -33.66 12.93 39.22
N ASN F 27 -34.66 12.50 35.40
CA ASN F 27 -34.87 11.59 34.29
C ASN F 27 -34.75 12.31 32.96
N ARG F 28 -33.57 12.19 32.33
CA ARG F 28 -33.32 12.70 31.00
C ARG F 28 -33.41 11.59 29.96
N SER F 29 -34.36 10.69 30.13
CA SER F 29 -34.64 9.58 29.24
C SER F 29 -36.12 9.57 28.90
N PRO F 30 -36.51 8.89 27.82
CA PRO F 30 -37.94 8.82 27.49
C PRO F 30 -38.63 7.61 28.10
N ARG F 31 -38.03 7.04 29.14
CA ARG F 31 -38.54 5.83 29.77
C ARG F 31 -39.00 6.14 31.19
N VAL F 32 -39.97 5.36 31.66
CA VAL F 32 -40.33 5.40 33.07
C VAL F 32 -39.21 4.72 33.86
N VAL F 33 -38.55 5.49 34.71
CA VAL F 33 -37.31 5.05 35.36
C VAL F 33 -37.63 4.46 36.72
N LEU F 34 -37.09 3.28 36.99
CA LEU F 34 -37.17 2.65 38.30
C LEU F 34 -35.84 2.81 39.01
N PRO F 35 -35.81 3.51 40.16
CA PRO F 35 -34.60 3.58 40.97
C PRO F 35 -34.52 2.35 41.87
N VAL F 36 -33.36 1.70 41.86
CA VAL F 36 -33.10 0.51 42.66
C VAL F 36 -31.98 0.87 43.62
N TRP F 37 -32.27 0.80 44.92
CA TRP F 37 -31.26 1.02 45.95
C TRP F 37 -30.74 -0.32 46.44
N LEU F 38 -29.43 -0.44 46.59
CA LEU F 38 -28.84 -1.64 47.13
C LEU F 38 -28.74 -1.50 48.64
N ASN F 39 -29.39 -2.41 49.36
CA ASN F 39 -29.44 -2.29 50.82
C ASN F 39 -28.11 -2.75 51.42
N PHE F 40 -28.06 -2.76 52.75
CA PHE F 40 -26.82 -3.11 53.44
C PHE F 40 -26.46 -4.57 53.29
N ASP F 41 -27.42 -5.43 52.92
CA ASP F 41 -27.17 -6.84 52.68
C ASP F 41 -26.85 -7.13 51.22
N GLY F 42 -26.77 -6.11 50.38
CA GLY F 42 -26.55 -6.32 48.96
C GLY F 42 -27.80 -6.63 48.15
N GLU F 43 -28.97 -6.61 48.78
CA GLU F 43 -30.20 -6.96 48.09
C GLU F 43 -30.77 -5.74 47.35
N PRO F 44 -31.11 -5.86 46.07
CA PRO F 44 -31.75 -4.74 45.37
C PRO F 44 -33.17 -4.51 45.88
N GLN F 45 -33.50 -3.23 46.13
CA GLN F 45 -34.81 -2.81 46.59
C GLN F 45 -35.35 -1.75 45.64
N PRO F 46 -36.54 -1.95 45.09
CA PRO F 46 -37.12 -0.94 44.20
C PRO F 46 -37.73 0.23 44.96
N TYR F 47 -37.78 1.37 44.31
CA TYR F 47 -38.33 2.60 44.84
C TYR F 47 -39.32 3.17 43.84
N PRO F 48 -40.08 4.21 44.21
CA PRO F 48 -41.09 4.75 43.28
C PRO F 48 -40.49 5.22 41.95
N THR F 49 -41.28 5.10 40.91
CA THR F 49 -40.81 5.44 39.57
C THR F 49 -40.87 6.87 39.15
N LEU F 50 -40.08 7.22 38.15
CA LEU F 50 -40.08 8.57 37.63
C LEU F 50 -40.55 8.59 36.19
N PRO F 51 -41.63 9.31 35.90
CA PRO F 51 -42.12 9.43 34.53
C PRO F 51 -41.09 10.15 33.67
N PRO F 52 -41.20 10.04 32.35
CA PRO F 52 -40.17 10.65 31.50
C PRO F 52 -40.10 12.15 31.68
N GLY F 53 -38.87 12.67 31.68
CA GLY F 53 -38.64 14.10 31.76
C GLY F 53 -38.97 14.73 33.08
N THR F 54 -39.02 13.96 34.16
CA THR F 54 -39.36 14.46 35.47
C THR F 54 -38.14 14.37 36.38
N GLY F 55 -38.13 15.17 37.42
CA GLY F 55 -37.04 15.13 38.37
C GLY F 55 -37.63 15.24 39.75
N ARG F 56 -37.04 14.56 40.72
CA ARG F 56 -37.53 14.63 42.08
C ARG F 56 -36.39 14.69 43.08
N ARG F 57 -36.62 15.36 44.20
CA ARG F 57 -35.61 15.42 45.26
C ARG F 57 -35.80 14.30 46.23
N ILE F 58 -34.71 13.65 46.58
CA ILE F 58 -34.78 12.53 47.48
C ILE F 58 -33.80 12.64 48.61
N HIS F 59 -34.07 11.98 49.73
CA HIS F 59 -33.15 11.94 50.84
C HIS F 59 -32.46 10.59 50.80
N SER F 60 -31.13 10.59 50.79
CA SER F 60 -30.39 9.35 50.85
C SER F 60 -29.17 9.63 51.71
N TYR F 61 -28.16 8.79 51.60
CA TYR F 61 -26.99 8.94 52.44
C TYR F 61 -25.78 8.52 51.66
N ARG F 62 -24.60 8.79 52.20
CA ARG F 62 -23.37 8.41 51.53
C ARG F 62 -23.10 6.94 51.67
N GLY F 63 -22.31 6.37 50.77
CA GLY F 63 -22.07 4.96 50.77
C GLY F 63 -23.21 4.15 50.23
N HIS F 64 -24.36 4.77 49.96
CA HIS F 64 -25.48 4.04 49.42
C HIS F 64 -25.33 3.91 47.92
N LEU F 65 -25.75 2.78 47.38
CA LEU F 65 -25.61 2.47 45.97
C LEU F 65 -26.97 2.49 45.29
N TRP F 66 -27.01 3.16 44.14
CA TRP F 66 -28.22 3.31 43.36
C TRP F 66 -27.92 2.88 41.94
N LEU F 67 -28.84 2.14 41.33
CA LEU F 67 -28.81 1.87 39.91
C LEU F 67 -30.19 2.16 39.37
N PHE F 68 -30.30 2.31 38.05
CA PHE F 68 -31.56 2.76 37.46
C PHE F 68 -31.90 1.91 36.25
N ARG F 69 -33.17 1.51 36.15
CA ARG F 69 -33.62 0.61 35.09
C ARG F 69 -34.89 1.13 34.46
N ASP F 70 -35.27 0.54 33.32
CA ASP F 70 -36.59 0.77 32.78
C ASP F 70 -37.62 0.08 33.67
N ALA F 71 -38.69 0.80 34.01
CA ALA F 71 -39.68 0.25 34.93
C ALA F 71 -40.44 -0.91 34.31
N GLY F 72 -40.67 -0.89 33.00
CA GLY F 72 -41.44 -1.96 32.38
C GLY F 72 -40.61 -3.12 31.87
N THR F 73 -39.38 -2.84 31.42
CA THR F 73 -38.54 -3.84 30.78
C THR F 73 -37.24 -4.12 31.53
N HIS F 74 -36.90 -3.34 32.54
CA HIS F 74 -35.67 -3.51 33.32
C HIS F 74 -34.42 -3.31 32.47
N ASP F 75 -34.54 -2.63 31.33
CA ASP F 75 -33.36 -2.30 30.54
C ASP F 75 -32.44 -1.40 31.37
N GLY F 76 -31.13 -1.60 31.21
CA GLY F 76 -30.18 -0.84 31.98
C GLY F 76 -30.11 0.61 31.50
N LEU F 77 -30.00 1.53 32.47
CA LEU F 77 -29.87 2.95 32.20
C LEU F 77 -28.64 3.48 32.91
N LEU F 78 -28.16 4.63 32.46
CA LEU F 78 -26.94 5.22 32.99
C LEU F 78 -27.27 6.41 33.89
N VAL F 79 -26.55 6.50 35.01
CA VAL F 79 -26.63 7.64 35.90
C VAL F 79 -25.27 8.32 35.94
N ASN F 80 -25.21 9.60 35.62
CA ASN F 80 -23.93 10.30 35.57
C ASN F 80 -22.98 9.56 34.66
N GLN F 81 -23.50 9.02 33.57
CA GLN F 81 -22.70 8.35 32.55
C GLN F 81 -22.01 7.09 33.09
N THR F 82 -22.44 6.59 34.24
CA THR F 82 -21.90 5.36 34.82
C THR F 82 -23.06 4.49 35.28
N GLU F 83 -22.75 3.24 35.62
CA GLU F 83 -23.80 2.30 36.03
C GLU F 83 -24.27 2.59 37.45
N LEU F 84 -23.36 2.99 38.34
CA LEU F 84 -23.66 3.12 39.75
C LEU F 84 -23.53 4.57 40.21
N PHE F 85 -24.47 4.97 41.08
CA PHE F 85 -24.45 6.31 41.65
C PHE F 85 -24.34 6.25 43.15
N VAL F 86 -23.36 6.94 43.69
CA VAL F 86 -23.16 7.00 45.13
C VAL F 86 -23.29 8.45 45.57
N PRO F 87 -24.33 8.80 46.34
CA PRO F 87 -24.44 10.16 46.86
C PRO F 87 -23.19 10.54 47.65
N SER F 88 -22.76 11.79 47.49
CA SER F 88 -21.62 12.33 48.21
C SER F 88 -22.08 13.43 49.17
N LEU F 89 -21.12 14.19 49.70
CA LEU F 89 -21.44 15.29 50.59
C LEU F 89 -22.06 16.46 49.83
N ASN F 90 -23.09 17.08 50.42
CA ASN F 90 -23.72 18.26 49.85
C ASN F 90 -22.90 19.50 50.22
N VAL F 91 -22.49 20.27 49.22
CA VAL F 91 -21.71 21.48 49.43
C VAL F 91 -22.63 22.67 49.28
N ASP F 92 -22.76 23.46 50.36
CA ASP F 92 -23.59 24.68 50.36
C ASP F 92 -25.05 24.37 50.05
N GLY F 93 -25.58 23.31 50.65
CA GLY F 93 -26.97 22.94 50.41
C GLY F 93 -27.29 22.53 49.00
N GLN F 94 -26.26 22.29 48.20
CA GLN F 94 -26.45 21.90 46.82
C GLN F 94 -26.66 20.40 46.72
N PRO F 95 -27.74 19.98 46.09
CA PRO F 95 -27.98 18.55 46.08
C PRO F 95 -27.03 17.87 45.15
N ILE F 96 -27.03 16.55 45.18
CA ILE F 96 -26.18 15.80 44.30
C ILE F 96 -27.07 15.35 43.16
N PHE F 97 -26.67 15.68 41.94
CA PHE F 97 -27.48 15.34 40.79
C PHE F 97 -27.25 13.96 40.24
N ALA F 98 -28.33 13.25 39.96
CA ALA F 98 -28.24 11.96 39.35
C ALA F 98 -28.96 12.08 38.06
N ASN F 99 -28.21 12.17 36.97
CA ASN F 99 -28.82 12.34 35.67
C ASN F 99 -28.97 11.02 34.97
N ILE F 100 -30.20 10.55 34.84
CA ILE F 100 -30.47 9.25 34.24
C ILE F 100 -30.72 9.46 32.75
N THR F 101 -29.85 8.87 31.93
CA THR F 101 -29.95 8.99 30.48
C THR F 101 -29.94 7.60 29.87
N LEU F 102 -30.33 7.55 28.60
CA LEU F 102 -30.28 6.31 27.83
C LEU F 102 -28.84 6.00 27.43
N PRO F 103 -28.39 4.76 27.57
CA PRO F 103 -27.11 4.38 26.97
C PRO F 103 -27.24 4.27 25.46
N VAL F 104 -26.10 4.30 24.79
CA VAL F 104 -26.10 3.99 23.36
C VAL F 104 -26.06 2.47 23.25
N TYR F 105 -27.22 1.85 23.13
CA TYR F 105 -27.29 0.40 23.05
C TYR F 105 -26.71 -0.09 21.74
N THR F 106 -26.21 -1.33 21.77
CA THR F 106 -25.90 -2.01 20.52
C THR F 106 -27.19 -2.22 19.75
N LEU F 107 -27.09 -2.27 18.42
CA LEU F 107 -28.27 -2.43 17.58
C LEU F 107 -29.04 -3.69 17.95
N LYS F 108 -28.31 -4.76 18.29
CA LYS F 108 -28.96 -6.02 18.66
C LYS F 108 -29.77 -5.89 19.94
N GLU F 109 -29.24 -5.18 20.94
CA GLU F 109 -29.98 -5.02 22.19
C GLU F 109 -31.24 -4.18 21.98
N ARG F 110 -31.16 -3.15 21.13
CA ARG F 110 -32.34 -2.33 20.83
C ARG F 110 -33.40 -3.15 20.09
N CYS F 111 -32.97 -3.97 19.11
CA CYS F 111 -33.92 -4.82 18.41
C CYS F 111 -34.55 -5.83 19.36
N LEU F 112 -33.75 -6.40 20.27
CA LEU F 112 -34.30 -7.31 21.26
C LEU F 112 -35.34 -6.60 22.13
N GLN F 113 -35.04 -5.38 22.56
CA GLN F 113 -36.00 -4.61 23.34
C GLN F 113 -37.31 -4.44 22.58
N VAL F 114 -37.22 -4.06 21.30
CA VAL F 114 -38.42 -3.80 20.52
C VAL F 114 -39.25 -5.07 20.37
N VAL F 115 -38.61 -6.16 19.97
CA VAL F 115 -39.35 -7.41 19.76
C VAL F 115 -39.94 -7.90 21.09
N ARG F 116 -39.22 -7.75 22.20
CA ARG F 116 -39.75 -8.14 23.50
C ARG F 116 -40.98 -7.31 23.83
N SER F 117 -40.95 -6.01 23.56
CA SER F 117 -42.09 -5.16 23.82
C SER F 117 -43.26 -5.47 22.89
N LEU F 118 -43.01 -6.11 21.75
CA LEU F 118 -44.07 -6.38 20.79
C LEU F 118 -44.62 -7.80 20.87
N VAL F 119 -43.84 -8.77 21.34
CA VAL F 119 -44.24 -10.17 21.36
C VAL F 119 -44.38 -10.63 22.80
N LYS F 120 -45.48 -11.31 23.09
CA LYS F 120 -45.67 -11.90 24.40
C LYS F 120 -44.63 -13.00 24.65
N PRO F 121 -44.18 -13.18 25.89
CA PRO F 121 -43.10 -14.14 26.14
C PRO F 121 -43.44 -15.57 25.74
N GLU F 122 -44.73 -15.93 25.68
CA GLU F 122 -45.11 -17.28 25.26
C GLU F 122 -44.82 -17.52 23.79
N ASN F 123 -44.94 -16.51 22.95
CA ASN F 123 -44.93 -16.69 21.50
C ASN F 123 -43.57 -16.35 20.89
N TYR F 124 -42.50 -16.29 21.71
CA TYR F 124 -41.16 -16.06 21.17
C TYR F 124 -40.74 -17.19 20.24
N ARG F 125 -41.08 -18.44 20.59
CA ARG F 125 -40.65 -19.58 19.80
C ARG F 125 -41.38 -19.65 18.46
N ARG F 126 -42.50 -18.95 18.32
CA ARG F 126 -43.24 -18.94 17.05
C ARG F 126 -42.59 -18.05 16.00
N LEU F 127 -41.59 -17.25 16.36
CA LEU F 127 -40.93 -16.38 15.39
C LEU F 127 -40.03 -17.16 14.45
N ASP F 128 -39.90 -16.69 13.21
CA ASP F 128 -39.04 -17.31 12.21
C ASP F 128 -37.65 -16.68 12.28
N ILE F 129 -36.90 -17.11 13.29
CA ILE F 129 -35.52 -16.67 13.52
C ILE F 129 -34.70 -17.83 14.08
N VAL F 130 -33.39 -17.64 14.13
CA VAL F 130 -32.49 -18.66 14.64
C VAL F 130 -32.74 -18.87 16.13
N ARG F 131 -32.48 -20.10 16.60
CA ARG F 131 -32.73 -20.43 18.00
C ARG F 131 -31.91 -19.56 18.95
N SER F 132 -30.72 -19.13 18.50
CA SER F 132 -29.92 -18.21 19.30
C SER F 132 -30.70 -16.96 19.64
N LEU F 133 -31.48 -16.45 18.69
CA LEU F 133 -32.26 -15.25 18.94
C LEU F 133 -33.40 -15.52 19.90
N TYR F 134 -33.96 -16.73 19.88
CA TYR F 134 -34.99 -17.08 20.87
C TYR F 134 -34.39 -17.06 22.28
N GLU F 135 -33.22 -17.69 22.44
CA GLU F 135 -32.55 -17.67 23.74
C GLU F 135 -32.21 -16.25 24.16
N ASP F 136 -31.80 -15.41 23.21
CA ASP F 136 -31.50 -14.01 23.52
C ASP F 136 -32.75 -13.26 23.97
N LEU F 137 -33.88 -13.52 23.33
CA LEU F 137 -35.13 -12.87 23.74
C LEU F 137 -35.52 -13.28 25.15
N GLU F 138 -35.39 -14.57 25.48
CA GLU F 138 -35.76 -15.03 26.82
C GLU F 138 -34.85 -14.44 27.89
N ASP F 139 -33.61 -14.09 27.53
CA ASP F 139 -32.71 -13.46 28.48
C ASP F 139 -33.21 -12.06 28.80
N HIS F 140 -34.17 -11.92 29.76
CA HIS F 140 -34.57 -10.55 30.02
C HIS F 140 -33.66 -9.95 31.07
N PRO F 141 -33.37 -8.65 30.98
CA PRO F 141 -32.49 -8.04 31.99
C PRO F 141 -33.11 -8.17 33.38
N ASN F 142 -32.34 -8.71 34.31
CA ASN F 142 -32.76 -8.82 35.70
C ASN F 142 -31.57 -8.40 36.56
N VAL F 143 -31.81 -7.44 37.45
CA VAL F 143 -30.73 -6.71 38.12
C VAL F 143 -29.75 -7.63 38.85
N GLN F 144 -30.27 -8.67 39.50
CA GLN F 144 -29.40 -9.49 40.35
C GLN F 144 -28.33 -10.24 39.56
N LYS F 145 -28.69 -10.79 38.40
CA LYS F 145 -27.69 -11.46 37.57
C LYS F 145 -26.61 -10.48 37.13
N ASP F 146 -27.01 -9.25 36.86
CA ASP F 146 -26.09 -8.17 36.52
C ASP F 146 -25.09 -7.91 37.64
N LEU F 147 -25.60 -7.92 38.86
CA LEU F 147 -24.75 -7.69 40.01
C LEU F 147 -23.78 -8.83 40.17
N GLU F 148 -24.21 -10.04 39.82
CA GLU F 148 -23.36 -11.22 39.97
C GLU F 148 -22.17 -11.15 39.05
N ARG F 149 -22.37 -10.60 37.87
CA ARG F 149 -21.28 -10.47 36.92
C ARG F 149 -20.25 -9.47 37.40
N LEU F 150 -20.72 -8.35 37.94
CA LEU F 150 -19.80 -7.35 38.45
C LEU F 150 -18.98 -7.99 39.53
N THR F 151 -19.61 -8.83 40.32
CA THR F 151 -18.91 -9.50 41.39
C THR F 151 -18.26 -10.77 40.87
N MET G 1 -7.02 -3.74 -17.44
CA MET G 1 -8.15 -4.65 -17.58
C MET G 1 -7.99 -5.53 -18.81
N ASP G 2 -7.79 -6.82 -18.58
CA ASP G 2 -7.64 -7.80 -19.65
C ASP G 2 -9.00 -8.22 -20.22
N VAL G 3 -9.05 -8.40 -21.53
CA VAL G 3 -10.20 -8.94 -22.24
C VAL G 3 -9.74 -10.18 -23.01
N PHE G 4 -10.61 -11.19 -23.08
CA PHE G 4 -10.30 -12.47 -23.67
C PHE G 4 -11.20 -12.71 -24.87
N LEU G 5 -10.62 -13.13 -25.99
CA LEU G 5 -11.29 -13.01 -27.27
C LEU G 5 -11.06 -14.26 -28.09
N MET G 6 -12.03 -14.55 -28.96
CA MET G 6 -11.90 -15.55 -30.03
C MET G 6 -11.92 -14.81 -31.37
N ILE G 7 -10.80 -14.85 -32.07
CA ILE G 7 -10.71 -14.35 -33.44
C ILE G 7 -11.06 -15.50 -34.38
N ARG G 8 -12.20 -15.39 -35.07
CA ARG G 8 -12.75 -16.51 -35.83
C ARG G 8 -12.87 -16.17 -37.31
N ARG G 9 -12.32 -17.03 -38.16
CA ARG G 9 -12.46 -16.86 -39.59
C ARG G 9 -12.56 -18.25 -40.20
N HIS G 10 -13.68 -18.57 -40.82
CA HIS G 10 -13.88 -19.92 -41.38
C HIS G 10 -13.84 -20.97 -40.30
N LYS G 11 -12.99 -21.99 -40.42
CA LYS G 11 -12.88 -22.97 -39.36
C LYS G 11 -11.69 -22.68 -38.44
N THR G 12 -11.09 -21.51 -38.56
CA THR G 12 -9.96 -21.10 -37.74
C THR G 12 -10.48 -20.27 -36.55
N THR G 13 -9.96 -20.59 -35.36
CA THR G 13 -10.33 -19.91 -34.12
C THR G 13 -9.06 -19.66 -33.32
N ILE G 14 -8.78 -18.40 -33.01
CA ILE G 14 -7.62 -18.01 -32.22
C ILE G 14 -8.10 -17.56 -30.85
N PHE G 15 -7.58 -18.18 -29.81
CA PHE G 15 -7.85 -17.76 -28.43
C PHE G 15 -6.74 -16.80 -28.01
N THR G 16 -7.11 -15.60 -27.57
CA THR G 16 -6.05 -14.65 -27.21
C THR G 16 -6.61 -13.58 -26.28
N ASP G 17 -5.71 -12.88 -25.60
CA ASP G 17 -6.09 -11.79 -24.71
C ASP G 17 -5.48 -10.47 -25.16
N ALA G 18 -6.10 -9.38 -24.73
CA ALA G 18 -5.60 -8.05 -24.99
C ALA G 18 -6.07 -7.13 -23.88
N LYS G 19 -5.69 -5.87 -23.96
CA LYS G 19 -6.18 -4.90 -23.00
C LYS G 19 -7.42 -4.19 -23.51
N GLU G 20 -8.27 -3.78 -22.57
CA GLU G 20 -9.44 -3.00 -22.92
C GLU G 20 -9.07 -1.68 -23.58
N SER G 21 -7.88 -1.16 -23.28
CA SER G 21 -7.38 0.08 -23.87
C SER G 21 -6.63 -0.15 -25.18
N SER G 22 -6.29 -1.40 -25.51
CA SER G 22 -5.59 -1.65 -26.76
C SER G 22 -6.52 -1.41 -27.95
N THR G 23 -5.91 -1.03 -29.07
CA THR G 23 -6.68 -0.67 -30.26
C THR G 23 -6.90 -1.90 -31.15
N VAL G 24 -7.83 -1.73 -32.10
CA VAL G 24 -8.11 -2.80 -33.06
C VAL G 24 -6.91 -3.09 -33.93
N PHE G 25 -6.10 -2.08 -34.26
CA PHE G 25 -4.94 -2.30 -35.10
C PHE G 25 -3.90 -3.17 -34.40
N GLU G 26 -3.73 -3.00 -33.08
CA GLU G 26 -2.81 -3.86 -32.35
C GLU G 26 -3.29 -5.30 -32.32
N LEU G 27 -4.62 -5.49 -32.25
CA LEU G 27 -5.18 -6.82 -32.38
C LEU G 27 -4.88 -7.40 -33.76
N LYS G 28 -4.92 -6.56 -34.79
CA LYS G 28 -4.57 -7.01 -36.13
C LYS G 28 -3.10 -7.35 -36.20
N ARG G 29 -2.29 -6.66 -35.41
CA ARG G 29 -0.86 -6.96 -35.38
C ARG G 29 -0.59 -8.33 -34.73
N ILE G 30 -1.31 -8.66 -33.67
CA ILE G 30 -1.18 -10.02 -33.11
C ILE G 30 -1.68 -11.07 -34.11
N VAL G 31 -2.81 -10.79 -34.79
CA VAL G 31 -3.30 -11.73 -35.80
C VAL G 31 -2.29 -11.88 -36.93
N GLU G 32 -1.56 -10.80 -37.26
CA GLU G 32 -0.48 -10.92 -38.23
C GLU G 32 0.64 -11.80 -37.71
N GLY G 33 1.02 -11.62 -36.44
CA GLY G 33 2.07 -12.45 -35.88
C GLY G 33 1.70 -13.93 -35.88
N ILE G 34 0.41 -14.25 -35.79
CA ILE G 34 -0.02 -15.65 -35.79
C ILE G 34 -0.27 -16.21 -37.19
N LEU G 35 -1.13 -15.57 -37.98
CA LEU G 35 -1.55 -16.09 -39.27
C LEU G 35 -0.75 -15.54 -40.44
N LYS G 36 0.26 -14.70 -40.18
CA LYS G 36 1.23 -14.25 -41.18
C LYS G 36 0.57 -13.51 -42.33
N ARG G 37 -0.35 -12.61 -42.00
CA ARG G 37 -1.01 -11.77 -43.00
C ARG G 37 -1.03 -10.34 -42.47
N PRO G 38 -0.58 -9.37 -43.25
CA PRO G 38 -0.42 -8.00 -42.74
C PRO G 38 -1.77 -7.38 -42.41
N PRO G 39 -1.79 -6.37 -41.53
CA PRO G 39 -3.07 -5.77 -41.12
C PRO G 39 -3.84 -5.13 -42.26
N ASP G 40 -3.15 -4.70 -43.31
CA ASP G 40 -3.82 -4.11 -44.47
C ASP G 40 -4.66 -5.12 -45.21
N GLU G 41 -4.45 -6.40 -44.93
CA GLU G 41 -5.20 -7.43 -45.60
C GLU G 41 -6.20 -8.03 -44.65
N GLN G 42 -6.36 -7.41 -43.49
CA GLN G 42 -7.27 -7.92 -42.48
C GLN G 42 -8.41 -6.98 -42.22
N ARG G 43 -9.57 -7.53 -41.91
CA ARG G 43 -10.71 -6.70 -41.56
C ARG G 43 -11.46 -7.38 -40.43
N LEU G 44 -11.53 -6.72 -39.28
CA LEU G 44 -12.17 -7.32 -38.12
C LEU G 44 -13.57 -6.82 -37.89
N TYR G 45 -14.45 -7.72 -37.45
CA TYR G 45 -15.84 -7.36 -37.25
C TYR G 45 -16.38 -7.71 -35.89
N LYS G 46 -17.33 -6.93 -35.39
CA LYS G 46 -18.01 -7.28 -34.16
C LYS G 46 -19.33 -7.61 -34.73
N ASP G 47 -19.61 -8.88 -34.89
CA ASP G 47 -20.82 -9.26 -35.57
C ASP G 47 -20.68 -8.76 -36.97
N ASP G 48 -21.61 -7.93 -37.42
CA ASP G 48 -21.58 -7.47 -38.80
C ASP G 48 -21.00 -6.09 -38.92
N GLN G 49 -20.48 -5.57 -37.81
CA GLN G 49 -19.96 -4.22 -37.82
C GLN G 49 -18.48 -4.18 -38.07
N LEU G 50 -18.06 -3.40 -39.05
CA LEU G 50 -16.63 -3.27 -39.25
C LEU G 50 -16.06 -2.43 -38.15
N LEU G 51 -14.89 -2.81 -37.67
CA LEU G 51 -14.23 -2.12 -36.58
C LEU G 51 -13.11 -1.24 -37.09
N ASP G 52 -13.06 -0.01 -36.62
CA ASP G 52 -12.07 0.96 -37.08
C ASP G 52 -10.74 0.78 -36.35
N ASP G 53 -9.65 1.02 -37.10
CA ASP G 53 -8.31 0.69 -36.65
C ASP G 53 -7.87 1.46 -35.42
N GLY G 54 -8.31 2.71 -35.27
CA GLY G 54 -7.84 3.53 -34.16
C GLY G 54 -8.59 3.32 -32.86
N LYS G 55 -9.78 2.77 -32.91
CA LYS G 55 -10.64 2.61 -31.76
C LYS G 55 -10.22 1.45 -30.85
N THR G 56 -10.41 1.65 -29.55
CA THR G 56 -10.07 0.66 -28.54
C THR G 56 -11.12 -0.43 -28.45
N LEU G 57 -10.71 -1.57 -27.89
CA LEU G 57 -11.59 -2.72 -27.75
C LEU G 57 -12.76 -2.41 -26.82
N GLY G 58 -12.50 -1.66 -25.74
CA GLY G 58 -13.58 -1.26 -24.85
C GLY G 58 -14.61 -0.41 -25.54
N GLU G 59 -14.16 0.48 -26.43
CA GLU G 59 -15.05 1.31 -27.22
C GLU G 59 -15.95 0.46 -28.09
N GLY G 61 -17.03 -2.35 -27.37
CA GLY G 61 -17.87 -3.22 -26.56
C GLY G 61 -17.20 -4.39 -25.85
N PHE G 62 -15.90 -4.57 -26.07
CA PHE G 62 -15.18 -5.65 -25.44
C PHE G 62 -14.62 -5.20 -24.10
N THR G 63 -15.37 -5.47 -23.05
CA THR G 63 -14.99 -5.07 -21.71
C THR G 63 -14.47 -6.27 -20.92
N SER G 64 -13.67 -5.98 -19.89
CA SER G 64 -13.06 -7.03 -19.10
C SER G 64 -14.12 -7.92 -18.44
N GLN G 65 -15.31 -7.37 -18.22
CA GLN G 65 -16.40 -8.08 -17.55
C GLN G 65 -17.39 -8.72 -18.52
N THR G 66 -17.23 -8.53 -19.82
CA THR G 66 -18.00 -9.28 -20.81
C THR G 66 -17.18 -10.23 -21.65
N ALA G 67 -15.88 -9.98 -21.84
CA ALA G 67 -14.99 -10.92 -22.51
C ALA G 67 -14.23 -11.66 -21.42
N ARG G 68 -14.88 -12.69 -20.87
CA ARG G 68 -14.37 -13.44 -19.73
C ARG G 68 -13.49 -14.59 -20.18
N PRO G 69 -12.56 -15.04 -19.33
CA PRO G 69 -11.73 -16.19 -19.73
C PRO G 69 -12.54 -17.44 -19.99
N GLN G 70 -13.56 -17.70 -19.18
CA GLN G 70 -14.43 -18.85 -19.36
C GLN G 70 -15.52 -18.61 -20.39
N ALA G 71 -15.62 -17.39 -20.95
CA ALA G 71 -16.62 -17.10 -21.97
C ALA G 71 -16.16 -15.92 -22.82
N PRO G 72 -15.20 -16.13 -23.73
CA PRO G 72 -14.65 -15.00 -24.50
C PRO G 72 -15.60 -14.51 -25.58
N ALA G 73 -15.40 -13.25 -25.96
CA ALA G 73 -16.20 -12.64 -27.02
C ALA G 73 -15.64 -13.01 -28.39
N THR G 74 -16.53 -13.05 -29.38
CA THR G 74 -16.19 -13.44 -30.74
C THR G 74 -15.89 -12.22 -31.59
N VAL G 75 -14.76 -12.26 -32.29
CA VAL G 75 -14.36 -11.22 -33.23
C VAL G 75 -14.11 -11.89 -34.57
N GLY G 76 -14.88 -11.53 -35.58
CA GLY G 76 -14.71 -12.10 -36.91
C GLY G 76 -13.57 -11.54 -37.71
N LEU G 77 -12.94 -12.38 -38.52
CA LEU G 77 -11.83 -11.93 -39.35
C LEU G 77 -12.05 -12.18 -40.83
N ALA G 78 -11.60 -11.25 -41.66
CA ALA G 78 -11.69 -11.42 -43.10
C ALA G 78 -10.35 -11.03 -43.70
N PHE G 79 -9.87 -11.83 -44.64
CA PHE G 79 -8.60 -11.54 -45.29
C PHE G 79 -8.83 -11.02 -46.69
N ARG G 80 -7.83 -10.35 -47.25
CA ARG G 80 -7.99 -9.76 -48.58
C ARG G 80 -7.53 -10.64 -49.72
N ALA G 81 -8.45 -10.92 -50.64
CA ALA G 81 -8.09 -11.71 -51.80
C ALA G 81 -7.35 -10.83 -52.78
N ASP G 82 -6.17 -10.38 -52.37
CA ASP G 82 -5.35 -9.54 -53.24
C ASP G 82 -6.05 -8.20 -53.46
N ASP G 83 -7.02 -8.16 -54.36
CA ASP G 83 -7.80 -6.94 -54.58
C ASP G 83 -9.00 -6.88 -53.67
N THR G 84 -9.86 -7.89 -53.76
CA THR G 84 -11.10 -7.87 -52.99
C THR G 84 -10.97 -8.42 -51.58
N PHE G 85 -11.84 -7.96 -50.70
CA PHE G 85 -11.85 -8.47 -49.35
C PHE G 85 -12.94 -9.51 -49.32
N GLU G 86 -12.66 -10.66 -48.74
CA GLU G 86 -13.63 -11.72 -48.69
C GLU G 86 -14.78 -11.33 -47.80
N ALA G 87 -15.85 -12.09 -47.87
CA ALA G 87 -16.95 -11.83 -46.99
C ALA G 87 -16.65 -12.47 -45.65
N LEU G 88 -17.36 -12.05 -44.61
CA LEU G 88 -17.15 -12.64 -43.31
C LEU G 88 -17.73 -14.04 -43.25
N ILE G 90 -17.75 -17.43 -40.86
CA ILE G 90 -17.40 -18.10 -39.63
C ILE G 90 -18.16 -19.43 -39.56
N GLU G 91 -17.44 -20.53 -39.73
CA GLU G 91 -18.08 -21.84 -39.69
C GLU G 91 -18.55 -22.15 -38.28
N PRO G 92 -19.80 -22.59 -38.11
CA PRO G 92 -20.29 -22.87 -36.76
C PRO G 92 -19.69 -24.15 -36.20
N PHE G 93 -19.62 -24.21 -34.87
CA PHE G 93 -19.14 -25.42 -34.22
C PHE G 93 -20.15 -26.55 -34.41
N SER G 94 -19.69 -27.77 -34.12
CA SER G 94 -20.55 -28.93 -34.27
C SER G 94 -21.74 -28.85 -33.31
N SER G 95 -22.83 -29.54 -33.68
CA SER G 95 -23.95 -29.45 -32.76
C SER G 95 -23.91 -30.63 -31.78
N PRO G 96 -24.19 -30.38 -30.51
CA PRO G 96 -24.22 -31.45 -29.51
C PRO G 96 -25.37 -32.41 -29.77
N PRO G 97 -25.28 -33.65 -29.29
CA PRO G 97 -26.38 -34.60 -29.48
C PRO G 97 -27.57 -34.24 -28.61
N GLU G 98 -28.66 -34.96 -28.84
CA GLU G 98 -29.85 -34.81 -28.02
C GLU G 98 -29.56 -35.27 -26.59
N LEU G 99 -30.16 -34.59 -25.63
CA LEU G 99 -29.93 -34.94 -24.23
C LEU G 99 -30.50 -36.33 -23.95
N PRO G 100 -29.71 -37.24 -23.39
CA PRO G 100 -30.22 -38.58 -23.05
C PRO G 100 -31.39 -38.51 -22.08
N ASP G 101 -32.19 -39.58 -22.09
CA ASP G 101 -33.40 -39.61 -21.28
C ASP G 101 -33.11 -39.36 -19.81
N VAL G 102 -31.97 -39.85 -19.31
CA VAL G 102 -31.65 -39.71 -17.89
C VAL G 102 -31.36 -38.26 -17.53
N MET G 103 -30.82 -37.47 -18.47
CA MET G 103 -30.53 -36.06 -18.23
C MET G 103 -31.71 -35.14 -18.49
N LYS G 104 -32.69 -35.57 -19.28
CA LYS G 104 -33.84 -34.73 -19.59
C LYS G 104 -34.79 -34.65 -18.39
N MET H 2 4.52 -17.66 -28.50
CA MET H 2 4.48 -18.98 -29.12
C MET H 2 3.08 -19.57 -29.03
N TYR H 3 2.50 -19.91 -30.18
CA TYR H 3 1.17 -20.46 -30.25
C TYR H 3 1.20 -21.86 -30.86
N VAL H 4 0.23 -22.68 -30.46
CA VAL H 4 0.08 -24.05 -30.92
C VAL H 4 -1.33 -24.21 -31.49
N LYS H 5 -1.51 -25.24 -32.31
CA LYS H 5 -2.77 -25.49 -32.99
C LYS H 5 -3.33 -26.86 -32.61
N LEU H 6 -4.61 -26.87 -32.23
CA LEU H 6 -5.34 -28.08 -31.87
C LEU H 6 -6.52 -28.20 -32.82
N ILE H 7 -6.57 -29.29 -33.58
CA ILE H 7 -7.64 -29.51 -34.56
C ILE H 7 -8.64 -30.47 -33.96
N SER H 8 -9.91 -30.10 -33.98
CA SER H 8 -10.96 -30.96 -33.48
C SER H 8 -11.24 -32.08 -34.49
N SER H 9 -12.21 -32.94 -34.16
CA SER H 9 -12.53 -34.05 -35.05
C SER H 9 -13.14 -33.59 -36.36
N ASP H 10 -13.91 -32.49 -36.34
CA ASP H 10 -14.59 -31.99 -37.52
C ASP H 10 -13.78 -30.93 -38.28
N GLY H 11 -12.49 -30.82 -38.02
CA GLY H 11 -11.62 -29.96 -38.81
C GLY H 11 -11.42 -28.57 -38.27
N HIS H 12 -12.08 -28.21 -37.17
CA HIS H 12 -11.93 -26.87 -36.61
C HIS H 12 -10.55 -26.73 -35.96
N GLU H 13 -9.84 -25.67 -36.33
CA GLU H 13 -8.48 -25.42 -35.86
C GLU H 13 -8.49 -24.30 -34.82
N PHE H 14 -8.10 -24.62 -33.60
CA PHE H 14 -8.03 -23.65 -32.50
C PHE H 14 -6.57 -23.33 -32.21
N ILE H 15 -6.23 -22.05 -32.29
CA ILE H 15 -4.87 -21.57 -32.01
C ILE H 15 -4.84 -20.99 -30.60
N VAL H 16 -4.07 -21.63 -29.72
CA VAL H 16 -3.97 -21.25 -28.32
C VAL H 16 -2.51 -21.10 -27.94
N LYS H 17 -2.23 -20.27 -26.93
CA LYS H 17 -0.87 -20.14 -26.44
C LYS H 17 -0.32 -21.49 -25.97
N ARG H 18 0.95 -21.74 -26.25
CA ARG H 18 1.57 -23.01 -25.90
C ARG H 18 1.49 -23.28 -24.40
N GLU H 19 1.79 -22.26 -23.59
CA GLU H 19 1.76 -22.44 -22.14
C GLU H 19 0.37 -22.88 -21.67
N HIS H 20 -0.68 -22.33 -22.30
CA HIS H 20 -2.04 -22.74 -21.94
C HIS H 20 -2.30 -24.19 -22.31
N ALA H 21 -1.78 -24.63 -23.46
CA ALA H 21 -2.00 -26.00 -23.90
C ALA H 21 -1.21 -26.99 -23.06
N LEU H 22 -0.06 -26.59 -22.53
CA LEU H 22 0.72 -27.46 -21.67
C LEU H 22 0.05 -27.71 -20.32
N THR H 23 -1.11 -27.11 -20.07
CA THR H 23 -1.90 -27.46 -18.89
C THR H 23 -2.19 -28.94 -18.85
N SER H 24 -2.48 -29.52 -20.01
CA SER H 24 -2.67 -30.96 -20.12
C SER H 24 -1.32 -31.61 -20.40
N GLY H 25 -0.88 -32.50 -19.52
CA GLY H 25 0.31 -33.27 -19.81
C GLY H 25 0.13 -34.18 -21.00
N THR H 26 -1.12 -34.55 -21.30
CA THR H 26 -1.42 -35.37 -22.46
C THR H 26 -1.05 -34.63 -23.75
N ILE H 27 -1.47 -33.36 -23.88
CA ILE H 27 -1.05 -32.56 -25.02
C ILE H 27 0.46 -32.32 -25.00
N LYS H 28 1.04 -32.18 -23.80
CA LYS H 28 2.49 -32.00 -23.71
C LYS H 28 3.22 -33.19 -24.31
N ALA H 29 2.69 -34.40 -24.06
CA ALA H 29 3.27 -35.60 -24.67
C ALA H 29 2.99 -35.63 -26.17
N MET H 30 1.81 -35.16 -26.61
CA MET H 30 1.56 -35.15 -28.05
C MET H 30 2.48 -34.18 -28.79
N LEU H 31 2.93 -33.11 -28.13
CA LEU H 31 3.81 -32.17 -28.81
C LEU H 31 5.24 -32.69 -28.87
N SER H 32 5.68 -33.42 -27.85
CA SER H 32 7.04 -33.96 -27.82
C SER H 32 7.03 -35.45 -27.51
N ASN H 43 3.92 -28.88 -33.89
CA ASN H 43 3.21 -27.75 -33.29
C ASN H 43 1.71 -27.84 -33.56
N GLU H 44 1.27 -29.01 -34.02
CA GLU H 44 -0.13 -29.27 -34.34
C GLU H 44 -0.56 -30.60 -33.77
N VAL H 45 -1.77 -30.65 -33.22
CA VAL H 45 -2.29 -31.88 -32.60
C VAL H 45 -3.70 -32.14 -33.11
N ASN H 46 -3.96 -33.38 -33.55
CA ASN H 46 -5.26 -33.80 -34.05
C ASN H 46 -5.97 -34.66 -33.01
N PHE H 47 -7.22 -34.31 -32.73
CA PHE H 47 -8.08 -35.04 -31.78
C PHE H 47 -9.20 -35.69 -32.59
N ARG H 48 -9.04 -36.99 -32.88
CA ARG H 48 -9.93 -37.63 -33.84
C ARG H 48 -11.34 -37.92 -33.31
N GLU H 49 -11.57 -37.93 -32.00
CA GLU H 49 -12.94 -38.10 -31.52
C GLU H 49 -13.42 -36.95 -30.63
N ILE H 50 -12.73 -35.82 -30.61
CA ILE H 50 -13.16 -34.67 -29.82
C ILE H 50 -13.72 -33.63 -30.79
N PRO H 51 -15.02 -33.33 -30.72
CA PRO H 51 -15.62 -32.37 -31.65
C PRO H 51 -15.30 -30.94 -31.25
N SER H 52 -15.65 -30.02 -32.14
CA SER H 52 -15.34 -28.61 -31.95
C SER H 52 -16.10 -28.03 -30.76
N HIS H 53 -17.38 -28.38 -30.63
CA HIS H 53 -18.19 -27.86 -29.53
C HIS H 53 -17.70 -28.34 -28.17
N VAL H 54 -16.76 -29.27 -28.14
CA VAL H 54 -16.11 -29.69 -26.90
C VAL H 54 -14.71 -29.11 -26.78
N LEU H 55 -13.94 -29.09 -27.87
CA LEU H 55 -12.56 -28.61 -27.80
C LEU H 55 -12.50 -27.11 -27.57
N SER H 56 -13.48 -26.36 -28.09
CA SER H 56 -13.56 -24.94 -27.78
C SER H 56 -13.75 -24.71 -26.29
N LYS H 57 -14.64 -25.47 -25.66
CA LYS H 57 -14.82 -25.37 -24.22
C LYS H 57 -13.56 -25.80 -23.47
N VAL H 58 -12.81 -26.76 -24.02
CA VAL H 58 -11.54 -27.15 -23.39
C VAL H 58 -10.55 -25.98 -23.42
N CYS H 59 -10.45 -25.28 -24.55
CA CYS H 59 -9.55 -24.12 -24.62
C CYS H 59 -10.01 -23.02 -23.68
N MET H 60 -11.33 -22.81 -23.59
CA MET H 60 -11.86 -21.85 -22.62
C MET H 60 -11.49 -22.25 -21.19
N TYR H 61 -11.52 -23.55 -20.87
CA TYR H 61 -11.09 -23.97 -19.54
C TYR H 61 -9.60 -23.75 -19.33
N PHE H 62 -8.80 -23.94 -20.38
CA PHE H 62 -7.38 -23.61 -20.29
C PHE H 62 -7.20 -22.16 -19.87
N THR H 63 -7.90 -21.26 -20.55
CA THR H 63 -7.79 -19.84 -20.24
C THR H 63 -8.25 -19.55 -18.80
N TYR H 64 -9.37 -20.15 -18.41
CA TYR H 64 -9.97 -19.89 -17.09
C TYR H 64 -9.05 -20.34 -15.99
N LYS H 65 -8.50 -21.53 -16.14
CA LYS H 65 -7.56 -22.05 -15.18
C LYS H 65 -6.29 -21.24 -15.09
N VAL H 66 -5.69 -20.91 -16.23
CA VAL H 66 -4.46 -20.12 -16.20
C VAL H 66 -4.72 -18.77 -15.53
N ARG H 67 -5.92 -18.20 -15.74
CA ARG H 67 -6.19 -16.88 -15.16
C ARG H 67 -6.44 -16.97 -13.65
N TYR H 68 -7.17 -17.98 -13.20
CA TYR H 68 -7.67 -17.99 -11.82
C TYR H 68 -6.91 -18.92 -10.88
N THR H 69 -5.90 -19.64 -11.37
CA THR H 69 -5.07 -20.44 -10.47
C THR H 69 -4.13 -19.53 -9.68
N ASN H 70 -4.11 -19.71 -8.36
CA ASN H 70 -3.33 -18.87 -7.45
C ASN H 70 -3.82 -17.42 -7.53
N SER H 71 -5.12 -17.24 -7.32
CA SER H 71 -5.76 -15.94 -7.36
C SER H 71 -6.56 -15.74 -6.08
N SER H 72 -6.31 -14.61 -5.41
CA SER H 72 -7.16 -14.21 -4.29
C SER H 72 -8.53 -13.72 -4.75
N THR H 73 -8.61 -13.14 -5.95
CA THR H 73 -9.88 -12.65 -6.47
C THR H 73 -10.92 -13.78 -6.51
N GLU H 74 -12.16 -13.44 -6.15
CA GLU H 74 -13.26 -14.40 -6.13
C GLU H 74 -13.35 -15.14 -7.46
N ILE H 75 -13.26 -16.47 -7.37
CA ILE H 75 -13.27 -17.29 -8.60
C ILE H 75 -14.71 -17.55 -9.01
N PRO H 76 -15.09 -17.23 -10.24
CA PRO H 76 -16.45 -17.54 -10.69
C PRO H 76 -16.57 -19.00 -11.14
N GLU H 77 -17.81 -19.46 -11.21
CA GLU H 77 -18.07 -20.81 -11.68
C GLU H 77 -17.68 -20.95 -13.14
N PHE H 78 -17.22 -22.15 -13.49
CA PHE H 78 -17.00 -22.50 -14.89
C PHE H 78 -18.29 -23.08 -15.46
N PRO H 79 -18.90 -22.44 -16.47
CA PRO H 79 -20.20 -22.91 -16.94
C PRO H 79 -20.07 -24.03 -17.96
N ILE H 80 -20.90 -25.06 -17.81
CA ILE H 80 -20.95 -26.18 -18.74
C ILE H 80 -22.43 -26.45 -19.06
N ALA H 81 -22.79 -26.31 -20.32
CA ALA H 81 -24.14 -26.63 -20.73
C ALA H 81 -24.39 -28.13 -20.60
N PRO H 82 -25.61 -28.53 -20.27
CA PRO H 82 -25.90 -29.97 -20.11
C PRO H 82 -25.56 -30.82 -21.34
N GLU H 83 -25.89 -30.32 -22.54
CA GLU H 83 -25.75 -31.12 -23.75
C GLU H 83 -24.31 -31.57 -24.02
N ILE H 84 -23.32 -30.86 -23.46
CA ILE H 84 -21.91 -31.21 -23.66
C ILE H 84 -21.31 -31.87 -22.44
N ALA H 85 -22.10 -32.13 -21.40
CA ALA H 85 -21.53 -32.60 -20.15
C ALA H 85 -20.83 -33.95 -20.33
N LEU H 86 -21.44 -34.87 -21.09
CA LEU H 86 -20.84 -36.18 -21.28
C LEU H 86 -19.52 -36.09 -22.04
N GLU H 87 -19.56 -35.55 -23.27
CA GLU H 87 -18.39 -35.58 -24.12
C GLU H 87 -17.22 -34.82 -23.49
N LEU H 88 -17.50 -33.62 -22.96
CA LEU H 88 -16.47 -32.87 -22.27
C LEU H 88 -15.85 -33.73 -21.18
N LEU H 89 -16.66 -34.42 -20.40
CA LEU H 89 -16.14 -35.30 -19.35
C LEU H 89 -15.19 -36.33 -19.92
N MET H 90 -15.60 -36.98 -20.99
CA MET H 90 -14.75 -37.99 -21.60
C MET H 90 -13.45 -37.40 -22.09
N ALA H 91 -13.54 -36.21 -22.67
CA ALA H 91 -12.34 -35.54 -23.15
C ALA H 91 -11.45 -35.13 -21.99
N ALA H 92 -12.05 -34.76 -20.88
CA ALA H 92 -11.28 -34.36 -19.72
C ALA H 92 -10.49 -35.50 -19.17
N ASN H 93 -11.08 -36.69 -19.17
CA ASN H 93 -10.39 -37.87 -18.64
C ASN H 93 -9.18 -38.16 -19.48
N PHE H 94 -9.28 -37.90 -20.77
CA PHE H 94 -8.17 -38.14 -21.67
C PHE H 94 -7.01 -37.18 -21.51
N LEU H 95 -7.30 -35.93 -21.19
CA LEU H 95 -6.24 -34.93 -21.10
C LEU H 95 -5.82 -34.54 -19.70
N ASP H 96 -6.36 -35.22 -18.71
CA ASP H 96 -6.03 -34.94 -17.31
C ASP H 96 -5.97 -33.46 -16.99
N CYS H 97 -6.96 -32.70 -17.45
CA CYS H 97 -7.02 -31.28 -17.08
C CYS H 97 -8.10 -31.08 -16.02
N VAL I 11 -6.61 -36.77 15.19
CA VAL I 11 -5.51 -35.88 14.88
C VAL I 11 -6.01 -34.55 14.36
N LEU I 12 -6.77 -34.58 13.27
CA LEU I 12 -7.35 -33.35 12.79
C LEU I 12 -8.55 -33.12 13.67
N ARG I 13 -8.35 -32.39 14.76
CA ARG I 13 -9.40 -32.13 15.72
C ARG I 13 -9.21 -30.75 16.33
N SER I 14 -10.28 -30.23 16.92
CA SER I 14 -10.22 -28.94 17.60
C SER I 14 -9.59 -29.09 18.97
N VAL I 15 -8.88 -28.05 19.40
CA VAL I 15 -8.19 -28.03 20.67
C VAL I 15 -9.05 -27.22 21.65
N ASN I 16 -9.55 -27.90 22.68
CA ASN I 16 -10.45 -27.26 23.66
C ASN I 16 -9.67 -26.25 24.48
N SER I 17 -9.45 -25.08 23.89
CA SER I 17 -8.67 -24.03 24.53
C SER I 17 -9.52 -23.14 25.44
N ARG I 18 -10.82 -23.05 25.17
CA ARG I 18 -11.73 -22.15 25.89
C ARG I 18 -11.32 -20.69 25.77
N GLU I 19 -10.54 -20.35 24.74
CA GLU I 19 -10.21 -18.97 24.45
C GLU I 19 -11.06 -18.49 23.28
N PRO I 20 -11.92 -17.50 23.45
CA PRO I 20 -12.91 -17.18 22.42
C PRO I 20 -12.27 -16.49 21.22
N SER I 21 -13.06 -16.41 20.14
CA SER I 21 -12.57 -15.85 18.88
C SER I 21 -13.77 -15.55 17.99
N GLN I 22 -14.04 -14.27 17.76
CA GLN I 22 -15.04 -13.89 16.78
C GLN I 22 -14.49 -14.08 15.37
N VAL I 23 -15.28 -14.72 14.51
CA VAL I 23 -14.87 -14.99 13.14
C VAL I 23 -15.94 -14.44 12.21
N ILE I 24 -15.55 -14.10 10.99
CA ILE I 24 -16.50 -13.77 9.93
C ILE I 24 -16.43 -14.84 8.86
N PHE I 25 -17.54 -15.54 8.68
CA PHE I 25 -17.70 -16.47 7.56
C PHE I 25 -18.24 -15.69 6.37
N ASN I 27 -19.05 -15.84 2.46
CA ASN I 27 -19.27 -16.77 1.35
C ASN I 27 -19.13 -16.07 0.00
N ARG I 28 -17.89 -16.04 -0.51
CA ARG I 28 -17.63 -15.47 -1.83
C ARG I 28 -17.67 -16.54 -2.92
N SER I 29 -18.77 -17.27 -2.97
CA SER I 29 -18.96 -18.35 -3.92
C SER I 29 -20.46 -18.38 -4.29
N PRO I 30 -20.77 -18.95 -5.46
CA PRO I 30 -22.19 -19.07 -5.85
C PRO I 30 -22.94 -20.21 -5.19
N ARG I 31 -22.27 -21.04 -4.39
CA ARG I 31 -22.91 -22.19 -3.77
C ARG I 31 -23.37 -21.84 -2.36
N VAL I 32 -24.29 -22.64 -1.84
CA VAL I 32 -24.71 -22.53 -0.45
C VAL I 32 -23.66 -23.24 0.40
N VAL I 33 -22.89 -22.48 1.16
CA VAL I 33 -21.84 -23.04 2.01
C VAL I 33 -22.44 -23.67 3.24
N LEU I 34 -21.95 -24.87 3.56
CA LEU I 34 -22.20 -25.55 4.83
C LEU I 34 -20.90 -25.59 5.63
N PRO I 35 -20.85 -24.95 6.79
CA PRO I 35 -19.63 -24.97 7.61
C PRO I 35 -19.61 -26.21 8.49
N VAL I 36 -18.49 -26.93 8.46
CA VAL I 36 -18.28 -28.11 9.28
C VAL I 36 -17.22 -27.78 10.32
N TRP I 37 -17.55 -28.00 11.59
CA TRP I 37 -16.59 -27.84 12.68
C TRP I 37 -16.12 -29.21 13.12
N LEU I 38 -14.81 -29.42 13.12
CA LEU I 38 -14.26 -30.66 13.66
C LEU I 38 -14.24 -30.55 15.18
N ASN I 39 -14.94 -31.44 15.86
CA ASN I 39 -15.02 -31.37 17.31
C ASN I 39 -13.74 -31.90 17.93
N PHE I 40 -13.71 -32.02 19.26
CA PHE I 40 -12.49 -32.44 19.94
C PHE I 40 -12.17 -33.91 19.71
N ASP I 41 -13.16 -34.72 19.33
CA ASP I 41 -12.92 -36.10 18.94
C ASP I 41 -12.55 -36.24 17.46
N GLY I 42 -12.52 -35.14 16.73
CA GLY I 42 -12.31 -35.18 15.29
C GLY I 42 -13.56 -35.46 14.49
N GLU I 43 -14.73 -35.49 15.13
CA GLU I 43 -15.98 -35.74 14.43
C GLU I 43 -16.44 -34.47 13.73
N PRO I 44 -16.86 -34.55 12.47
CA PRO I 44 -17.39 -33.37 11.77
C PRO I 44 -18.81 -33.07 12.23
N GLN I 45 -19.04 -31.84 12.70
CA GLN I 45 -20.36 -31.38 13.11
C GLN I 45 -20.83 -30.29 12.17
N PRO I 46 -21.93 -30.48 11.46
CA PRO I 46 -22.43 -29.43 10.57
C PRO I 46 -23.05 -28.27 11.35
N TYR I 47 -23.13 -27.13 10.68
CA TYR I 47 -23.62 -25.89 11.25
C TYR I 47 -24.55 -25.22 10.25
N PRO I 48 -25.35 -24.22 10.66
CA PRO I 48 -26.27 -23.57 9.71
C PRO I 48 -25.56 -23.09 8.46
N THR I 49 -26.27 -23.17 7.34
CA THR I 49 -25.69 -22.84 6.04
C THR I 49 -25.69 -21.35 5.79
N LEU I 50 -24.80 -20.92 4.90
CA LEU I 50 -24.73 -19.54 4.42
C LEU I 50 -25.23 -19.45 2.99
N PRO I 51 -26.16 -18.56 2.69
CA PRO I 51 -26.58 -18.34 1.29
C PRO I 51 -25.46 -17.71 0.50
N PRO I 52 -25.48 -17.83 -0.83
CA PRO I 52 -24.40 -17.25 -1.65
C PRO I 52 -24.22 -15.76 -1.40
N GLY I 53 -22.96 -15.33 -1.38
CA GLY I 53 -22.63 -13.93 -1.26
C GLY I 53 -22.95 -13.29 0.07
N THR I 54 -23.12 -14.08 1.12
CA THR I 54 -23.47 -13.56 2.43
C THR I 54 -22.29 -13.69 3.38
N GLY I 55 -22.29 -12.85 4.41
CA GLY I 55 -21.28 -12.89 5.45
C GLY I 55 -21.88 -12.82 6.84
N ARG I 56 -21.56 -13.81 7.66
CA ARG I 56 -22.04 -13.89 9.03
C ARG I 56 -20.87 -13.71 10.00
N ARG I 57 -21.19 -13.31 11.22
CA ARG I 57 -20.21 -13.15 12.29
C ARG I 57 -20.51 -14.20 13.36
N ILE I 58 -19.68 -15.23 13.46
CA ILE I 58 -19.89 -16.30 14.42
C ILE I 58 -18.95 -16.08 15.60
N HIS I 59 -19.19 -16.86 16.65
CA HIS I 59 -18.35 -16.89 17.85
C HIS I 59 -17.79 -18.30 17.95
N SER I 60 -16.53 -18.48 17.56
CA SER I 60 -15.81 -19.72 17.72
C SER I 60 -14.78 -19.56 18.84
N TYR I 61 -13.78 -20.42 18.85
CA TYR I 61 -12.74 -20.30 19.86
C TYR I 61 -11.40 -20.51 19.20
N ARG I 62 -10.35 -20.26 19.95
CA ARG I 62 -9.03 -20.41 19.41
C ARG I 62 -8.62 -21.86 19.40
N GLY I 63 -8.01 -22.31 18.31
CA GLY I 63 -7.53 -23.67 18.24
C GLY I 63 -8.51 -24.64 17.62
N HIS I 64 -9.53 -24.12 16.97
CA HIS I 64 -10.56 -24.99 16.42
C HIS I 64 -10.37 -25.14 14.92
N LEU I 65 -10.97 -26.20 14.36
CA LEU I 65 -10.82 -26.50 12.95
C LEU I 65 -12.18 -26.44 12.24
N TRP I 66 -12.23 -25.67 11.16
CA TRP I 66 -13.40 -25.52 10.32
C TRP I 66 -13.06 -25.88 8.88
N LEU I 67 -13.97 -26.56 8.21
CA LEU I 67 -13.91 -26.74 6.77
C LEU I 67 -15.26 -26.35 6.20
N PHE I 68 -15.35 -26.24 4.87
CA PHE I 68 -16.54 -25.69 4.24
C PHE I 68 -16.89 -26.47 2.98
N ARG I 69 -18.17 -26.79 2.82
CA ARG I 69 -18.60 -27.68 1.73
C ARG I 69 -19.83 -27.10 1.05
N ASP I 70 -20.16 -27.68 -0.10
CA ASP I 70 -21.43 -27.35 -0.75
C ASP I 70 -22.57 -28.04 -0.01
N ALA I 71 -23.54 -27.25 0.44
CA ALA I 71 -24.62 -27.79 1.26
C ALA I 71 -25.43 -28.85 0.53
N GLY I 72 -25.47 -28.79 -0.81
CA GLY I 72 -26.31 -29.71 -1.56
C GLY I 72 -25.55 -30.88 -2.16
N THR I 73 -24.27 -30.69 -2.45
CA THR I 73 -23.47 -31.70 -3.12
C THR I 73 -22.21 -32.08 -2.37
N HIS I 74 -21.91 -31.43 -1.24
CA HIS I 74 -20.74 -31.71 -0.41
C HIS I 74 -19.42 -31.54 -1.17
N ASP I 75 -19.43 -30.77 -2.27
CA ASP I 75 -18.21 -30.47 -3.00
C ASP I 75 -17.20 -29.78 -2.08
N GLY I 76 -15.93 -29.90 -2.44
CA GLY I 76 -14.88 -29.27 -1.65
C GLY I 76 -14.75 -27.79 -1.98
N LEU I 77 -14.66 -26.98 -0.92
CA LEU I 77 -14.44 -25.54 -1.08
C LEU I 77 -13.19 -25.14 -0.29
N LEU I 78 -12.63 -24.01 -0.67
CA LEU I 78 -11.45 -23.45 -0.01
C LEU I 78 -11.86 -22.35 0.97
N VAL I 79 -11.07 -22.21 2.03
CA VAL I 79 -11.20 -21.09 2.95
C VAL I 79 -9.82 -20.47 3.13
N ASN I 80 -9.71 -19.16 2.88
CA ASN I 80 -8.42 -18.47 2.88
C ASN I 80 -7.39 -19.22 2.04
N GLN I 81 -7.83 -19.72 0.88
CA GLN I 81 -7.00 -20.39 -0.12
C GLN I 81 -6.43 -21.73 0.36
N THR I 82 -6.97 -22.29 1.45
CA THR I 82 -6.52 -23.59 1.92
C THR I 82 -7.73 -24.42 2.33
N GLU I 83 -7.48 -25.65 2.75
CA GLU I 83 -8.57 -26.59 3.05
C GLU I 83 -9.16 -26.36 4.44
N LEU I 84 -8.32 -26.02 5.42
CA LEU I 84 -8.73 -25.94 6.81
C LEU I 84 -8.55 -24.53 7.33
N PHE I 85 -9.49 -24.09 8.16
CA PHE I 85 -9.47 -22.76 8.77
C PHE I 85 -9.35 -22.90 10.28
N VAL I 86 -8.38 -22.19 10.86
CA VAL I 86 -8.18 -22.22 12.31
C VAL I 86 -8.32 -20.82 12.87
N PRO I 87 -9.38 -20.53 13.63
CA PRO I 87 -9.50 -19.20 14.26
C PRO I 87 -8.31 -18.92 15.17
N SER I 88 -7.80 -17.70 15.08
CA SER I 88 -6.61 -17.29 15.82
C SER I 88 -6.95 -16.12 16.75
N LEU I 89 -5.90 -15.51 17.29
CA LEU I 89 -6.08 -14.39 18.21
C LEU I 89 -6.66 -13.18 17.48
N ASN I 90 -7.67 -12.57 18.09
CA ASN I 90 -8.26 -11.35 17.55
C ASN I 90 -7.37 -10.17 17.96
N VAL I 91 -6.25 -10.04 17.25
CA VAL I 91 -5.37 -8.90 17.48
C VAL I 91 -6.12 -7.62 17.12
N ASP I 92 -5.85 -6.56 17.88
CA ASP I 92 -6.52 -5.27 17.72
C ASP I 92 -8.03 -5.36 17.90
N GLY I 93 -8.52 -6.42 18.53
CA GLY I 93 -9.95 -6.59 18.74
C GLY I 93 -10.77 -6.83 17.49
N GLN I 94 -10.13 -7.01 16.33
CA GLN I 94 -10.82 -7.24 15.08
C GLN I 94 -11.00 -8.75 14.84
N PRO I 95 -12.17 -9.16 14.37
CA PRO I 95 -12.40 -10.59 14.14
C PRO I 95 -11.69 -11.10 12.89
N ILE I 96 -11.36 -12.39 12.91
CA ILE I 96 -10.66 -13.02 11.80
C ILE I 96 -11.61 -13.16 10.61
N PHE I 97 -11.09 -12.90 9.42
CA PHE I 97 -11.85 -13.05 8.18
C PHE I 97 -11.64 -14.45 7.59
N ALA I 98 -12.74 -15.15 7.35
CA ALA I 98 -12.72 -16.46 6.69
C ALA I 98 -13.34 -16.29 5.30
N ASN I 99 -12.48 -16.28 4.28
CA ASN I 99 -12.91 -16.08 2.90
C ASN I 99 -13.18 -17.44 2.27
N ILE I 100 -14.46 -17.81 2.13
CA ILE I 100 -14.83 -19.06 1.49
C ILE I 100 -15.04 -18.80 0.00
N THR I 101 -14.25 -19.47 -0.85
CA THR I 101 -14.30 -19.26 -2.28
C THR I 101 -14.25 -20.62 -2.99
N LEU I 102 -14.77 -20.64 -4.21
CA LEU I 102 -14.63 -21.81 -5.05
C LEU I 102 -13.15 -22.09 -5.32
N PRO I 103 -12.78 -23.35 -5.46
CA PRO I 103 -11.46 -23.68 -5.98
C PRO I 103 -11.51 -23.85 -7.49
N VAL I 104 -10.36 -23.68 -8.13
CA VAL I 104 -10.27 -24.00 -9.54
C VAL I 104 -10.37 -25.52 -9.66
N TYR I 105 -11.59 -26.01 -9.83
CA TYR I 105 -11.79 -27.43 -10.01
C TYR I 105 -11.13 -27.91 -11.30
N THR I 106 -10.62 -29.13 -11.28
CA THR I 106 -10.24 -29.76 -12.54
C THR I 106 -11.50 -29.88 -13.41
N LEU I 107 -11.28 -29.81 -14.73
CA LEU I 107 -12.41 -29.90 -15.65
C LEU I 107 -13.18 -31.21 -15.46
N LYS I 108 -12.49 -32.28 -15.11
CA LYS I 108 -13.16 -33.54 -14.90
C LYS I 108 -14.06 -33.49 -13.70
N GLU I 109 -13.55 -32.93 -12.61
CA GLU I 109 -14.36 -32.97 -11.40
C GLU I 109 -15.57 -32.04 -11.53
N ARG I 110 -15.39 -30.91 -12.20
CA ARG I 110 -16.52 -30.03 -12.48
C ARG I 110 -17.54 -30.71 -13.39
N CYS I 111 -17.08 -31.44 -14.41
CA CYS I 111 -18.00 -32.15 -15.28
C CYS I 111 -18.77 -33.21 -14.51
N LEU I 112 -18.08 -33.97 -13.65
CA LEU I 112 -18.76 -34.93 -12.79
C LEU I 112 -19.79 -34.23 -11.91
N GLN I 113 -19.45 -33.04 -11.39
CA GLN I 113 -20.41 -32.29 -10.58
C GLN I 113 -21.68 -31.98 -11.38
N VAL I 114 -21.52 -31.48 -12.60
CA VAL I 114 -22.68 -31.12 -13.41
C VAL I 114 -23.52 -32.36 -13.72
N VAL I 115 -22.86 -33.46 -14.10
CA VAL I 115 -23.60 -34.68 -14.44
C VAL I 115 -24.35 -35.20 -13.24
N ARG I 116 -23.70 -35.23 -12.06
CA ARG I 116 -24.38 -35.65 -10.84
C ARG I 116 -25.58 -34.77 -10.55
N SER I 117 -25.43 -33.45 -10.74
CA SER I 117 -26.57 -32.56 -10.54
C SER I 117 -27.65 -32.76 -11.58
N LEU I 118 -27.34 -33.45 -12.69
CA LEU I 118 -28.33 -33.70 -13.73
C LEU I 118 -28.94 -35.09 -13.70
N VAL I 119 -28.15 -36.13 -13.44
CA VAL I 119 -28.63 -37.52 -13.46
C VAL I 119 -28.83 -37.99 -12.03
N LYS I 120 -29.93 -38.70 -11.79
CA LYS I 120 -30.15 -39.35 -10.52
C LYS I 120 -29.12 -40.47 -10.34
N PRO I 121 -28.71 -40.74 -9.09
CA PRO I 121 -27.68 -41.77 -8.88
C PRO I 121 -28.08 -43.15 -9.36
N GLU I 122 -29.37 -43.49 -9.32
CA GLU I 122 -29.82 -44.79 -9.77
C GLU I 122 -29.56 -45.01 -11.25
N ASN I 123 -29.62 -43.95 -12.05
CA ASN I 123 -29.48 -44.03 -13.49
C ASN I 123 -28.04 -43.84 -13.97
N TYR I 124 -27.07 -43.77 -13.06
CA TYR I 124 -25.69 -43.53 -13.45
C TYR I 124 -25.19 -44.61 -14.40
N ARG I 125 -25.39 -45.88 -14.04
CA ARG I 125 -24.92 -46.99 -14.85
C ARG I 125 -25.54 -47.01 -16.25
N ARG I 126 -26.68 -46.33 -16.43
CA ARG I 126 -27.34 -46.29 -17.73
C ARG I 126 -26.64 -45.38 -18.73
N LEU I 127 -25.70 -44.55 -18.29
CA LEU I 127 -24.95 -43.69 -19.20
C LEU I 127 -24.00 -44.53 -20.05
N ASP I 128 -23.59 -43.96 -21.18
CA ASP I 128 -22.68 -44.63 -22.13
C ASP I 128 -21.27 -44.09 -21.91
N ILE I 129 -20.54 -44.72 -21.00
CA ILE I 129 -19.17 -44.35 -20.70
C ILE I 129 -18.46 -45.53 -20.03
N VAL I 130 -17.14 -45.42 -19.85
CA VAL I 130 -16.38 -46.52 -19.27
C VAL I 130 -16.77 -46.71 -17.81
N ARG I 131 -16.46 -47.90 -17.29
CA ARG I 131 -16.78 -48.22 -15.89
C ARG I 131 -16.09 -47.25 -14.93
N SER I 132 -14.94 -46.74 -15.35
CA SER I 132 -14.18 -45.84 -14.50
C SER I 132 -14.99 -44.60 -14.23
N LEU I 133 -15.60 -44.07 -15.27
CA LEU I 133 -16.38 -42.85 -15.13
C LEU I 133 -17.61 -43.07 -14.25
N TYR I 134 -18.23 -44.26 -14.34
CA TYR I 134 -19.35 -44.56 -13.46
C TYR I 134 -18.89 -44.63 -12.01
N GLU I 135 -17.73 -45.26 -11.75
CA GLU I 135 -17.22 -45.33 -10.39
C GLU I 135 -16.82 -43.95 -9.86
N ASP I 136 -16.36 -43.06 -10.75
CA ASP I 136 -16.03 -41.71 -10.32
C ASP I 136 -17.29 -40.88 -10.06
N LEU I 137 -18.37 -41.15 -10.81
CA LEU I 137 -19.63 -40.46 -10.55
C LEU I 137 -20.24 -40.91 -9.23
N GLU I 138 -20.29 -42.22 -8.99
CA GLU I 138 -20.83 -42.72 -7.72
C GLU I 138 -19.96 -42.31 -6.54
N ASP I 139 -18.67 -42.07 -6.77
CA ASP I 139 -17.78 -41.60 -5.71
C ASP I 139 -18.13 -40.16 -5.35
N HIS I 140 -19.24 -39.98 -4.65
CA HIS I 140 -19.67 -38.64 -4.28
C HIS I 140 -18.66 -38.00 -3.34
N PRO I 141 -18.53 -36.67 -3.36
CA PRO I 141 -17.63 -36.01 -2.40
C PRO I 141 -18.02 -36.33 -0.97
N ASN I 142 -17.17 -37.09 -0.29
CA ASN I 142 -17.38 -37.39 1.11
C ASN I 142 -16.94 -36.17 1.93
N VAL I 143 -17.01 -36.29 3.24
CA VAL I 143 -16.30 -35.41 4.15
C VAL I 143 -15.31 -36.18 5.00
N GLN I 144 -15.71 -37.38 5.45
CA GLN I 144 -14.81 -38.24 6.20
C GLN I 144 -13.70 -38.83 5.33
N LYS I 145 -13.98 -39.14 4.06
CA LYS I 145 -12.91 -39.60 3.18
C LYS I 145 -11.90 -38.49 2.94
N ASP I 146 -12.39 -37.27 2.73
CA ASP I 146 -11.54 -36.09 2.59
C ASP I 146 -10.66 -35.91 3.83
N LEU I 147 -11.26 -35.98 5.00
CA LEU I 147 -10.50 -35.79 6.22
C LEU I 147 -9.47 -36.88 6.35
N GLU I 148 -9.84 -38.10 5.99
CA GLU I 148 -8.93 -39.22 6.09
C GLU I 148 -7.74 -39.06 5.17
N ARG I 149 -7.97 -38.56 3.96
CA ARG I 149 -6.89 -38.35 3.01
C ARG I 149 -5.93 -37.28 3.46
N LEU I 150 -6.45 -36.19 4.01
CA LEU I 150 -5.61 -35.12 4.49
C LEU I 150 -4.84 -35.59 5.68
N THR I 151 -5.50 -36.33 6.56
CA THR I 151 -4.84 -36.83 7.74
C THR I 151 -3.63 -37.60 7.28
N GLN I 152 -3.82 -38.44 6.27
CA GLN I 152 -2.69 -39.18 5.72
C GLN I 152 -1.76 -38.27 4.93
N GLU I 153 -1.31 -37.19 5.55
CA GLU I 153 -0.41 -36.26 4.87
C GLU I 153 0.39 -35.42 5.86
N MET J 1 34.83 14.36 -19.73
CA MET J 1 33.73 13.46 -19.99
C MET J 1 34.03 12.57 -21.16
N ASP J 2 34.37 11.31 -20.89
CA ASP J 2 34.65 10.37 -21.96
C ASP J 2 33.40 9.81 -22.57
N VAL J 3 33.42 9.61 -23.87
CA VAL J 3 32.26 9.06 -24.57
C VAL J 3 32.68 7.82 -25.34
N PHE J 4 31.81 6.81 -25.37
CA PHE J 4 32.13 5.56 -26.05
C PHE J 4 31.35 5.49 -27.36
N LEU J 5 31.94 4.94 -28.41
CA LEU J 5 31.37 5.08 -29.73
C LEU J 5 31.62 3.82 -30.55
N MET J 6 30.66 3.51 -31.42
CA MET J 6 30.83 2.55 -32.51
C MET J 6 30.77 3.32 -33.81
N ILE J 7 31.90 3.39 -34.52
CA ILE J 7 31.94 3.96 -35.86
C ILE J 7 31.64 2.81 -36.81
N ARG J 8 30.50 2.84 -37.49
CA ARG J 8 30.02 1.69 -38.24
C ARG J 8 29.85 2.03 -39.72
N ARG J 9 30.48 1.22 -40.58
CA ARG J 9 30.32 1.34 -42.04
C ARG J 9 30.28 -0.06 -42.64
N HIS J 10 29.18 -0.38 -43.32
CA HIS J 10 28.94 -1.71 -43.90
C HIS J 10 28.98 -2.72 -42.76
N LYS J 11 29.82 -3.76 -42.82
CA LYS J 11 29.95 -4.73 -41.74
C LYS J 11 31.13 -4.40 -40.83
N THR J 12 31.72 -3.22 -40.97
CA THR J 12 32.84 -2.78 -40.15
C THR J 12 32.32 -1.98 -38.97
N THR J 13 32.82 -2.28 -37.78
CA THR J 13 32.43 -1.61 -36.54
C THR J 13 33.67 -1.35 -35.71
N ILE J 14 33.94 -0.09 -35.39
CA ILE J 14 35.08 0.31 -34.58
C ILE J 14 34.57 0.74 -33.20
N PHE J 15 35.11 0.11 -32.16
CA PHE J 15 34.84 0.50 -30.78
C PHE J 15 35.93 1.47 -30.33
N THR J 16 35.53 2.65 -29.88
CA THR J 16 36.51 3.65 -29.51
C THR J 16 35.96 4.67 -28.55
N ASP J 17 36.85 5.46 -27.97
CA ASP J 17 36.44 6.47 -27.02
C ASP J 17 37.01 7.82 -27.38
N ALA J 18 36.35 8.87 -26.90
CA ALA J 18 36.84 10.21 -27.14
C ALA J 18 36.31 11.09 -26.06
N LYS J 19 36.63 12.37 -26.14
CA LYS J 19 36.14 13.30 -25.16
C LYS J 19 34.95 14.06 -25.68
N GLU J 20 34.05 14.41 -24.78
CA GLU J 20 32.88 15.18 -25.15
C GLU J 20 33.26 16.53 -25.78
N SER J 21 34.45 17.04 -25.46
CA SER J 21 34.93 18.29 -26.02
C SER J 21 35.72 18.11 -27.32
N SER J 22 36.08 16.89 -27.68
CA SER J 22 36.81 16.66 -28.92
C SER J 22 35.90 16.88 -30.12
N THR J 23 36.50 17.26 -31.24
CA THR J 23 35.74 17.56 -32.43
C THR J 23 35.61 16.42 -33.39
N VAL J 24 34.66 16.53 -34.31
CA VAL J 24 34.44 15.48 -35.29
C VAL J 24 35.64 15.28 -36.20
N PHE J 25 36.43 16.32 -36.42
CA PHE J 25 37.63 16.14 -37.24
C PHE J 25 38.65 15.27 -36.52
N GLU J 26 38.75 15.39 -35.19
CA GLU J 26 39.68 14.55 -34.44
C GLU J 26 39.25 13.09 -34.51
N LEU J 27 37.93 12.86 -34.48
CA LEU J 27 37.41 11.51 -34.67
C LEU J 27 37.75 10.98 -36.07
N LYS J 28 37.65 11.84 -37.09
CA LYS J 28 38.05 11.45 -38.43
C LYS J 28 39.54 11.11 -38.48
N ARG J 29 40.36 11.81 -37.69
CA ARG J 29 41.79 11.49 -37.65
C ARG J 29 42.04 10.13 -37.01
N ILE J 30 41.28 9.79 -35.96
CA ILE J 30 41.41 8.45 -35.38
C ILE J 30 40.95 7.39 -36.38
N VAL J 31 39.83 7.62 -37.07
CA VAL J 31 39.38 6.67 -38.08
C VAL J 31 40.43 6.52 -39.18
N GLU J 32 41.14 7.60 -39.49
CA GLU J 32 42.27 7.50 -40.41
C GLU J 32 43.36 6.60 -39.81
N GLY J 33 43.62 6.76 -38.51
CA GLY J 33 44.62 5.93 -37.87
C GLY J 33 44.29 4.45 -37.92
N ILE J 34 43.01 4.10 -37.97
CA ILE J 34 42.66 2.68 -38.08
C ILE J 34 42.61 2.24 -39.55
N LEU J 35 41.80 2.90 -40.36
CA LEU J 35 41.52 2.45 -41.72
C LEU J 35 42.40 3.09 -42.80
N LYS J 36 43.33 3.97 -42.42
CA LYS J 36 44.34 4.51 -43.34
C LYS J 36 43.69 5.26 -44.50
N ARG J 37 42.70 6.10 -44.17
CA ARG J 37 42.02 6.92 -45.16
C ARG J 37 41.84 8.35 -44.65
N PRO J 38 42.22 9.35 -45.44
CA PRO J 38 42.22 10.74 -44.94
C PRO J 38 40.82 11.25 -44.66
N PRO J 39 40.68 12.27 -43.81
CA PRO J 39 39.34 12.75 -43.45
C PRO J 39 38.55 13.32 -44.61
N ASP J 40 39.21 13.92 -45.60
CA ASP J 40 38.50 14.47 -46.75
C ASP J 40 37.78 13.41 -47.56
N GLU J 41 38.09 12.13 -47.34
CA GLU J 41 37.35 11.03 -47.95
C GLU J 41 36.35 10.42 -46.98
N GLN J 42 36.12 11.05 -45.83
CA GLN J 42 35.26 10.51 -44.79
C GLN J 42 34.11 11.48 -44.52
N ARG J 43 32.94 10.91 -44.26
CA ARG J 43 31.78 11.68 -43.82
C ARG J 43 31.14 10.92 -42.67
N LEU J 44 31.00 11.59 -41.52
CA LEU J 44 30.44 10.95 -40.33
C LEU J 44 29.01 11.42 -40.14
N TYR J 45 28.15 10.49 -39.74
CA TYR J 45 26.72 10.72 -39.63
C TYR J 45 26.25 10.34 -38.23
N LYS J 46 25.30 11.08 -37.70
CA LYS J 46 24.58 10.66 -36.51
C LYS J 46 23.16 10.35 -36.98
N ASP J 47 22.85 9.06 -37.13
CA ASP J 47 21.65 8.60 -37.83
C ASP J 47 21.68 9.22 -39.21
N ASP J 48 20.72 10.07 -39.59
CA ASP J 48 20.67 10.65 -40.93
C ASP J 48 21.09 12.12 -40.96
N GLN J 49 22.06 12.52 -40.15
CA GLN J 49 22.50 13.93 -40.11
C GLN J 49 24.00 13.99 -40.30
N LEU J 50 24.45 14.69 -41.33
CA LEU J 50 25.88 14.88 -41.54
C LEU J 50 26.47 15.76 -40.43
N LEU J 51 27.65 15.39 -39.94
CA LEU J 51 28.29 16.09 -38.85
C LEU J 51 29.41 16.96 -39.38
N ASP J 52 29.46 18.21 -38.94
CA ASP J 52 30.47 19.14 -39.42
C ASP J 52 31.79 18.93 -38.73
N ASP J 53 32.87 18.95 -39.48
CA ASP J 53 34.20 18.68 -38.92
C ASP J 53 34.58 19.54 -37.72
N GLY J 54 34.02 20.73 -37.63
CA GLY J 54 34.39 21.62 -36.55
C GLY J 54 33.50 21.55 -35.34
N LYS J 55 32.42 20.77 -35.45
CA LYS J 55 31.50 20.65 -34.35
C LYS J 55 32.08 19.74 -33.30
N THR J 56 31.69 19.94 -32.05
CA THR J 56 32.15 19.07 -31.00
C THR J 56 31.14 17.96 -30.82
N LEU J 57 31.59 16.80 -30.40
CA LEU J 57 30.70 15.65 -30.24
C LEU J 57 29.56 15.91 -29.25
N GLY J 58 29.83 16.65 -28.19
CA GLY J 58 28.76 16.99 -27.27
C GLY J 58 27.65 17.79 -27.93
N GLU J 59 28.01 18.68 -28.84
CA GLU J 59 27.02 19.49 -29.54
C GLU J 59 26.17 18.67 -30.47
N GLY J 61 25.21 15.65 -29.88
CA GLY J 61 24.38 14.71 -29.13
C GLY J 61 25.09 13.57 -28.42
N PHE J 62 26.41 13.48 -28.58
CA PHE J 62 27.20 12.41 -27.95
C PHE J 62 27.65 12.89 -26.58
N THR J 63 26.86 12.57 -25.56
CA THR J 63 27.14 12.95 -24.18
C THR J 63 27.60 11.73 -23.38
N SER J 64 28.32 11.98 -22.30
CA SER J 64 28.87 10.90 -21.49
C SER J 64 27.86 9.90 -20.98
N GLN J 65 26.64 10.35 -20.75
CA GLN J 65 25.63 9.46 -20.17
C GLN J 65 24.72 8.82 -21.22
N THR J 66 24.91 9.11 -22.49
CA THR J 66 24.27 8.37 -23.57
C THR J 66 25.24 7.54 -24.40
N ALA J 67 26.51 7.91 -24.34
CA ALA J 67 27.55 7.14 -25.01
C ALA J 67 28.25 6.44 -23.88
N ARG J 68 27.71 5.33 -23.46
CA ARG J 68 28.21 4.57 -22.32
C ARG J 68 29.10 3.42 -22.77
N PRO J 69 30.01 2.95 -21.91
CA PRO J 69 30.84 1.79 -22.29
C PRO J 69 30.02 0.53 -22.51
N GLN J 70 28.97 0.32 -21.71
CA GLN J 70 28.12 -0.85 -21.85
C GLN J 70 27.07 -0.69 -22.93
N ALA J 71 26.94 0.50 -23.52
CA ALA J 71 25.99 0.74 -24.60
C ALA J 71 26.42 1.97 -25.39
N PRO J 72 27.44 1.84 -26.24
CA PRO J 72 27.98 3.03 -26.93
C PRO J 72 27.05 3.53 -28.02
N ALA J 73 27.22 4.80 -28.35
CA ALA J 73 26.42 5.42 -29.40
C ALA J 73 26.98 5.07 -30.78
N THR J 74 26.08 4.99 -31.75
CA THR J 74 26.44 4.59 -33.10
C THR J 74 26.73 5.82 -33.94
N VAL J 75 27.86 5.81 -34.64
CA VAL J 75 28.27 6.88 -35.52
C VAL J 75 28.52 6.28 -36.89
N GLY J 76 27.70 6.65 -37.88
CA GLY J 76 27.85 6.09 -39.21
C GLY J 76 29.00 6.71 -39.97
N LEU J 77 29.58 5.91 -40.86
CA LEU J 77 30.75 6.30 -41.64
C LEU J 77 30.45 6.07 -43.12
N ALA J 78 30.83 7.04 -43.94
CA ALA J 78 30.71 6.95 -45.40
C ALA J 78 32.01 7.38 -46.04
N PHE J 79 32.40 6.68 -47.10
CA PHE J 79 33.68 6.92 -47.77
C PHE J 79 33.47 7.50 -49.17
N ARG J 80 34.49 8.22 -49.64
CA ARG J 80 34.49 8.82 -50.97
C ARG J 80 35.02 7.81 -51.98
N ALA J 81 34.14 7.31 -52.84
CA ALA J 81 34.53 6.42 -53.92
C ALA J 81 35.02 7.27 -55.08
N ASP J 82 36.35 7.35 -55.25
CA ASP J 82 36.95 8.21 -56.27
C ASP J 82 36.54 9.65 -56.02
N ASP J 83 35.74 10.22 -56.93
CA ASP J 83 35.29 11.60 -56.76
C ASP J 83 34.06 11.73 -55.86
N THR J 84 33.12 10.79 -55.94
CA THR J 84 31.83 10.94 -55.28
C THR J 84 31.76 10.13 -53.98
N PHE J 85 31.00 10.64 -53.01
CA PHE J 85 30.79 9.97 -51.74
C PHE J 85 29.71 8.90 -51.85
N GLU J 86 30.00 7.73 -51.26
CA GLU J 86 29.03 6.65 -51.22
C GLU J 86 27.90 6.97 -50.24
N ALA J 87 26.81 6.23 -50.37
CA ALA J 87 25.68 6.38 -49.47
C ALA J 87 25.97 5.71 -48.13
N LEU J 88 25.30 6.18 -47.09
CA LEU J 88 25.46 5.65 -45.74
C LEU J 88 24.89 4.23 -45.71
N ILE J 90 24.92 0.91 -43.18
CA ILE J 90 25.32 0.22 -41.96
C ILE J 90 24.63 -1.14 -41.95
N GLU J 91 25.41 -2.20 -42.16
CA GLU J 91 24.84 -3.54 -42.21
C GLU J 91 24.32 -3.94 -40.85
N PRO J 92 23.10 -4.48 -40.75
CA PRO J 92 22.55 -4.83 -39.44
C PRO J 92 23.24 -6.05 -38.84
N PHE J 93 23.29 -6.07 -37.51
CA PHE J 93 23.83 -7.23 -36.80
C PHE J 93 22.88 -8.41 -36.93
N SER J 94 23.38 -9.58 -36.57
CA SER J 94 22.58 -10.80 -36.64
C SER J 94 21.36 -10.70 -35.73
N SER J 95 20.31 -11.44 -36.09
CA SER J 95 19.11 -11.41 -35.25
C SER J 95 19.15 -12.56 -34.25
N PRO J 96 18.73 -12.33 -33.01
CA PRO J 96 18.73 -13.40 -32.01
C PRO J 96 17.70 -14.47 -32.35
N PRO J 97 17.89 -15.69 -31.88
CA PRO J 97 16.92 -16.75 -32.13
C PRO J 97 15.69 -16.60 -31.25
N GLU J 98 14.70 -17.44 -31.52
CA GLU J 98 13.51 -17.46 -30.67
C GLU J 98 13.86 -17.96 -29.28
N LEU J 99 13.22 -17.36 -28.27
CA LEU J 99 13.48 -17.74 -26.89
C LEU J 99 12.96 -19.15 -26.62
N PRO J 100 13.76 -20.04 -26.04
CA PRO J 100 13.24 -21.37 -25.72
C PRO J 100 12.04 -21.24 -24.79
N ASP J 101 11.15 -22.24 -24.85
CA ASP J 101 9.91 -22.17 -24.07
C ASP J 101 10.20 -22.04 -22.59
N VAL J 102 11.26 -22.70 -22.13
CA VAL J 102 11.60 -22.75 -20.71
C VAL J 102 12.11 -21.41 -20.21
N MET J 103 12.77 -20.64 -21.07
CA MET J 103 13.21 -19.31 -20.71
C MET J 103 12.12 -18.28 -20.98
N LYS J 104 11.18 -18.62 -21.85
CA LYS J 104 10.05 -17.76 -22.18
C LYS J 104 9.01 -17.83 -21.07
N MET K 2 47.25 0.46 -30.69
CA MET K 2 47.23 -0.91 -31.21
C MET K 2 45.80 -1.45 -31.23
N TYR K 3 45.33 -1.83 -32.42
CA TYR K 3 43.98 -2.35 -32.60
C TYR K 3 44.01 -3.77 -33.16
N VAL K 4 42.98 -4.55 -32.85
CA VAL K 4 42.84 -5.91 -33.37
C VAL K 4 41.47 -6.02 -34.04
N LYS K 5 41.32 -7.04 -34.88
CA LYS K 5 40.07 -7.28 -35.58
C LYS K 5 39.52 -8.65 -35.20
N LEU K 6 38.24 -8.68 -34.88
CA LEU K 6 37.52 -9.89 -34.49
C LEU K 6 36.35 -10.08 -35.46
N ILE K 7 36.30 -11.24 -36.10
CA ILE K 7 35.33 -11.54 -37.14
C ILE K 7 34.25 -12.42 -36.53
N SER K 8 32.99 -12.01 -36.68
CA SER K 8 31.89 -12.85 -36.20
C SER K 8 31.66 -13.99 -37.19
N SER K 9 30.65 -14.82 -36.90
CA SER K 9 30.34 -15.93 -37.80
C SER K 9 29.75 -15.42 -39.11
N ASP K 10 29.01 -14.32 -39.07
CA ASP K 10 28.35 -13.77 -40.25
C ASP K 10 29.19 -12.73 -40.97
N GLY K 11 30.49 -12.62 -40.65
CA GLY K 11 31.37 -11.76 -41.40
C GLY K 11 31.55 -10.37 -40.84
N HIS K 12 30.86 -10.02 -39.76
CA HIS K 12 30.99 -8.69 -39.19
C HIS K 12 32.35 -8.53 -38.54
N GLU K 13 33.07 -7.46 -38.92
CA GLU K 13 34.42 -7.21 -38.45
C GLU K 13 34.40 -6.11 -37.40
N PHE K 14 34.78 -6.45 -36.18
CA PHE K 14 34.82 -5.51 -35.07
C PHE K 14 36.27 -5.15 -34.78
N ILE K 15 36.59 -3.86 -34.82
CA ILE K 15 37.93 -3.37 -34.53
C ILE K 15 37.93 -2.84 -33.10
N VAL K 16 38.71 -3.47 -32.23
CA VAL K 16 38.74 -3.10 -30.83
C VAL K 16 40.18 -2.82 -30.42
N LYS K 17 40.35 -1.99 -29.41
CA LYS K 17 41.69 -1.73 -28.94
C LYS K 17 42.30 -3.05 -28.54
N ARG K 18 43.59 -3.18 -28.73
CA ARG K 18 44.25 -4.47 -28.47
C ARG K 18 44.13 -4.84 -26.99
N GLU K 19 44.46 -3.91 -26.10
CA GLU K 19 44.45 -4.19 -24.67
C GLU K 19 43.06 -4.63 -24.21
N HIS K 20 42.01 -4.05 -24.80
CA HIS K 20 40.66 -4.47 -24.44
C HIS K 20 40.43 -5.93 -24.81
N ALA K 21 40.97 -6.36 -25.95
CA ALA K 21 40.82 -7.74 -26.38
C ALA K 21 41.66 -8.68 -25.53
N LEU K 22 42.78 -8.21 -24.99
CA LEU K 22 43.63 -9.06 -24.16
C LEU K 22 43.00 -9.44 -22.82
N THR K 23 41.80 -8.96 -22.52
CA THR K 23 41.06 -9.46 -21.37
C THR K 23 40.87 -10.97 -21.44
N SER K 24 40.60 -11.48 -22.63
CA SER K 24 40.41 -12.92 -22.83
C SER K 24 41.76 -13.58 -23.07
N GLY K 25 42.10 -14.54 -22.20
CA GLY K 25 43.28 -15.35 -22.44
C GLY K 25 43.13 -16.23 -23.66
N THR K 26 41.88 -16.57 -24.01
CA THR K 26 41.64 -17.32 -25.23
C THR K 26 42.03 -16.52 -26.46
N ILE K 27 41.60 -15.24 -26.51
CA ILE K 27 41.98 -14.38 -27.63
C ILE K 27 43.48 -14.12 -27.61
N LYS K 28 44.07 -13.99 -26.41
CA LYS K 28 45.51 -13.80 -26.31
C LYS K 28 46.26 -14.98 -26.90
N ALA K 29 45.77 -16.20 -26.66
CA ALA K 29 46.42 -17.38 -27.21
C ALA K 29 46.17 -17.50 -28.72
N MET K 30 44.98 -17.10 -29.18
CA MET K 30 44.70 -17.14 -30.61
C MET K 30 45.56 -16.13 -31.38
N LEU K 31 45.91 -15.02 -30.74
CA LEU K 31 46.73 -14.01 -31.40
C LEU K 31 48.20 -14.41 -31.45
N SER K 32 48.69 -15.10 -30.43
CA SER K 32 50.09 -15.54 -30.38
C SER K 32 50.19 -17.03 -30.10
N ASN K 43 46.94 -10.31 -36.05
CA ASN K 43 46.11 -9.28 -35.43
C ASN K 43 44.64 -9.43 -35.80
N GLU K 44 44.29 -10.56 -36.39
CA GLU K 44 42.93 -10.82 -36.85
C GLU K 44 42.51 -12.21 -36.41
N VAL K 45 41.30 -12.31 -35.85
CA VAL K 45 40.79 -13.56 -35.29
C VAL K 45 39.39 -13.80 -35.84
N ASN K 46 39.13 -15.02 -36.31
CA ASN K 46 37.82 -15.41 -36.83
C ASN K 46 37.13 -16.32 -35.82
N PHE K 47 35.89 -16.00 -35.48
CA PHE K 47 35.10 -16.79 -34.53
C PHE K 47 33.96 -17.45 -35.30
N ARG K 48 34.16 -18.73 -35.65
CA ARG K 48 33.20 -19.42 -36.52
C ARG K 48 31.90 -19.78 -35.81
N GLU K 49 31.85 -19.70 -34.48
CA GLU K 49 30.63 -20.03 -33.75
C GLU K 49 30.00 -18.85 -33.02
N ILE K 50 30.53 -17.65 -33.15
CA ILE K 50 30.00 -16.49 -32.42
C ILE K 50 29.39 -15.52 -33.43
N PRO K 51 28.08 -15.29 -33.40
CA PRO K 51 27.45 -14.34 -34.32
C PRO K 51 27.71 -12.90 -33.90
N SER K 52 27.32 -11.98 -34.78
CA SER K 52 27.61 -10.56 -34.56
C SER K 52 26.86 -10.00 -33.35
N HIS K 53 25.60 -10.39 -33.18
CA HIS K 53 24.81 -9.91 -32.05
C HIS K 53 25.34 -10.40 -30.71
N VAL K 54 26.31 -11.31 -30.70
CA VAL K 54 26.99 -11.74 -29.49
C VAL K 54 28.36 -11.11 -29.36
N LEU K 55 29.10 -11.03 -30.46
CA LEU K 55 30.45 -10.47 -30.41
C LEU K 55 30.43 -8.98 -30.15
N SER K 56 29.39 -8.28 -30.62
CA SER K 56 29.25 -6.87 -30.28
C SER K 56 29.08 -6.68 -28.78
N LYS K 57 28.24 -7.51 -28.14
CA LYS K 57 28.10 -7.44 -26.69
C LYS K 57 29.40 -7.83 -25.99
N VAL K 58 30.17 -8.74 -26.57
CA VAL K 58 31.46 -9.10 -25.99
C VAL K 58 32.41 -7.90 -26.00
N CYS K 59 32.48 -7.19 -27.13
CA CYS K 59 33.34 -6.00 -27.20
C CYS K 59 32.86 -4.90 -26.27
N MET K 60 31.54 -4.72 -26.18
CA MET K 60 30.99 -3.77 -25.21
C MET K 60 31.36 -4.16 -23.79
N TYR K 61 31.35 -5.46 -23.48
CA TYR K 61 31.76 -5.89 -22.16
C TYR K 61 33.24 -5.63 -21.92
N PHE K 62 34.07 -5.81 -22.95
CA PHE K 62 35.47 -5.45 -22.83
C PHE K 62 35.60 -3.99 -22.40
N THR K 63 34.90 -3.10 -23.10
CA THR K 63 34.98 -1.67 -22.76
C THR K 63 34.49 -1.42 -21.35
N TYR K 64 33.35 -2.01 -20.98
CA TYR K 64 32.76 -1.82 -19.66
C TYR K 64 33.69 -2.31 -18.56
N LYS K 65 34.28 -3.48 -18.77
CA LYS K 65 35.16 -4.05 -17.76
C LYS K 65 36.41 -3.19 -17.59
N VAL K 66 37.04 -2.80 -18.71
CA VAL K 66 38.22 -1.94 -18.62
C VAL K 66 37.89 -0.62 -17.95
N ARG K 67 36.70 -0.11 -18.14
CA ARG K 67 36.38 1.19 -17.60
C ARG K 67 36.02 1.19 -16.14
N TYR K 68 35.39 0.12 -15.68
CA TYR K 68 34.88 0.13 -14.33
C TYR K 68 35.64 -0.76 -13.36
N THR K 69 36.66 -1.48 -13.80
CA THR K 69 37.47 -2.26 -12.88
C THR K 69 38.39 -1.33 -12.10
N ASN K 70 38.39 -1.45 -10.77
CA ASN K 70 39.16 -0.58 -9.88
C ASN K 70 38.70 0.88 -10.02
N SER K 71 37.40 1.10 -9.85
CA SER K 71 36.80 2.42 -9.95
C SER K 71 35.93 2.67 -8.72
N SER K 72 36.12 3.83 -8.08
CA SER K 72 35.23 4.23 -6.99
C SER K 72 33.84 4.64 -7.49
N THR K 73 33.74 5.14 -8.72
CA THR K 73 32.45 5.54 -9.26
C THR K 73 31.43 4.39 -9.23
N GLU K 74 30.17 4.74 -8.92
CA GLU K 74 29.08 3.77 -8.88
C GLU K 74 29.03 2.96 -10.18
N ILE K 75 29.16 1.65 -10.06
CA ILE K 75 29.22 0.78 -11.23
C ILE K 75 27.83 0.36 -11.66
N PRO K 76 27.47 0.57 -12.93
CA PRO K 76 26.17 0.12 -13.45
C PRO K 76 26.16 -1.34 -13.87
N GLU K 77 24.95 -1.88 -14.05
CA GLU K 77 24.81 -3.21 -14.61
C GLU K 77 25.40 -3.26 -16.01
N PHE K 78 25.89 -4.43 -16.38
CA PHE K 78 26.13 -4.70 -17.79
C PHE K 78 24.83 -5.23 -18.37
N PRO K 79 24.22 -4.58 -19.35
CA PRO K 79 22.90 -5.03 -19.80
C PRO K 79 23.00 -6.20 -20.76
N ILE K 80 22.14 -7.18 -20.53
CA ILE K 80 22.06 -8.37 -21.38
C ILE K 80 20.60 -8.61 -21.71
N ALA K 81 20.26 -8.54 -22.99
CA ALA K 81 18.90 -8.83 -23.42
C ALA K 81 18.61 -10.33 -23.23
N PRO K 82 17.36 -10.66 -22.90
CA PRO K 82 17.02 -12.09 -22.71
C PRO K 82 17.31 -12.96 -23.93
N GLU K 83 16.99 -12.46 -25.12
CA GLU K 83 17.12 -13.27 -26.34
C GLU K 83 18.55 -13.69 -26.62
N ILE K 84 19.54 -12.98 -26.08
CA ILE K 84 20.94 -13.27 -26.33
C ILE K 84 21.63 -13.92 -25.15
N ALA K 85 20.91 -14.20 -24.06
CA ALA K 85 21.55 -14.64 -22.82
C ALA K 85 22.29 -15.97 -23.00
N LEU K 86 21.66 -16.94 -23.66
CA LEU K 86 22.29 -18.26 -23.83
C LEU K 86 23.56 -18.15 -24.65
N GLU K 87 23.46 -17.56 -25.85
CA GLU K 87 24.62 -17.49 -26.73
C GLU K 87 25.74 -16.69 -26.06
N LEU K 88 25.41 -15.56 -25.42
CA LEU K 88 26.42 -14.80 -24.70
C LEU K 88 27.07 -15.65 -23.61
N LEU K 89 26.28 -16.43 -22.88
CA LEU K 89 26.83 -17.31 -21.84
C LEU K 89 27.86 -18.27 -22.44
N MET K 90 27.49 -18.94 -23.53
CA MET K 90 28.42 -19.88 -24.15
C MET K 90 29.69 -19.18 -24.66
N ALA K 91 29.53 -18.02 -25.32
CA ALA K 91 30.69 -17.27 -25.77
C ALA K 91 31.61 -16.90 -24.62
N ALA K 92 31.04 -16.40 -23.52
CA ALA K 92 31.84 -16.07 -22.35
C ALA K 92 32.56 -17.29 -21.81
N ASN K 93 31.85 -18.43 -21.75
CA ASN K 93 32.47 -19.66 -21.26
C ASN K 93 33.63 -20.09 -22.15
N PHE K 94 33.55 -19.81 -23.45
CA PHE K 94 34.63 -20.18 -24.35
C PHE K 94 35.78 -19.18 -24.30
N LEU K 95 35.52 -17.94 -23.89
CA LEU K 95 36.55 -16.91 -23.88
C LEU K 95 37.13 -16.64 -22.50
N ASP K 96 36.56 -17.25 -21.46
CA ASP K 96 37.03 -17.10 -20.08
C ASP K 96 37.13 -15.63 -19.68
N CYS K 97 36.18 -14.83 -20.12
CA CYS K 97 36.11 -13.43 -19.68
C CYS K 97 34.90 -13.25 -18.76
N VAL L 11 36.39 -19.08 12.20
CA VAL L 11 37.57 -18.25 11.96
C VAL L 11 37.16 -16.81 11.72
N LEU L 12 36.32 -16.60 10.70
CA LEU L 12 35.80 -15.27 10.37
C LEU L 12 34.60 -14.98 11.26
N ARG L 13 34.75 -14.06 12.21
CA ARG L 13 33.69 -13.73 13.14
C ARG L 13 33.84 -12.28 13.58
N SER L 14 32.76 -11.74 14.15
CA SER L 14 32.80 -10.41 14.71
C SER L 14 33.42 -10.50 16.10
N VAL L 15 34.22 -9.51 16.45
CA VAL L 15 34.83 -9.48 17.75
C VAL L 15 33.88 -8.78 18.69
N ASN L 16 33.58 -9.42 19.80
CA ASN L 16 32.68 -8.83 20.80
C ASN L 16 33.44 -7.72 21.52
N SER L 17 33.59 -6.58 20.87
CA SER L 17 34.34 -5.47 21.44
C SER L 17 33.56 -4.67 22.43
N ARG L 18 32.25 -4.67 22.29
CA ARG L 18 31.40 -3.84 23.14
C ARG L 18 31.69 -2.36 22.91
N GLU L 19 32.15 -2.01 21.72
CA GLU L 19 32.48 -0.62 21.40
C GLU L 19 31.63 -0.12 20.25
N PRO L 20 30.82 0.90 20.48
CA PRO L 20 29.87 1.34 19.45
C PRO L 20 30.55 2.01 18.27
N SER L 21 29.92 1.90 17.11
CA SER L 21 30.41 2.53 15.88
C SER L 21 29.22 2.79 14.97
N GLN L 22 28.93 4.05 14.67
CA GLN L 22 27.81 4.41 13.81
C GLN L 22 28.24 4.24 12.36
N VAL L 23 27.39 3.62 11.55
CA VAL L 23 27.77 3.26 10.19
C VAL L 23 26.72 3.82 9.25
N ILE L 24 27.12 4.18 8.04
CA ILE L 24 26.15 4.58 7.02
C ILE L 24 26.23 3.58 5.88
N PHE L 25 25.14 2.82 5.71
CA PHE L 25 25.01 1.94 4.57
C PHE L 25 24.48 2.71 3.37
N ASN L 27 23.51 2.07 -0.46
CA ASN L 27 23.28 1.22 -1.60
C ASN L 27 23.48 2.03 -2.88
N ARG L 28 24.67 1.93 -3.46
CA ARG L 28 24.98 2.56 -4.74
C ARG L 28 24.91 1.54 -5.86
N SER L 29 23.94 0.64 -5.76
CA SER L 29 23.65 -0.40 -6.74
C SER L 29 22.16 -0.35 -7.06
N PRO L 30 21.76 -0.92 -8.19
CA PRO L 30 20.32 -0.98 -8.49
C PRO L 30 19.68 -2.25 -7.95
N ARG L 31 20.29 -2.84 -6.93
CA ARG L 31 19.82 -4.09 -6.36
C ARG L 31 19.27 -3.85 -4.95
N VAL L 32 18.30 -4.69 -4.57
CA VAL L 32 17.85 -4.73 -3.19
C VAL L 32 18.90 -5.48 -2.38
N VAL L 33 19.55 -4.79 -1.46
CA VAL L 33 20.73 -5.29 -0.77
C VAL L 33 20.33 -5.91 0.56
N LEU L 34 20.84 -7.11 0.81
CA LEU L 34 20.72 -7.77 2.10
C LEU L 34 22.04 -7.63 2.85
N PRO L 35 22.04 -6.95 4.00
CA PRO L 35 23.26 -6.89 4.82
C PRO L 35 23.33 -8.12 5.72
N VAL L 36 24.47 -8.78 5.70
CA VAL L 36 24.69 -9.98 6.49
C VAL L 36 25.80 -9.66 7.48
N TRP L 37 25.48 -9.73 8.77
CA TRP L 37 26.48 -9.55 9.82
C TRP L 37 26.94 -10.92 10.27
N LEU L 38 28.25 -11.09 10.41
CA LEU L 38 28.79 -12.35 10.89
C LEU L 38 28.85 -12.27 12.41
N ASN L 39 28.13 -13.17 13.08
CA ASN L 39 28.05 -13.10 14.54
C ASN L 39 29.33 -13.67 15.15
N PHE L 40 29.35 -13.74 16.48
CA PHE L 40 30.56 -14.16 17.18
C PHE L 40 30.88 -15.63 16.96
N ASP L 41 29.91 -16.43 16.51
CA ASP L 41 30.15 -17.82 16.17
C ASP L 41 30.52 -18.01 14.70
N GLY L 42 30.64 -16.92 13.95
CA GLY L 42 30.90 -17.02 12.54
C GLY L 42 29.66 -17.28 11.70
N GLU L 43 28.48 -17.30 12.32
CA GLU L 43 27.26 -17.63 11.59
C GLU L 43 26.73 -16.37 10.92
N PRO L 44 26.43 -16.42 9.62
CA PRO L 44 25.84 -15.25 8.95
C PRO L 44 24.43 -15.00 9.47
N GLN L 45 24.13 -13.73 9.77
CA GLN L 45 22.83 -13.33 10.25
C GLN L 45 22.31 -12.23 9.34
N PRO L 46 21.17 -12.41 8.69
CA PRO L 46 20.62 -11.37 7.82
C PRO L 46 19.95 -10.26 8.63
N TYR L 47 19.90 -9.08 8.03
CA TYR L 47 19.33 -7.88 8.60
C TYR L 47 18.36 -7.29 7.60
N PRO L 48 17.58 -6.27 7.99
CA PRO L 48 16.61 -5.68 7.06
C PRO L 48 17.29 -5.15 5.81
N THR L 49 16.58 -5.28 4.68
CA THR L 49 17.11 -4.93 3.37
C THR L 49 17.12 -3.42 3.14
N LEU L 50 17.93 -3.00 2.17
CA LEU L 50 17.99 -1.61 1.71
C LEU L 50 17.52 -1.52 0.27
N PRO L 51 16.51 -0.71 -0.02
CA PRO L 51 16.10 -0.51 -1.42
C PRO L 51 17.20 0.16 -2.22
N PRO L 52 17.16 0.05 -3.55
CA PRO L 52 18.20 0.67 -4.37
C PRO L 52 18.24 2.18 -4.19
N GLY L 53 19.46 2.73 -4.16
CA GLY L 53 19.66 4.16 -4.06
C GLY L 53 19.33 4.77 -2.72
N THR L 54 19.35 3.97 -1.65
CA THR L 54 18.98 4.42 -0.32
C THR L 54 20.19 4.35 0.60
N GLY L 55 20.07 5.12 1.66
CA GLY L 55 21.10 5.20 2.67
C GLY L 55 20.49 5.11 4.04
N ARG L 56 21.18 4.38 4.92
CA ARG L 56 20.74 4.16 6.28
C ARG L 56 21.85 4.46 7.28
N ARG L 57 21.50 5.09 8.38
CA ARG L 57 22.44 5.20 9.49
C ARG L 57 22.08 4.08 10.45
N ILE L 58 23.04 3.20 10.70
CA ILE L 58 22.81 2.05 11.57
C ILE L 58 23.77 2.16 12.76
N HIS L 59 23.46 1.36 13.78
CA HIS L 59 24.29 1.23 14.97
C HIS L 59 24.93 -0.15 14.94
N SER L 60 26.26 -0.19 15.00
CA SER L 60 27.01 -1.44 14.96
C SER L 60 28.17 -1.29 15.94
N TYR L 61 29.15 -2.15 15.84
CA TYR L 61 30.25 -2.08 16.77
C TYR L 61 31.56 -2.35 16.09
N ARG L 62 32.65 -1.92 16.71
CA ARG L 62 33.97 -2.13 16.15
C ARG L 62 34.37 -3.57 16.30
N GLY L 63 35.03 -4.10 15.28
CA GLY L 63 35.45 -5.49 15.30
C GLY L 63 34.47 -6.36 14.58
N HIS L 64 33.34 -5.77 14.20
CA HIS L 64 32.30 -6.54 13.55
C HIS L 64 32.50 -6.73 12.06
N LEU L 65 32.04 -7.86 11.53
CA LEU L 65 32.21 -8.19 10.13
C LEU L 65 30.87 -8.13 9.41
N TRP L 66 30.83 -7.43 8.27
CA TRP L 66 29.64 -7.28 7.46
C TRP L 66 29.95 -7.62 6.01
N LEU L 67 29.02 -8.33 5.36
CA LEU L 67 29.07 -8.56 3.93
C LEU L 67 27.70 -8.24 3.34
N PHE L 68 27.64 -8.08 2.03
CA PHE L 68 26.41 -7.60 1.41
C PHE L 68 26.09 -8.41 0.17
N ARG L 69 24.82 -8.77 0.02
CA ARG L 69 24.39 -9.65 -1.07
C ARG L 69 23.13 -9.08 -1.72
N ASP L 70 22.77 -9.64 -2.86
CA ASP L 70 21.45 -9.38 -3.44
C ASP L 70 20.39 -10.08 -2.59
N ALA L 71 19.33 -9.35 -2.24
CA ALA L 71 18.32 -9.94 -1.36
C ALA L 71 17.52 -11.03 -2.06
N GLY L 72 17.29 -10.88 -3.37
CA GLY L 72 16.48 -11.83 -4.11
C GLY L 72 17.25 -12.99 -4.70
N THR L 73 18.51 -12.75 -5.06
CA THR L 73 19.33 -13.75 -5.74
C THR L 73 20.58 -14.18 -4.97
N HIS L 74 20.95 -13.47 -3.90
CA HIS L 74 22.16 -13.73 -3.11
C HIS L 74 23.43 -13.53 -3.89
N ASP L 75 23.37 -12.78 -4.99
CA ASP L 75 24.57 -12.44 -5.72
C ASP L 75 25.51 -11.63 -4.84
N GLY L 76 26.81 -11.87 -4.98
CA GLY L 76 27.77 -11.16 -4.17
C GLY L 76 27.87 -9.70 -4.57
N LEU L 77 28.01 -8.84 -3.58
CA LEU L 77 28.17 -7.41 -3.80
C LEU L 77 29.42 -6.93 -3.06
N LEU L 78 29.92 -5.77 -3.48
CA LEU L 78 31.13 -5.20 -2.93
C LEU L 78 30.78 -4.01 -2.03
N VAL L 79 31.45 -3.93 -0.89
CA VAL L 79 31.37 -2.79 0.00
C VAL L 79 32.76 -2.16 0.10
N ASN L 80 32.85 -0.89 -0.28
CA ASN L 80 34.12 -0.15 -0.33
C ASN L 80 35.18 -0.92 -1.13
N GLN L 81 34.73 -1.55 -2.22
CA GLN L 81 35.57 -2.25 -3.20
C GLN L 81 36.19 -3.53 -2.66
N THR L 82 35.69 -4.05 -1.54
CA THR L 82 36.18 -5.32 -1.00
C THR L 82 34.98 -6.18 -0.59
N GLU L 83 35.26 -7.44 -0.26
CA GLU L 83 34.19 -8.37 0.10
C GLU L 83 33.64 -8.11 1.50
N LEU L 84 34.50 -7.74 2.45
CA LEU L 84 34.12 -7.62 3.84
C LEU L 84 34.26 -6.18 4.33
N PHE L 85 33.31 -5.75 5.15
CA PHE L 85 33.34 -4.44 5.77
C PHE L 85 33.45 -4.59 7.28
N VAL L 86 34.43 -3.90 7.86
CA VAL L 86 34.62 -3.91 9.30
C VAL L 86 34.44 -2.49 9.82
N PRO L 87 33.36 -2.25 10.58
CA PRO L 87 33.18 -0.94 11.18
C PRO L 87 34.40 -0.52 11.96
N SER L 88 34.80 0.73 11.83
CA SER L 88 35.98 1.23 12.51
C SER L 88 35.64 2.27 13.55
N LEU L 89 36.65 2.97 14.01
CA LEU L 89 36.44 4.00 15.00
C LEU L 89 35.90 5.25 14.37
N ASN L 90 34.90 5.83 15.01
CA ASN L 90 34.36 7.10 14.52
C ASN L 90 35.21 8.26 15.00
N VAL L 91 35.68 9.08 14.06
CA VAL L 91 36.52 10.23 14.39
C VAL L 91 35.65 11.47 14.38
N ASP L 92 35.59 12.17 15.51
CA ASP L 92 34.80 13.38 15.67
C ASP L 92 33.32 13.12 15.44
N GLY L 93 32.84 11.98 15.95
CA GLY L 93 31.45 11.58 15.86
C GLY L 93 30.96 11.33 14.44
N GLN L 94 31.88 11.27 13.49
CA GLN L 94 31.51 11.07 12.10
C GLN L 94 31.35 9.58 11.83
N PRO L 95 30.21 9.14 11.28
CA PRO L 95 30.02 7.71 11.01
C PRO L 95 30.95 7.22 9.92
N ILE L 96 31.08 5.90 9.86
CA ILE L 96 31.94 5.25 8.86
C ILE L 96 31.09 4.94 7.65
N PHE L 97 31.52 5.42 6.48
CA PHE L 97 30.77 5.23 5.25
C PHE L 97 30.97 3.81 4.73
N ALA L 98 29.86 3.14 4.41
CA ALA L 98 29.86 1.84 3.76
C ALA L 98 29.19 1.98 2.39
N ASN L 99 29.98 1.94 1.32
CA ASN L 99 29.50 2.14 -0.04
C ASN L 99 29.29 0.77 -0.70
N ILE L 100 28.04 0.37 -0.86
CA ILE L 100 27.72 -0.92 -1.45
C ILE L 100 27.52 -0.72 -2.95
N THR L 101 28.39 -1.33 -3.76
CA THR L 101 28.34 -1.17 -5.21
C THR L 101 28.25 -2.53 -5.89
N LEU L 102 27.94 -2.49 -7.17
CA LEU L 102 27.97 -3.69 -7.98
C LEU L 102 29.42 -4.05 -8.27
N PRO L 103 29.79 -5.32 -8.15
CA PRO L 103 31.11 -5.72 -8.62
C PRO L 103 31.14 -5.72 -10.14
N VAL L 104 32.35 -5.69 -10.69
CA VAL L 104 32.49 -5.90 -12.13
C VAL L 104 32.47 -7.41 -12.34
N TYR L 105 31.28 -7.93 -12.64
CA TYR L 105 31.14 -9.36 -12.81
C TYR L 105 31.85 -9.82 -14.08
N THR L 106 32.32 -11.06 -14.05
CA THR L 106 32.75 -11.68 -15.29
C THR L 106 31.55 -11.85 -16.20
N LEU L 107 31.79 -11.85 -17.51
CA LEU L 107 30.68 -11.98 -18.46
C LEU L 107 29.89 -13.26 -18.21
N LYS L 108 30.59 -14.34 -17.83
CA LYS L 108 29.94 -15.61 -17.57
C LYS L 108 29.03 -15.52 -16.34
N GLU L 109 29.48 -14.85 -15.28
CA GLU L 109 28.66 -14.74 -14.08
C GLU L 109 27.42 -13.90 -14.33
N ARG L 110 27.54 -12.81 -15.09
CA ARG L 110 26.38 -12.00 -15.42
C ARG L 110 25.39 -12.75 -16.30
N CYS L 111 25.90 -13.51 -17.29
CA CYS L 111 25.02 -14.34 -18.11
C CYS L 111 24.30 -15.38 -17.26
N LEU L 112 25.02 -15.98 -16.31
CA LEU L 112 24.39 -16.92 -15.38
C LEU L 112 23.30 -16.24 -14.57
N GLN L 113 23.56 -15.03 -14.08
CA GLN L 113 22.54 -14.30 -13.34
C GLN L 113 21.28 -14.11 -14.17
N VAL L 114 21.44 -13.67 -15.42
CA VAL L 114 20.28 -13.43 -16.28
C VAL L 114 19.51 -14.73 -16.52
N VAL L 115 20.22 -15.79 -16.90
CA VAL L 115 19.55 -17.05 -17.20
C VAL L 115 18.86 -17.60 -15.96
N ARG L 116 19.49 -17.44 -14.79
CA ARG L 116 18.86 -17.87 -13.54
C ARG L 116 17.57 -17.10 -13.28
N SER L 117 17.59 -15.77 -13.51
CA SER L 117 16.39 -14.97 -13.30
C SER L 117 15.29 -15.29 -14.30
N LEU L 118 15.62 -15.83 -15.47
CA LEU L 118 14.61 -16.11 -16.49
C LEU L 118 14.16 -17.57 -16.59
N VAL L 119 14.97 -18.53 -16.17
CA VAL L 119 14.64 -19.93 -16.36
C VAL L 119 14.39 -20.55 -14.99
N LYS L 120 13.31 -21.32 -14.88
CA LYS L 120 13.01 -21.96 -13.61
C LYS L 120 14.09 -23.00 -13.28
N PRO L 121 14.44 -23.15 -12.00
CA PRO L 121 15.56 -24.05 -11.63
C PRO L 121 15.36 -25.52 -11.97
N GLU L 122 14.12 -26.02 -12.13
CA GLU L 122 14.00 -27.44 -12.47
C GLU L 122 14.59 -27.66 -13.84
N ASN L 123 14.39 -26.67 -14.70
CA ASN L 123 14.49 -26.78 -16.13
C ASN L 123 15.83 -26.28 -16.64
N TYR L 124 16.82 -26.15 -15.75
CA TYR L 124 18.17 -25.86 -16.23
C TYR L 124 18.64 -26.99 -17.14
N ARG L 125 18.23 -28.22 -16.82
CA ARG L 125 18.66 -29.39 -17.59
C ARG L 125 18.02 -29.47 -18.97
N ARG L 126 16.87 -28.84 -19.18
CA ARG L 126 16.27 -28.88 -20.51
C ARG L 126 16.94 -27.92 -21.49
N LEU L 127 17.80 -27.04 -21.00
CA LEU L 127 18.50 -26.12 -21.88
C LEU L 127 19.57 -26.86 -22.67
N ASP L 128 19.81 -26.37 -23.90
CA ASP L 128 20.80 -26.98 -24.80
C ASP L 128 22.17 -26.35 -24.57
N ILE L 129 22.83 -26.80 -23.52
CA ILE L 129 24.18 -26.36 -23.18
C ILE L 129 24.97 -27.56 -22.65
N VAL L 130 26.27 -27.38 -22.54
CA VAL L 130 27.13 -28.43 -21.97
C VAL L 130 26.82 -28.58 -20.49
N ARG L 131 27.05 -29.78 -19.96
CA ARG L 131 26.68 -30.08 -18.58
C ARG L 131 27.40 -29.18 -17.59
N SER L 132 28.62 -28.74 -17.91
CA SER L 132 29.33 -27.81 -17.03
C SER L 132 28.52 -26.55 -16.81
N LEU L 133 27.90 -26.02 -17.87
CA LEU L 133 27.11 -24.80 -17.73
C LEU L 133 25.83 -25.05 -16.94
N TYR L 134 25.24 -26.23 -17.08
CA TYR L 134 24.08 -26.58 -16.27
C TYR L 134 24.45 -26.64 -14.79
N GLU L 135 25.57 -27.29 -14.47
CA GLU L 135 26.04 -27.34 -13.09
C GLU L 135 26.36 -25.94 -12.56
N ASP L 136 26.91 -25.07 -13.41
CA ASP L 136 27.18 -23.70 -13.00
C ASP L 136 25.88 -22.97 -12.69
N LEU L 137 24.85 -23.20 -13.50
CA LEU L 137 23.54 -22.60 -13.23
C LEU L 137 22.96 -23.12 -11.92
N GLU L 138 23.07 -24.44 -11.69
CA GLU L 138 22.50 -25.03 -10.48
C GLU L 138 23.21 -24.56 -9.22
N ASP L 139 24.48 -24.20 -9.33
CA ASP L 139 25.25 -23.66 -8.21
C ASP L 139 24.85 -22.23 -7.91
N HIS L 140 23.96 -22.07 -6.99
CA HIS L 140 23.55 -20.71 -6.67
C HIS L 140 24.46 -20.09 -5.61
N PRO L 141 24.63 -18.76 -5.65
CA PRO L 141 25.55 -18.15 -4.70
C PRO L 141 25.15 -18.43 -3.27
N ASN L 142 26.11 -18.76 -2.41
CA ASN L 142 25.82 -19.10 -1.04
C ASN L 142 26.82 -18.44 -0.13
N VAL L 143 26.33 -17.68 0.83
CA VAL L 143 27.23 -16.98 1.72
C VAL L 143 28.14 -17.96 2.37
N GLN L 144 27.62 -19.06 2.89
CA GLN L 144 28.50 -19.96 3.62
C GLN L 144 29.59 -20.52 2.71
N LYS L 145 29.25 -20.90 1.48
CA LYS L 145 30.26 -21.42 0.57
C LYS L 145 31.31 -20.36 0.27
N ASP L 146 30.87 -19.12 0.07
CA ASP L 146 31.82 -18.03 -0.17
C ASP L 146 32.68 -17.77 1.05
N LEU L 147 32.11 -17.89 2.25
CA LEU L 147 32.90 -17.73 3.47
C LEU L 147 33.94 -18.84 3.59
N GLU L 148 33.57 -20.08 3.23
CA GLU L 148 34.54 -21.17 3.23
C GLU L 148 35.67 -20.88 2.25
N ARG L 149 35.32 -20.32 1.09
CA ARG L 149 36.34 -19.95 0.10
C ARG L 149 37.26 -18.87 0.66
N LEU L 150 36.70 -17.87 1.34
CA LEU L 150 37.51 -16.82 1.95
C LEU L 150 38.43 -17.34 3.04
N THR L 151 38.14 -18.52 3.59
CA THR L 151 39.00 -19.11 4.60
C THR L 151 39.96 -20.11 3.97
#